data_7L18
#
_entry.id   7L18
#
_cell.length_a   103.058
_cell.length_b   114.821
_cell.length_c   120.285
_cell.angle_alpha   90.000
_cell.angle_beta   90.000
_cell.angle_gamma   90.000
#
_symmetry.space_group_name_H-M   'P 21 21 21'
#
loop_
_entity.id
_entity.type
_entity.pdbx_description
1 polymer 'NADPH--cytochrome P450 reductase'
2 non-polymer 'FLAVIN MONONUCLEOTIDE'
3 non-polymer 'FLAVIN-ADENINE DINUCLEOTIDE'
4 non-polymer 'NADP NICOTINAMIDE-ADENINE-DINUCLEOTIDE PHOSPHATE'
5 water water
#
_entity_poly.entity_id   1
_entity_poly.type   'polypeptide(L)'
_entity_poly.pdbx_seq_one_letter_code
;IQTTAPPVKESSFVEKMKKTGRNIIVFYGSQTGTAEEFANRLSKDAHRYGMRGMSADPEEYDLADLSSLPEIDKSLVVFC
MATYGEGDPTDNAQDFYDWLQETDVDLTGVKFAVFGLGNKTYEHFNAMGKYVDQRLEQLGAQRIFELGLGDDDGNLEEDF
ITWREQFWPAVCEFFGVEATGEESSIRQYELVVHEDMDVAKVYTGEMGRLKSYENQKPPFDAKNPFLAAVTANRKLNQGT
ERHLMHLELDISDSKIRYESGDHVAVYPANDSALVNQIGEILGADLDVIMSLNNLDEESNKKHPFPCPTTYRTALTYYLD
ITNPPRTNVLYELAQYASEPSEQEHLHKMASSSGEGKELYLSWVVEARRHILAILQDYPSLRPPIDHLCELLPRLQARYY
SIASSSKVHPNSVHICAVAVEYEAKSGRVNKGVATSWLRAKEPAGENGGRALVPMFVRKSQFRLPFKSTTPVIMVGPGTG
IAPFMGFIQERAWLREQGKEVGETLLYYGCRRSDEDYLYREELARFHKDGALTQLNVAFSREQAHKVYVQHLLKRDREHL
WKLIHEGGAHIYVCGDARNMAKDVQNTFYDIVAEFGPMEHTQAVDYVKKLMTKGRYSLWS
;
_entity_poly.pdbx_strand_id   AAA,BBB
#
loop_
_chem_comp.id
_chem_comp.type
_chem_comp.name
_chem_comp.formula
FAD non-polymer 'FLAVIN-ADENINE DINUCLEOTIDE' 'C27 H33 N9 O15 P2'
FMN non-polymer 'FLAVIN MONONUCLEOTIDE' 'C17 H21 N4 O9 P'
NAP non-polymer 'NADP NICOTINAMIDE-ADENINE-DINUCLEOTIDE PHOSPHATE' 'C21 H28 N7 O17 P3'
#
# COMPACT_ATOMS: atom_id res chain seq x y z
N PRO A 7 6.35 1.26 -46.09
CA PRO A 7 6.20 2.23 -45.02
C PRO A 7 6.20 3.65 -45.60
N VAL A 8 5.08 4.11 -46.14
CA VAL A 8 4.98 5.35 -46.98
C VAL A 8 4.67 6.57 -46.10
N LYS A 9 5.60 7.54 -46.05
CA LYS A 9 5.52 8.75 -45.20
C LYS A 9 4.41 9.68 -45.70
N GLU A 10 3.82 10.43 -44.77
CA GLU A 10 2.92 11.58 -45.10
C GLU A 10 3.76 12.65 -45.80
N SER A 11 3.10 13.56 -46.52
CA SER A 11 3.73 14.77 -47.08
C SER A 11 4.27 15.64 -45.94
N SER A 12 5.14 16.61 -46.28
CA SER A 12 5.88 17.50 -45.33
C SER A 12 4.95 17.97 -44.20
N PHE A 13 5.40 17.84 -42.95
CA PHE A 13 4.65 18.30 -41.75
C PHE A 13 4.74 19.82 -41.65
N VAL A 14 5.80 20.43 -42.16
CA VAL A 14 5.93 21.91 -42.15
C VAL A 14 4.82 22.48 -43.05
N GLU A 15 4.63 21.89 -44.23
CA GLU A 15 3.54 22.27 -45.19
C GLU A 15 2.18 22.06 -44.51
N LYS A 16 1.93 20.87 -43.97
CA LYS A 16 0.67 20.57 -43.23
C LYS A 16 0.42 21.73 -42.27
N MET A 17 1.41 22.08 -41.44
CA MET A 17 1.19 23.05 -40.35
C MET A 17 1.14 24.46 -40.94
N LYS A 18 1.85 24.71 -42.05
CA LYS A 18 1.75 25.98 -42.82
C LYS A 18 0.30 26.18 -43.31
N LYS A 19 -0.31 25.16 -43.91
CA LYS A 19 -1.70 25.13 -44.47
C LYS A 19 -2.76 25.29 -43.36
N THR A 20 -2.51 24.65 -42.21
CA THR A 20 -3.46 24.55 -41.08
C THR A 20 -3.26 25.72 -40.11
N GLY A 21 -2.23 26.54 -40.30
CA GLY A 21 -1.95 27.68 -39.41
C GLY A 21 -1.52 27.23 -38.03
N ARG A 22 -0.56 26.31 -37.94
CA ARG A 22 0.04 25.82 -36.67
C ARG A 22 1.49 26.29 -36.60
N ASN A 23 1.92 26.77 -35.45
CA ASN A 23 3.35 27.16 -35.26
C ASN A 23 4.08 26.17 -34.34
N ILE A 24 3.38 25.31 -33.61
CA ILE A 24 4.05 24.30 -32.73
C ILE A 24 3.66 22.88 -33.17
N ILE A 25 4.65 22.02 -33.38
CA ILE A 25 4.41 20.56 -33.60
C ILE A 25 5.08 19.80 -32.46
N VAL A 26 4.36 18.82 -31.91
CA VAL A 26 4.81 17.96 -30.77
C VAL A 26 4.84 16.51 -31.23
N PHE A 27 6.03 15.92 -31.28
CA PHE A 27 6.27 14.54 -31.77
C PHE A 27 6.35 13.59 -30.59
N TYR A 28 5.70 12.43 -30.69
CA TYR A 28 5.71 11.41 -29.59
C TYR A 28 6.46 10.15 -30.03
N GLY A 29 7.49 9.81 -29.25
CA GLY A 29 8.11 8.48 -29.17
C GLY A 29 7.45 7.70 -28.05
N SER A 30 6.50 6.83 -28.37
CA SER A 30 5.57 6.11 -27.44
C SER A 30 5.42 4.63 -27.84
N GLN A 31 5.74 3.73 -26.91
CA GLN A 31 5.42 2.27 -27.02
C GLN A 31 4.00 2.06 -26.50
N THR A 32 3.68 2.55 -25.30
CA THR A 32 2.40 2.23 -24.61
C THR A 32 1.53 3.48 -24.42
N GLY A 33 1.84 4.57 -25.12
CA GLY A 33 0.89 5.69 -25.32
C GLY A 33 1.00 6.78 -24.27
N THR A 34 1.96 6.72 -23.33
CA THR A 34 2.12 7.80 -22.31
C THR A 34 2.70 9.07 -22.97
N ALA A 35 3.79 8.96 -23.73
CA ALA A 35 4.39 10.10 -24.45
C ALA A 35 3.37 10.68 -25.45
N GLU A 36 2.57 9.81 -26.08
CA GLU A 36 1.48 10.23 -27.01
C GLU A 36 0.47 11.10 -26.24
N GLU A 37 0.04 10.68 -25.04
CA GLU A 37 -0.90 11.47 -24.20
C GLU A 37 -0.25 12.81 -23.86
N PHE A 38 0.98 12.81 -23.36
CA PHE A 38 1.72 14.07 -23.05
C PHE A 38 1.71 15.02 -24.25
N ALA A 39 1.93 14.49 -25.47
CA ALA A 39 2.10 15.29 -26.70
C ALA A 39 0.77 15.96 -27.08
N ASN A 40 -0.33 15.21 -27.05
CA ASN A 40 -1.68 15.74 -27.39
C ASN A 40 -2.04 16.83 -26.38
N ARG A 41 -1.62 16.69 -25.12
CA ARG A 41 -1.90 17.68 -24.05
C ARG A 41 -1.12 18.98 -24.31
N LEU A 42 0.16 18.88 -24.66
CA LEU A 42 0.99 20.07 -25.01
C LEU A 42 0.40 20.74 -26.26
N SER A 43 0.03 19.96 -27.29
CA SER A 43 -0.57 20.47 -28.54
C SER A 43 -1.80 21.34 -28.19
N LYS A 44 -2.77 20.76 -27.49
CA LYS A 44 -4.00 21.47 -27.02
C LYS A 44 -3.61 22.71 -26.21
N ASP A 45 -2.60 22.58 -25.33
CA ASP A 45 -2.11 23.67 -24.44
C ASP A 45 -1.81 24.91 -25.28
N ALA A 46 -1.35 24.73 -26.53
CA ALA A 46 -0.88 25.83 -27.41
C ALA A 46 -1.94 26.92 -27.44
N HIS A 47 -3.20 26.54 -27.70
CA HIS A 47 -4.37 27.42 -27.92
C HIS A 47 -4.53 28.44 -26.78
N ARG A 48 -4.21 28.05 -25.54
CA ARG A 48 -4.34 28.88 -24.31
C ARG A 48 -3.23 29.93 -24.21
N TYR A 49 -2.36 30.04 -25.22
CA TYR A 49 -1.20 30.97 -25.26
C TYR A 49 -1.06 31.61 -26.65
N GLY A 50 -2.18 31.75 -27.37
CA GLY A 50 -2.21 32.45 -28.68
C GLY A 50 -1.36 31.75 -29.72
N MET A 51 -1.24 30.42 -29.64
CA MET A 51 -0.49 29.58 -30.60
C MET A 51 -1.41 28.43 -31.04
N ARG A 52 -0.99 27.69 -32.08
CA ARG A 52 -1.79 26.60 -32.67
C ARG A 52 -0.88 25.39 -32.81
N GLY A 53 -1.25 24.28 -32.17
CA GLY A 53 -0.41 23.07 -32.07
C GLY A 53 -1.04 21.89 -32.77
N MET A 54 -0.19 20.98 -33.25
CA MET A 54 -0.58 19.61 -33.68
C MET A 54 0.41 18.65 -33.03
N SER A 55 0.01 17.40 -32.83
CA SER A 55 0.87 16.29 -32.37
C SER A 55 1.03 15.30 -33.52
N ALA A 56 2.18 14.66 -33.65
CA ALA A 56 2.50 13.82 -34.82
C ALA A 56 3.29 12.59 -34.38
N ASP A 57 3.10 11.48 -35.11
CA ASP A 57 3.86 10.22 -34.95
C ASP A 57 5.06 10.30 -35.87
N PRO A 58 6.29 10.47 -35.34
CA PRO A 58 7.45 10.72 -36.19
C PRO A 58 7.72 9.63 -37.22
N GLU A 59 7.25 8.40 -36.98
CA GLU A 59 7.42 7.26 -37.94
C GLU A 59 6.76 7.64 -39.27
N GLU A 60 5.71 8.46 -39.21
CA GLU A 60 4.89 8.88 -40.38
C GLU A 60 5.53 10.03 -41.15
N TYR A 61 6.59 10.66 -40.66
CA TYR A 61 7.15 11.86 -41.33
C TYR A 61 8.65 11.69 -41.57
N ASP A 62 9.18 12.49 -42.50
CA ASP A 62 10.64 12.62 -42.72
C ASP A 62 11.12 13.85 -41.95
N LEU A 63 11.82 13.65 -40.83
CA LEU A 63 12.17 14.73 -39.87
C LEU A 63 13.18 15.72 -40.49
N ALA A 64 13.79 15.38 -41.61
CA ALA A 64 14.67 16.32 -42.35
C ALA A 64 13.90 17.61 -42.64
N ASP A 65 12.56 17.53 -42.74
CA ASP A 65 11.69 18.72 -42.95
C ASP A 65 11.75 19.65 -41.73
N LEU A 66 12.52 19.31 -40.69
CA LEU A 66 12.81 20.23 -39.55
C LEU A 66 13.53 21.47 -40.08
N SER A 67 14.46 21.30 -41.04
CA SER A 67 15.25 22.41 -41.64
C SER A 67 14.34 23.48 -42.24
N SER A 68 13.08 23.15 -42.53
CA SER A 68 12.06 24.04 -43.17
C SER A 68 11.21 24.75 -42.11
N LEU A 69 11.22 24.27 -40.87
CA LEU A 69 10.37 24.80 -39.77
C LEU A 69 10.65 26.30 -39.49
N PRO A 70 11.86 26.83 -39.73
CA PRO A 70 12.06 28.28 -39.60
C PRO A 70 11.30 29.13 -40.63
N GLU A 71 10.75 28.52 -41.68
CA GLU A 71 9.92 29.26 -42.67
C GLU A 71 8.63 29.73 -42.00
N ILE A 72 8.25 29.16 -40.85
CA ILE A 72 7.05 29.57 -40.07
C ILE A 72 7.49 30.48 -38.92
N ASP A 73 6.71 31.52 -38.70
CA ASP A 73 7.01 32.59 -37.71
C ASP A 73 6.82 32.02 -36.31
N LYS A 74 7.75 32.32 -35.41
CA LYS A 74 7.61 32.01 -33.97
C LYS A 74 7.25 30.53 -33.82
N SER A 75 7.96 29.68 -34.57
CA SER A 75 7.77 28.21 -34.61
C SER A 75 8.62 27.50 -33.54
N LEU A 76 8.20 26.31 -33.17
CA LEU A 76 8.76 25.55 -32.03
C LEU A 76 8.47 24.07 -32.29
N VAL A 77 9.41 23.19 -32.01
CA VAL A 77 9.12 21.72 -32.07
C VAL A 77 9.40 21.11 -30.70
N VAL A 78 8.48 20.28 -30.20
CA VAL A 78 8.68 19.56 -28.91
C VAL A 78 8.71 18.05 -29.18
N PHE A 79 9.67 17.36 -28.61
CA PHE A 79 9.74 15.88 -28.61
C PHE A 79 9.40 15.39 -27.20
N CYS A 80 8.31 14.62 -27.07
CA CYS A 80 8.04 13.77 -25.88
C CYS A 80 8.55 12.37 -26.21
N MET A 81 9.67 11.96 -25.62
CA MET A 81 10.43 10.75 -26.06
C MET A 81 10.55 9.76 -24.90
N ALA A 82 9.75 8.71 -24.94
CA ALA A 82 9.86 7.52 -24.05
C ALA A 82 11.15 6.75 -24.40
N THR A 83 11.76 6.16 -23.40
CA THR A 83 12.89 5.20 -23.56
C THR A 83 12.34 3.78 -23.30
N TYR A 84 12.64 2.87 -24.23
CA TYR A 84 12.18 1.45 -24.21
C TYR A 84 13.41 0.57 -24.40
N GLY A 85 13.29 -0.73 -24.12
CA GLY A 85 14.37 -1.73 -24.29
C GLY A 85 15.54 -1.45 -23.38
N GLU A 86 16.76 -1.57 -23.91
CA GLU A 86 18.02 -1.35 -23.11
C GLU A 86 18.57 0.02 -23.52
N GLY A 87 17.76 1.07 -23.32
CA GLY A 87 18.09 2.47 -23.67
C GLY A 87 17.95 2.78 -25.15
N ASP A 88 17.09 2.03 -25.84
CA ASP A 88 16.77 2.19 -27.30
C ASP A 88 15.63 3.19 -27.47
N PRO A 89 15.38 3.66 -28.71
CA PRO A 89 14.15 4.39 -29.01
C PRO A 89 12.95 3.44 -28.94
N THR A 90 11.76 4.00 -28.72
CA THR A 90 10.45 3.36 -28.97
C THR A 90 10.42 2.94 -30.43
N ASP A 91 9.61 1.95 -30.79
CA ASP A 91 9.62 1.33 -32.15
C ASP A 91 9.28 2.42 -33.17
N ASN A 92 8.35 3.31 -32.83
CA ASN A 92 7.88 4.42 -33.72
C ASN A 92 8.94 5.53 -33.82
N ALA A 93 9.95 5.54 -32.96
CA ALA A 93 10.98 6.60 -32.96
C ALA A 93 12.28 6.08 -33.61
N GLN A 94 12.31 4.82 -34.05
CA GLN A 94 13.53 4.13 -34.54
C GLN A 94 14.06 4.82 -35.81
N ASP A 95 13.19 5.20 -36.76
CA ASP A 95 13.58 5.89 -38.01
C ASP A 95 14.13 7.28 -37.68
N PHE A 96 13.52 7.99 -36.72
CA PHE A 96 13.99 9.31 -36.22
C PHE A 96 15.40 9.16 -35.64
N TYR A 97 15.56 8.22 -34.71
CA TYR A 97 16.85 7.88 -34.06
C TYR A 97 17.92 7.65 -35.13
N ASP A 98 17.63 6.79 -36.12
CA ASP A 98 18.64 6.36 -37.12
C ASP A 98 18.97 7.56 -38.02
N TRP A 99 18.02 8.47 -38.24
CA TRP A 99 18.22 9.72 -39.02
C TRP A 99 19.16 10.65 -38.24
N LEU A 100 18.83 10.92 -36.98
CA LEU A 100 19.65 11.77 -36.08
C LEU A 100 21.12 11.34 -36.13
N GLN A 101 21.39 10.04 -36.14
CA GLN A 101 22.79 9.49 -36.18
C GLN A 101 23.46 9.83 -37.51
N GLU A 102 22.77 9.62 -38.64
CA GLU A 102 23.35 9.66 -40.01
C GLU A 102 23.42 11.10 -40.54
N THR A 103 22.54 11.99 -40.09
CA THR A 103 22.33 13.31 -40.74
C THR A 103 23.38 14.32 -40.27
N ASP A 104 23.65 15.32 -41.12
CA ASP A 104 24.49 16.51 -40.79
C ASP A 104 23.76 17.75 -41.30
N VAL A 105 22.43 17.69 -41.35
CA VAL A 105 21.54 18.79 -41.81
C VAL A 105 21.76 20.01 -40.92
N ASP A 106 21.57 21.21 -41.47
CA ASP A 106 21.75 22.47 -40.73
C ASP A 106 20.40 22.92 -40.14
N LEU A 107 20.24 22.81 -38.80
CA LEU A 107 18.96 23.13 -38.10
C LEU A 107 18.97 24.58 -37.58
N THR A 108 19.86 25.41 -38.10
CA THR A 108 19.93 26.87 -37.83
C THR A 108 18.51 27.44 -37.87
N GLY A 109 18.08 28.08 -36.78
CA GLY A 109 16.82 28.85 -36.73
C GLY A 109 15.66 28.03 -36.23
N VAL A 110 15.90 26.74 -35.96
CA VAL A 110 14.91 25.81 -35.34
C VAL A 110 14.96 25.97 -33.82
N LYS A 111 13.81 26.21 -33.20
CA LYS A 111 13.65 26.28 -31.72
C LYS A 111 13.06 24.96 -31.27
N PHE A 112 13.54 24.38 -30.17
CA PHE A 112 13.11 23.02 -29.75
C PHE A 112 13.06 22.91 -28.22
N ALA A 113 12.44 21.85 -27.75
CA ALA A 113 12.45 21.45 -26.33
C ALA A 113 12.09 19.96 -26.25
N VAL A 114 12.60 19.26 -25.23
CA VAL A 114 12.39 17.80 -25.10
C VAL A 114 11.91 17.47 -23.69
N PHE A 115 10.83 16.68 -23.61
CA PHE A 115 10.41 15.98 -22.37
C PHE A 115 10.65 14.47 -22.53
N GLY A 116 11.69 13.97 -21.87
CA GLY A 116 11.99 12.52 -21.80
C GLY A 116 11.07 11.81 -20.82
N LEU A 117 10.56 10.65 -21.21
CA LEU A 117 9.85 9.68 -20.33
C LEU A 117 10.79 8.50 -20.08
N GLY A 118 11.14 8.25 -18.83
CA GLY A 118 12.08 7.18 -18.49
C GLY A 118 11.75 6.57 -17.16
N ASN A 119 12.70 5.77 -16.62
CA ASN A 119 12.56 5.13 -15.28
C ASN A 119 13.95 4.91 -14.67
N LYS A 120 14.19 5.45 -13.47
CA LYS A 120 15.54 5.46 -12.82
C LYS A 120 16.03 4.02 -12.57
N THR A 121 15.11 3.08 -12.34
CA THR A 121 15.43 1.65 -12.02
C THR A 121 16.19 1.04 -13.20
N TYR A 122 16.00 1.56 -14.42
CA TYR A 122 16.65 1.09 -15.67
C TYR A 122 18.04 1.71 -15.82
N GLU A 123 18.97 0.89 -16.32
CA GLU A 123 20.39 1.25 -16.48
C GLU A 123 20.51 2.58 -17.24
N HIS A 124 19.80 2.71 -18.36
CA HIS A 124 19.90 3.85 -19.31
C HIS A 124 18.70 4.81 -19.11
N PHE A 125 18.73 5.58 -18.03
CA PHE A 125 17.64 6.50 -17.61
C PHE A 125 17.46 7.60 -18.67
N ASN A 126 16.33 7.59 -19.38
CA ASN A 126 15.96 8.59 -20.43
C ASN A 126 17.08 8.73 -21.47
N ALA A 127 17.73 7.63 -21.85
CA ALA A 127 18.76 7.62 -22.92
C ALA A 127 18.23 8.40 -24.13
N MET A 128 16.94 8.19 -24.46
CA MET A 128 16.36 8.71 -25.72
C MET A 128 16.06 10.20 -25.60
N GLY A 129 15.44 10.62 -24.49
CA GLY A 129 15.25 12.04 -24.19
C GLY A 129 16.54 12.81 -24.41
N LYS A 130 17.61 12.40 -23.71
CA LYS A 130 18.93 13.11 -23.61
C LYS A 130 19.61 13.17 -24.97
N TYR A 131 19.58 12.06 -25.69
CA TYR A 131 20.18 11.94 -27.05
C TYR A 131 19.56 13.01 -27.95
N VAL A 132 18.23 12.99 -28.10
CA VAL A 132 17.49 13.89 -29.03
C VAL A 132 17.83 15.34 -28.69
N ASP A 133 17.84 15.63 -27.39
CA ASP A 133 18.09 16.96 -26.80
C ASP A 133 19.49 17.42 -27.23
N GLN A 134 20.47 16.51 -27.12
CA GLN A 134 21.89 16.77 -27.47
C GLN A 134 22.05 16.92 -28.99
N ARG A 135 21.45 16.06 -29.81
CA ARG A 135 21.68 16.06 -31.29
C ARG A 135 21.17 17.37 -31.90
N LEU A 136 19.93 17.76 -31.62
CA LEU A 136 19.31 18.99 -32.19
C LEU A 136 20.29 20.15 -31.97
N GLU A 137 20.89 20.25 -30.78
CA GLU A 137 21.91 21.29 -30.49
C GLU A 137 23.10 21.13 -31.43
N GLN A 138 23.75 19.96 -31.42
CA GLN A 138 24.93 19.61 -32.26
C GLN A 138 24.66 19.96 -33.72
N LEU A 139 23.40 19.85 -34.17
CA LEU A 139 22.97 20.09 -35.58
C LEU A 139 22.67 21.58 -35.80
N GLY A 140 22.68 22.38 -34.73
CA GLY A 140 22.59 23.86 -34.78
C GLY A 140 21.21 24.38 -34.43
N ALA A 141 20.36 23.58 -33.78
CA ALA A 141 19.04 24.03 -33.29
C ALA A 141 19.20 24.70 -31.91
N GLN A 142 18.30 25.64 -31.58
CA GLN A 142 18.31 26.38 -30.29
C GLN A 142 17.29 25.76 -29.30
N ARG A 143 17.79 25.21 -28.20
CA ARG A 143 16.95 24.76 -27.08
C ARG A 143 16.26 25.97 -26.46
N ILE A 144 14.92 25.95 -26.40
CA ILE A 144 14.09 27.08 -25.87
C ILE A 144 13.73 26.81 -24.40
N PHE A 145 14.02 25.60 -23.91
CA PHE A 145 13.70 25.19 -22.52
C PHE A 145 14.41 23.88 -22.16
N GLU A 146 14.74 23.73 -20.88
CA GLU A 146 15.62 22.64 -20.39
C GLU A 146 14.98 21.27 -20.74
N LEU A 147 15.83 20.26 -20.98
CA LEU A 147 15.40 18.85 -21.14
C LEU A 147 14.67 18.44 -19.88
N GLY A 148 13.48 17.86 -19.99
CA GLY A 148 12.73 17.30 -18.85
C GLY A 148 13.02 15.81 -18.70
N LEU A 149 13.39 15.38 -17.49
CA LEU A 149 13.68 13.95 -17.18
C LEU A 149 12.52 13.37 -16.38
N GLY A 150 11.51 12.82 -17.06
CA GLY A 150 10.36 12.18 -16.40
C GLY A 150 10.73 10.80 -15.88
N ASP A 151 10.30 10.47 -14.66
CA ASP A 151 10.67 9.21 -13.95
C ASP A 151 9.41 8.45 -13.54
N ASP A 152 9.12 7.32 -14.20
CA ASP A 152 7.96 6.45 -13.85
C ASP A 152 8.20 5.79 -12.48
N ASP A 153 9.45 5.67 -12.04
CA ASP A 153 9.83 5.04 -10.75
C ASP A 153 9.23 5.87 -9.60
N GLY A 154 9.32 7.21 -9.70
CA GLY A 154 8.66 8.17 -8.80
C GLY A 154 7.21 8.37 -9.21
N ASN A 155 6.87 9.59 -9.65
CA ASN A 155 5.60 9.89 -10.35
C ASN A 155 5.87 10.72 -11.62
N LEU A 156 5.60 10.11 -12.80
CA LEU A 156 5.86 10.67 -14.14
C LEU A 156 4.87 11.80 -14.43
N GLU A 157 3.60 11.55 -14.14
CA GLU A 157 2.52 12.56 -14.27
C GLU A 157 3.01 13.84 -13.60
N GLU A 158 3.42 13.76 -12.33
CA GLU A 158 3.83 14.94 -11.53
C GLU A 158 5.09 15.57 -12.14
N ASP A 159 5.97 14.80 -12.80
CA ASP A 159 7.16 15.37 -13.48
C ASP A 159 6.72 16.16 -14.71
N PHE A 160 5.66 15.70 -15.38
CA PHE A 160 5.09 16.36 -16.58
C PHE A 160 4.41 17.66 -16.16
N ILE A 161 3.64 17.62 -15.08
CA ILE A 161 2.96 18.83 -14.49
C ILE A 161 4.03 19.90 -14.24
N THR A 162 5.09 19.53 -13.53
CA THR A 162 6.15 20.47 -13.08
C THR A 162 6.81 21.12 -14.30
N TRP A 163 7.15 20.31 -15.31
CA TRP A 163 7.92 20.75 -16.49
C TRP A 163 7.03 21.66 -17.35
N ARG A 164 5.78 21.25 -17.57
CA ARG A 164 4.82 21.96 -18.45
C ARG A 164 4.51 23.33 -17.86
N GLU A 165 4.37 23.40 -16.54
CA GLU A 165 3.99 24.62 -15.80
C GLU A 165 5.06 25.69 -15.99
N GLN A 166 6.33 25.31 -16.07
CA GLN A 166 7.47 26.23 -16.31
C GLN A 166 7.68 26.46 -17.81
N PHE A 167 7.35 25.45 -18.63
CA PHE A 167 7.65 25.40 -20.08
C PHE A 167 6.96 26.56 -20.80
N TRP A 168 5.66 26.69 -20.56
CA TRP A 168 4.79 27.65 -21.30
C TRP A 168 5.19 29.08 -20.98
N PRO A 169 5.34 29.50 -19.69
CA PRO A 169 5.80 30.85 -19.38
C PRO A 169 7.06 31.25 -20.15
N ALA A 170 8.07 30.37 -20.21
CA ALA A 170 9.34 30.59 -20.94
C ALA A 170 9.10 30.75 -22.45
N VAL A 171 8.22 29.92 -23.02
CA VAL A 171 7.79 30.00 -24.44
C VAL A 171 7.16 31.38 -24.69
N CYS A 172 6.17 31.73 -23.86
CA CYS A 172 5.48 33.05 -23.83
C CYS A 172 6.50 34.18 -23.70
N GLU A 173 7.47 34.01 -22.80
CA GLU A 173 8.51 35.01 -22.48
C GLU A 173 9.35 35.18 -23.75
N PHE A 174 9.85 34.09 -24.32
CA PHE A 174 10.77 34.12 -25.48
C PHE A 174 10.06 34.79 -26.67
N PHE A 175 8.88 34.29 -27.06
CA PHE A 175 8.17 34.67 -28.31
C PHE A 175 7.38 35.98 -28.13
N GLY A 176 7.28 36.48 -26.91
CA GLY A 176 6.52 37.72 -26.60
C GLY A 176 5.03 37.54 -26.82
N VAL A 177 4.47 36.42 -26.36
CA VAL A 177 3.00 36.12 -26.41
C VAL A 177 2.48 36.04 -24.98
N GLU A 178 1.15 36.02 -24.79
CA GLU A 178 0.49 36.20 -23.47
C GLU A 178 -0.60 35.14 -23.25
N ALA A 179 -0.59 34.48 -22.07
CA ALA A 179 -1.63 33.55 -21.58
C ALA A 179 -2.98 34.29 -21.48
N THR A 180 -4.08 33.60 -21.81
CA THR A 180 -5.46 34.16 -21.96
C THR A 180 -6.42 33.61 -20.88
N SER A 184 -11.43 27.19 -19.68
CA SER A 184 -12.66 26.99 -20.49
C SER A 184 -12.57 25.69 -21.31
N SER A 185 -13.34 24.67 -20.92
CA SER A 185 -13.35 23.30 -21.51
C SER A 185 -13.62 23.35 -23.02
N ILE A 186 -12.59 23.04 -23.83
CA ILE A 186 -12.67 22.78 -25.30
C ILE A 186 -12.72 21.26 -25.54
N ARG A 187 -13.69 20.81 -26.34
CA ARG A 187 -13.81 19.40 -26.78
C ARG A 187 -13.10 19.22 -28.11
N GLN A 188 -12.41 18.07 -28.26
CA GLN A 188 -11.69 17.73 -29.50
C GLN A 188 -12.65 17.10 -30.53
N TYR A 189 -13.68 16.37 -30.08
CA TYR A 189 -14.58 15.58 -30.96
C TYR A 189 -16.03 15.98 -30.72
N GLU A 190 -16.89 15.71 -31.71
CA GLU A 190 -18.35 15.97 -31.64
C GLU A 190 -19.09 14.61 -31.68
N LEU A 191 -20.12 14.49 -30.85
CA LEU A 191 -20.98 13.28 -30.78
C LEU A 191 -21.92 13.27 -31.99
N VAL A 192 -22.01 12.13 -32.66
CA VAL A 192 -23.04 11.86 -33.70
C VAL A 192 -23.69 10.52 -33.36
N VAL A 193 -25.00 10.52 -33.03
CA VAL A 193 -25.77 9.29 -32.74
C VAL A 193 -26.32 8.74 -34.05
N HIS A 194 -26.16 7.44 -34.28
CA HIS A 194 -26.65 6.68 -35.47
C HIS A 194 -27.87 5.84 -35.06
N GLU A 195 -29.07 6.25 -35.47
CA GLU A 195 -30.36 5.52 -35.21
C GLU A 195 -30.52 4.39 -36.24
N ASP A 196 -30.24 4.69 -37.52
CA ASP A 196 -30.59 3.83 -38.69
C ASP A 196 -29.29 3.28 -39.30
N MET A 197 -28.41 2.72 -38.47
CA MET A 197 -27.10 2.20 -38.95
C MET A 197 -27.20 0.68 -39.16
N ASP A 198 -26.66 0.20 -40.28
CA ASP A 198 -26.62 -1.24 -40.66
C ASP A 198 -25.59 -1.95 -39.77
N VAL A 199 -25.94 -3.11 -39.23
CA VAL A 199 -25.14 -3.90 -38.25
C VAL A 199 -23.73 -4.12 -38.81
N ALA A 200 -23.61 -4.15 -40.14
CA ALA A 200 -22.39 -4.58 -40.85
C ALA A 200 -21.38 -3.44 -41.00
N LYS A 201 -21.69 -2.22 -40.56
CA LYS A 201 -20.72 -1.10 -40.65
C LYS A 201 -20.47 -0.51 -39.24
N VAL A 202 -20.77 -1.27 -38.19
CA VAL A 202 -20.49 -0.91 -36.76
C VAL A 202 -19.33 -1.78 -36.24
N TYR A 203 -18.21 -1.14 -35.85
CA TYR A 203 -17.04 -1.78 -35.20
C TYR A 203 -17.45 -2.44 -33.87
N THR A 204 -16.89 -3.63 -33.63
CA THR A 204 -17.28 -4.57 -32.54
C THR A 204 -16.04 -5.00 -31.74
N GLY A 205 -14.95 -4.24 -31.85
CA GLY A 205 -13.69 -4.44 -31.11
C GLY A 205 -12.52 -4.76 -32.03
N GLU A 206 -12.71 -4.71 -33.34
CA GLU A 206 -11.59 -4.83 -34.32
C GLU A 206 -10.72 -3.60 -34.09
N MET A 207 -9.42 -3.71 -34.35
CA MET A 207 -8.45 -2.60 -34.11
C MET A 207 -8.21 -1.82 -35.41
N GLY A 208 -8.29 -2.47 -36.57
CA GLY A 208 -7.88 -1.82 -37.83
C GLY A 208 -9.03 -1.60 -38.78
N ARG A 209 -8.94 -2.22 -39.95
CA ARG A 209 -10.02 -2.34 -40.96
C ARG A 209 -11.27 -2.84 -40.24
N LEU A 210 -12.42 -2.36 -40.66
CA LEU A 210 -13.75 -2.90 -40.31
C LEU A 210 -13.78 -4.39 -40.70
N LYS A 211 -14.12 -5.25 -39.73
CA LYS A 211 -14.28 -6.73 -39.87
C LYS A 211 -12.93 -7.42 -40.10
N SER A 212 -11.81 -6.86 -39.61
CA SER A 212 -10.48 -7.52 -39.60
C SER A 212 -10.54 -8.79 -38.74
N TYR A 213 -11.41 -8.81 -37.72
CA TYR A 213 -11.46 -9.89 -36.71
C TYR A 213 -12.18 -11.08 -37.34
N GLU A 214 -13.44 -10.89 -37.74
CA GLU A 214 -14.29 -11.98 -38.30
C GLU A 214 -13.71 -12.41 -39.65
N ASN A 215 -13.01 -11.50 -40.34
CA ASN A 215 -12.54 -11.64 -41.74
C ASN A 215 -11.01 -11.58 -41.76
N GLN A 216 -10.34 -12.67 -41.38
CA GLN A 216 -8.86 -12.67 -41.15
C GLN A 216 -8.14 -12.82 -42.50
N LYS A 217 -7.15 -11.96 -42.75
CA LYS A 217 -6.36 -11.94 -44.00
C LYS A 217 -4.98 -11.41 -43.68
N PRO A 218 -3.89 -12.14 -43.98
CA PRO A 218 -2.54 -11.67 -43.67
C PRO A 218 -2.22 -10.38 -44.43
N PRO A 219 -1.11 -9.66 -44.12
CA PRO A 219 -0.21 -9.99 -43.01
C PRO A 219 -0.67 -9.44 -41.66
N PHE A 220 -0.30 -10.11 -40.57
CA PHE A 220 -0.77 -9.81 -39.19
C PHE A 220 0.29 -8.96 -38.51
N ASP A 221 -0.15 -7.97 -37.72
CA ASP A 221 0.70 -6.97 -37.02
C ASP A 221 -0.18 -6.14 -36.08
N ALA A 222 0.37 -5.10 -35.46
CA ALA A 222 -0.32 -4.28 -34.43
C ALA A 222 -1.69 -3.81 -34.94
N LYS A 223 -1.78 -3.39 -36.21
CA LYS A 223 -2.98 -2.75 -36.81
C LYS A 223 -3.96 -3.83 -37.28
N ASN A 224 -3.46 -5.04 -37.48
CA ASN A 224 -4.27 -6.21 -37.92
C ASN A 224 -3.83 -7.44 -37.13
N PRO A 225 -4.31 -7.61 -35.87
CA PRO A 225 -3.86 -8.75 -35.05
C PRO A 225 -4.52 -10.04 -35.54
N PHE A 226 -3.76 -11.14 -35.48
CA PHE A 226 -4.27 -12.50 -35.79
C PHE A 226 -5.05 -13.01 -34.58
N LEU A 227 -6.24 -13.57 -34.80
CA LEU A 227 -7.07 -14.21 -33.73
C LEU A 227 -6.65 -15.68 -33.54
N ALA A 228 -5.65 -15.87 -32.68
CA ALA A 228 -5.06 -17.18 -32.32
C ALA A 228 -5.98 -17.92 -31.34
N ALA A 229 -6.27 -19.19 -31.65
CA ALA A 229 -7.16 -20.07 -30.85
C ALA A 229 -6.38 -20.56 -29.63
N VAL A 230 -7.04 -20.61 -28.48
CA VAL A 230 -6.40 -21.12 -27.23
C VAL A 230 -6.47 -22.66 -27.26
N THR A 231 -5.40 -23.28 -27.74
CA THR A 231 -5.11 -24.74 -27.62
C THR A 231 -5.19 -25.14 -26.15
N ALA A 232 -4.38 -24.49 -25.31
CA ALA A 232 -4.06 -24.93 -23.93
C ALA A 232 -4.13 -23.75 -22.97
N ASN A 233 -4.49 -24.05 -21.72
CA ASN A 233 -4.51 -23.07 -20.62
C ASN A 233 -4.64 -23.81 -19.29
N ARG A 234 -3.52 -24.06 -18.63
CA ARG A 234 -3.48 -24.85 -17.37
C ARG A 234 -2.77 -24.06 -16.27
N LYS A 235 -3.16 -24.33 -15.02
CA LYS A 235 -2.47 -23.88 -13.78
C LYS A 235 -1.07 -24.50 -13.73
N LEU A 236 -0.04 -23.66 -13.56
CA LEU A 236 1.38 -24.08 -13.46
C LEU A 236 1.73 -24.31 -12.00
N ASN A 237 1.29 -23.41 -11.12
CA ASN A 237 1.71 -23.37 -9.70
C ASN A 237 0.86 -24.40 -8.95
N GLN A 238 1.44 -24.98 -7.91
CA GLN A 238 0.93 -26.20 -7.23
C GLN A 238 0.00 -25.76 -6.10
N GLY A 239 0.38 -24.71 -5.37
CA GLY A 239 -0.41 -24.07 -4.30
C GLY A 239 -1.50 -23.16 -4.84
N THR A 240 -2.23 -22.46 -3.94
CA THR A 240 -3.42 -21.64 -4.28
C THR A 240 -3.17 -20.17 -3.90
N GLU A 241 -1.93 -19.88 -3.49
CA GLU A 241 -1.46 -18.58 -2.96
C GLU A 241 -1.62 -17.49 -4.03
N ARG A 242 -1.20 -17.80 -5.27
CA ARG A 242 -1.39 -16.98 -6.52
C ARG A 242 -1.91 -17.88 -7.65
N HIS A 243 -2.08 -17.33 -8.86
CA HIS A 243 -2.44 -18.10 -10.08
C HIS A 243 -1.44 -17.79 -11.20
N LEU A 244 -0.52 -18.71 -11.47
CA LEU A 244 0.42 -18.64 -12.61
C LEU A 244 -0.08 -19.61 -13.68
N MET A 245 -0.07 -19.21 -14.95
CA MET A 245 -0.84 -19.86 -16.03
C MET A 245 0.06 -20.03 -17.27
N HIS A 246 -0.04 -21.19 -17.90
CA HIS A 246 0.62 -21.55 -19.17
C HIS A 246 -0.46 -21.59 -20.26
N LEU A 247 -0.27 -20.83 -21.33
CA LEU A 247 -1.20 -20.76 -22.46
C LEU A 247 -0.43 -21.10 -23.73
N GLU A 248 -1.10 -21.82 -24.64
CA GLU A 248 -0.59 -22.08 -26.00
C GLU A 248 -1.61 -21.50 -26.99
N LEU A 249 -1.17 -20.54 -27.80
CA LEU A 249 -1.94 -19.87 -28.87
C LEU A 249 -1.57 -20.50 -30.22
N ASP A 250 -2.58 -20.81 -31.04
CA ASP A 250 -2.38 -21.49 -32.34
C ASP A 250 -2.24 -20.41 -33.41
N ILE A 251 -1.11 -20.38 -34.09
CA ILE A 251 -0.82 -19.40 -35.15
C ILE A 251 -0.70 -20.15 -36.49
N SER A 252 -1.22 -21.38 -36.53
CA SER A 252 -1.51 -22.17 -37.75
C SER A 252 -2.19 -21.23 -38.76
N ASP A 253 -1.61 -21.10 -39.96
CA ASP A 253 -2.19 -20.39 -41.14
C ASP A 253 -2.09 -18.86 -40.98
N SER A 254 -1.40 -18.35 -39.96
CA SER A 254 -1.20 -16.89 -39.77
C SER A 254 0.01 -16.40 -40.58
N LYS A 255 0.90 -17.30 -40.99
CA LYS A 255 2.18 -16.96 -41.66
C LYS A 255 3.04 -16.07 -40.74
N ILE A 256 2.91 -16.21 -39.42
CA ILE A 256 3.70 -15.43 -38.41
C ILE A 256 5.02 -16.15 -38.14
N ARG A 257 6.11 -15.40 -38.09
CA ARG A 257 7.46 -15.96 -37.81
C ARG A 257 7.95 -15.38 -36.49
N TYR A 258 8.48 -16.25 -35.64
CA TYR A 258 9.03 -15.87 -34.31
C TYR A 258 10.26 -16.72 -34.00
N GLU A 259 11.11 -16.19 -33.13
CA GLU A 259 12.25 -16.93 -32.54
C GLU A 259 12.08 -16.90 -31.02
N SER A 260 12.77 -17.76 -30.30
CA SER A 260 12.82 -17.74 -28.82
C SER A 260 13.47 -16.42 -28.40
N GLY A 261 12.86 -15.76 -27.43
CA GLY A 261 13.30 -14.42 -26.97
C GLY A 261 12.39 -13.32 -27.49
N ASP A 262 11.60 -13.61 -28.52
CA ASP A 262 10.61 -12.65 -29.08
C ASP A 262 9.46 -12.46 -28.09
N HIS A 263 8.66 -11.42 -28.33
CA HIS A 263 7.50 -11.00 -27.49
C HIS A 263 6.19 -11.31 -28.22
N VAL A 264 5.15 -11.68 -27.50
CA VAL A 264 3.78 -11.79 -28.06
C VAL A 264 2.92 -10.72 -27.39
N ALA A 265 2.30 -9.87 -28.19
CA ALA A 265 1.36 -8.83 -27.73
C ALA A 265 -0.06 -9.39 -27.90
N VAL A 266 -0.95 -9.08 -26.95
CA VAL A 266 -2.39 -9.46 -27.03
C VAL A 266 -3.23 -8.21 -26.80
N TYR A 267 -4.40 -8.15 -27.44
CA TYR A 267 -5.41 -7.10 -27.24
C TYR A 267 -6.55 -7.68 -26.41
N PRO A 268 -6.64 -7.31 -25.11
CA PRO A 268 -7.64 -7.92 -24.23
C PRO A 268 -8.98 -7.19 -24.24
N ALA A 269 -9.97 -7.74 -23.53
CA ALA A 269 -11.26 -7.11 -23.23
C ALA A 269 -11.32 -6.72 -21.75
N ASN A 270 -11.90 -5.57 -21.42
CA ASN A 270 -12.13 -5.17 -20.00
C ASN A 270 -13.22 -6.05 -19.40
N ASP A 271 -13.24 -6.16 -18.08
CA ASP A 271 -14.30 -6.87 -17.30
C ASP A 271 -15.69 -6.32 -17.66
N SER A 272 -16.58 -7.19 -18.11
CA SER A 272 -18.02 -6.91 -18.40
C SER A 272 -18.67 -6.13 -17.26
N ALA A 273 -18.57 -6.62 -16.02
CA ALA A 273 -19.26 -6.03 -14.85
C ALA A 273 -18.78 -4.59 -14.64
N LEU A 274 -17.49 -4.33 -14.86
CA LEU A 274 -16.94 -2.97 -14.66
C LEU A 274 -17.56 -2.03 -15.69
N VAL A 275 -17.64 -2.46 -16.95
CA VAL A 275 -18.22 -1.67 -18.08
C VAL A 275 -19.68 -1.29 -17.76
N ASN A 276 -20.49 -2.30 -17.39
CA ASN A 276 -21.95 -2.14 -17.11
C ASN A 276 -22.16 -1.19 -15.95
N GLN A 277 -21.32 -1.34 -14.91
CA GLN A 277 -21.36 -0.48 -13.70
C GLN A 277 -21.07 0.98 -14.10
N ILE A 278 -20.08 1.24 -14.94
CA ILE A 278 -19.79 2.64 -15.41
C ILE A 278 -21.05 3.18 -16.09
N GLY A 279 -21.68 2.35 -16.93
CA GLY A 279 -22.93 2.70 -17.66
C GLY A 279 -24.06 3.00 -16.71
N GLU A 280 -24.31 2.08 -15.78
CA GLU A 280 -25.40 2.18 -14.78
C GLU A 280 -25.21 3.48 -13.99
N ILE A 281 -24.02 3.77 -13.47
CA ILE A 281 -23.84 4.90 -12.52
C ILE A 281 -23.94 6.22 -13.27
N LEU A 282 -23.64 6.23 -14.56
CA LEU A 282 -23.75 7.44 -15.41
C LEU A 282 -25.15 7.53 -16.03
N GLY A 283 -26.05 6.59 -15.67
CA GLY A 283 -27.42 6.52 -16.19
C GLY A 283 -27.40 6.57 -17.70
N ALA A 284 -26.46 5.85 -18.31
CA ALA A 284 -26.24 5.85 -19.76
C ALA A 284 -26.73 4.54 -20.39
N ASP A 285 -27.19 4.66 -21.63
CA ASP A 285 -27.48 3.55 -22.56
C ASP A 285 -26.19 3.21 -23.32
N LEU A 286 -25.49 2.18 -22.88
CA LEU A 286 -24.16 1.80 -23.45
C LEU A 286 -24.34 1.16 -24.83
N ASP A 287 -25.58 0.77 -25.17
CA ASP A 287 -25.88 0.07 -26.44
C ASP A 287 -26.23 1.10 -27.53
N VAL A 288 -26.17 2.40 -27.23
CA VAL A 288 -26.28 3.46 -28.27
C VAL A 288 -25.13 3.26 -29.28
N ILE A 289 -25.42 3.46 -30.57
CA ILE A 289 -24.44 3.38 -31.68
C ILE A 289 -24.01 4.80 -32.03
N MET A 290 -22.71 5.11 -31.97
CA MET A 290 -22.24 6.50 -32.21
C MET A 290 -20.84 6.54 -32.84
N SER A 291 -20.48 7.77 -33.20
CA SER A 291 -19.14 8.19 -33.63
C SER A 291 -18.78 9.45 -32.83
N LEU A 292 -17.53 9.57 -32.41
CA LEU A 292 -16.92 10.86 -32.00
C LEU A 292 -15.98 11.27 -33.12
N ASN A 293 -16.31 12.34 -33.85
CA ASN A 293 -15.60 12.77 -35.07
C ASN A 293 -14.76 14.00 -34.77
N ASN A 294 -13.53 14.06 -35.29
CA ASN A 294 -12.62 15.19 -34.96
C ASN A 294 -13.26 16.49 -35.46
N LEU A 295 -13.26 17.54 -34.63
CA LEU A 295 -13.84 18.86 -34.96
C LEU A 295 -12.87 19.60 -35.89
N ASP A 296 -11.60 19.21 -35.87
CA ASP A 296 -10.57 19.69 -36.82
C ASP A 296 -10.62 18.75 -38.03
N GLU A 297 -11.23 19.20 -39.13
CA GLU A 297 -11.55 18.32 -40.30
C GLU A 297 -10.27 17.95 -41.06
N GLU A 298 -9.16 18.65 -40.77
CA GLU A 298 -7.83 18.47 -41.43
C GLU A 298 -7.09 17.26 -40.86
N SER A 299 -7.08 17.09 -39.53
CA SER A 299 -6.38 15.98 -38.81
C SER A 299 -6.77 14.65 -39.43
N ASN A 300 -5.83 13.71 -39.49
CA ASN A 300 -6.05 12.31 -39.99
C ASN A 300 -6.69 11.49 -38.87
N LYS A 301 -6.66 12.02 -37.64
CA LYS A 301 -7.28 11.38 -36.45
C LYS A 301 -8.79 11.67 -36.47
N LYS A 302 -9.52 10.89 -37.26
CA LYS A 302 -10.97 11.10 -37.55
C LYS A 302 -11.77 10.85 -36.27
N HIS A 303 -11.38 9.83 -35.52
CA HIS A 303 -12.01 9.43 -34.22
C HIS A 303 -10.94 9.18 -33.14
N PRO A 304 -11.31 9.26 -31.85
CA PRO A 304 -10.45 8.76 -30.78
C PRO A 304 -10.33 7.23 -30.73
N PHE A 305 -11.21 6.49 -31.42
CA PHE A 305 -11.15 5.01 -31.57
C PHE A 305 -12.09 4.55 -32.67
N PRO A 306 -11.95 3.30 -33.16
CA PRO A 306 -12.72 2.88 -34.33
C PRO A 306 -14.22 3.15 -34.16
N CYS A 307 -14.80 3.88 -35.13
CA CYS A 307 -16.20 4.39 -35.15
C CYS A 307 -16.80 4.16 -36.53
N PRO A 308 -18.13 3.97 -36.65
CA PRO A 308 -19.05 4.02 -35.52
C PRO A 308 -18.97 2.73 -34.70
N THR A 309 -19.50 2.78 -33.48
CA THR A 309 -19.43 1.70 -32.46
C THR A 309 -20.31 2.09 -31.27
N THR A 310 -20.47 1.19 -30.31
CA THR A 310 -21.28 1.45 -29.10
C THR A 310 -20.36 1.88 -27.96
N TYR A 311 -20.88 2.65 -27.01
CA TYR A 311 -20.17 2.97 -25.75
C TYR A 311 -19.68 1.68 -25.08
N ARG A 312 -20.55 0.67 -24.94
CA ARG A 312 -20.19 -0.65 -24.34
C ARG A 312 -18.91 -1.19 -25.00
N THR A 313 -18.87 -1.17 -26.35
CA THR A 313 -17.73 -1.67 -27.14
C THR A 313 -16.50 -0.83 -26.83
N ALA A 314 -16.63 0.49 -26.87
CA ALA A 314 -15.48 1.40 -26.67
C ALA A 314 -14.93 1.15 -25.27
N LEU A 315 -15.82 1.03 -24.28
CA LEU A 315 -15.46 0.75 -22.87
C LEU A 315 -14.88 -0.67 -22.72
N THR A 316 -15.22 -1.61 -23.61
CA THR A 316 -14.76 -3.02 -23.48
C THR A 316 -13.37 -3.20 -24.12
N TYR A 317 -13.16 -2.71 -25.36
CA TYR A 317 -11.98 -3.05 -26.22
C TYR A 317 -11.08 -1.85 -26.59
N TYR A 318 -11.52 -0.59 -26.44
CA TYR A 318 -10.79 0.59 -27.00
C TYR A 318 -10.24 1.55 -25.91
N LEU A 319 -10.76 1.44 -24.68
CA LEU A 319 -10.57 2.42 -23.58
C LEU A 319 -10.02 1.71 -22.34
N ASP A 320 -9.06 2.36 -21.70
CA ASP A 320 -8.49 1.93 -20.40
C ASP A 320 -9.41 2.47 -19.30
N ILE A 321 -10.11 1.58 -18.59
CA ILE A 321 -11.04 1.94 -17.47
C ILE A 321 -10.50 1.47 -16.12
N THR A 322 -9.24 1.05 -16.04
CA THR A 322 -8.66 0.39 -14.85
C THR A 322 -7.48 1.17 -14.25
N ASN A 323 -6.75 1.96 -15.04
CA ASN A 323 -5.53 2.62 -14.50
C ASN A 323 -5.92 3.95 -13.86
N PRO A 324 -5.14 4.44 -12.88
CA PRO A 324 -5.45 5.71 -12.23
C PRO A 324 -5.47 6.79 -13.28
N PRO A 325 -6.59 7.55 -13.43
CA PRO A 325 -6.70 8.55 -14.47
C PRO A 325 -5.70 9.69 -14.22
N ARG A 326 -5.19 10.25 -15.29
CA ARG A 326 -4.24 11.39 -15.19
C ARG A 326 -5.02 12.64 -14.78
N THR A 327 -4.29 13.69 -14.39
CA THR A 327 -4.81 14.92 -13.76
C THR A 327 -5.71 15.68 -14.75
N ASN A 328 -5.39 15.69 -16.05
CA ASN A 328 -6.15 16.51 -17.03
C ASN A 328 -7.56 15.93 -17.21
N VAL A 329 -7.68 14.60 -17.06
CA VAL A 329 -8.97 13.87 -17.16
C VAL A 329 -9.82 14.21 -15.94
N LEU A 330 -9.24 14.21 -14.74
CA LEU A 330 -9.99 14.62 -13.52
C LEU A 330 -10.33 16.11 -13.60
N TYR A 331 -9.46 16.93 -14.18
CA TYR A 331 -9.66 18.40 -14.34
C TYR A 331 -10.84 18.70 -15.26
N GLU A 332 -10.90 17.99 -16.40
CA GLU A 332 -11.99 18.12 -17.38
C GLU A 332 -13.31 17.66 -16.76
N LEU A 333 -13.29 16.69 -15.85
CA LEU A 333 -14.53 16.11 -15.25
C LEU A 333 -15.09 17.05 -14.17
N ALA A 334 -14.22 17.75 -13.43
CA ALA A 334 -14.60 18.68 -12.35
C ALA A 334 -15.90 19.43 -12.68
N GLN A 335 -16.06 19.94 -13.90
CA GLN A 335 -17.27 20.71 -14.31
C GLN A 335 -18.56 19.91 -14.08
N TYR A 336 -18.49 18.58 -14.15
CA TYR A 336 -19.69 17.70 -14.10
C TYR A 336 -19.99 17.24 -12.66
N ALA A 337 -19.24 17.75 -11.68
CA ALA A 337 -19.46 17.56 -10.23
C ALA A 337 -20.37 18.67 -9.68
N SER A 338 -21.61 18.32 -9.35
CA SER A 338 -22.65 19.25 -8.81
C SER A 338 -22.34 19.68 -7.37
N GLU A 339 -21.53 18.94 -6.59
CA GLU A 339 -21.25 19.33 -5.18
C GLU A 339 -19.94 20.11 -5.16
N PRO A 340 -19.96 21.40 -4.75
CA PRO A 340 -18.81 22.29 -4.91
C PRO A 340 -17.47 21.77 -4.39
N SER A 341 -17.51 21.02 -3.28
CA SER A 341 -16.32 20.40 -2.62
C SER A 341 -15.71 19.33 -3.54
N GLU A 342 -16.54 18.56 -4.22
CA GLU A 342 -16.08 17.47 -5.12
C GLU A 342 -15.52 18.11 -6.40
N GLN A 343 -16.18 19.15 -6.90
CA GLN A 343 -15.67 19.96 -8.04
C GLN A 343 -14.28 20.50 -7.67
N GLU A 344 -14.09 20.96 -6.42
CA GLU A 344 -12.82 21.59 -5.99
C GLU A 344 -11.72 20.54 -6.01
N HIS A 345 -11.93 19.38 -5.36
CA HIS A 345 -10.93 18.29 -5.26
C HIS A 345 -10.45 17.95 -6.67
N LEU A 346 -11.41 17.71 -7.57
CA LEU A 346 -11.16 17.28 -8.98
C LEU A 346 -10.34 18.36 -9.71
N HIS A 347 -10.71 19.63 -9.57
CA HIS A 347 -10.00 20.79 -10.19
C HIS A 347 -8.55 20.84 -9.68
N LYS A 348 -8.30 20.48 -8.43
CA LYS A 348 -6.97 20.75 -7.80
C LYS A 348 -6.02 19.57 -8.03
N MET A 349 -6.55 18.43 -8.50
CA MET A 349 -5.71 17.23 -8.80
C MET A 349 -4.54 17.63 -9.70
N ALA A 350 -4.69 18.76 -10.42
CA ALA A 350 -3.77 19.25 -11.47
C ALA A 350 -2.74 20.25 -10.92
N SER A 351 -2.73 20.51 -9.62
CA SER A 351 -1.73 21.38 -8.96
C SER A 351 -0.35 20.75 -9.07
N SER A 352 0.66 21.59 -9.28
CA SER A 352 2.10 21.22 -9.26
C SER A 352 2.61 21.19 -7.82
N SER A 353 1.80 21.66 -6.87
CA SER A 353 2.19 21.73 -5.43
C SER A 353 0.96 21.71 -4.51
N GLY A 354 1.20 21.45 -3.23
CA GLY A 354 0.24 21.64 -2.12
C GLY A 354 -0.68 20.44 -1.89
N GLU A 355 -1.83 20.72 -1.27
CA GLU A 355 -2.83 19.74 -0.80
C GLU A 355 -3.42 18.94 -1.98
N GLY A 356 -3.69 19.61 -3.11
CA GLY A 356 -4.32 19.00 -4.30
C GLY A 356 -3.41 17.94 -4.92
N LYS A 357 -2.15 18.28 -5.11
CA LYS A 357 -1.09 17.35 -5.57
C LYS A 357 -1.05 16.13 -4.62
N GLU A 358 -1.02 16.37 -3.32
CA GLU A 358 -0.90 15.31 -2.28
C GLU A 358 -2.16 14.44 -2.29
N LEU A 359 -3.34 15.03 -2.47
CA LEU A 359 -4.62 14.28 -2.61
C LEU A 359 -4.57 13.40 -3.88
N TYR A 360 -4.09 13.94 -5.00
CA TYR A 360 -3.98 13.18 -6.27
C TYR A 360 -3.06 11.97 -6.07
N LEU A 361 -1.96 12.12 -5.33
CA LEU A 361 -0.93 11.06 -5.16
C LEU A 361 -1.45 9.95 -4.21
N SER A 362 -2.21 10.31 -3.17
CA SER A 362 -2.66 9.35 -2.13
C SER A 362 -3.99 8.74 -2.55
N TRP A 363 -4.97 9.59 -2.86
CA TRP A 363 -6.39 9.20 -3.03
C TRP A 363 -6.62 8.52 -4.38
N VAL A 364 -5.86 8.89 -5.42
CA VAL A 364 -6.07 8.40 -6.83
C VAL A 364 -4.99 7.37 -7.12
N VAL A 365 -3.73 7.79 -7.08
CA VAL A 365 -2.55 6.99 -7.56
C VAL A 365 -2.24 5.87 -6.57
N GLU A 366 -1.86 6.20 -5.33
CA GLU A 366 -1.44 5.19 -4.31
C GLU A 366 -2.59 4.21 -4.06
N ALA A 367 -3.83 4.71 -4.07
CA ALA A 367 -5.04 3.92 -3.75
C ALA A 367 -5.52 3.19 -4.99
N ARG A 368 -4.95 3.50 -6.15
CA ARG A 368 -5.24 2.82 -7.43
C ARG A 368 -6.75 2.92 -7.72
N ARG A 369 -7.31 4.11 -7.59
CA ARG A 369 -8.72 4.37 -7.92
C ARG A 369 -8.84 4.47 -9.44
N HIS A 370 -9.65 3.61 -10.04
CA HIS A 370 -10.01 3.69 -11.48
C HIS A 370 -11.27 4.54 -11.62
N ILE A 371 -11.60 4.93 -12.84
CA ILE A 371 -12.70 5.91 -13.10
C ILE A 371 -13.95 5.52 -12.31
N LEU A 372 -14.35 4.23 -12.31
CA LEU A 372 -15.59 3.79 -11.64
C LEU A 372 -15.54 4.13 -10.14
N ALA A 373 -14.42 3.84 -9.49
CA ALA A 373 -14.21 4.10 -8.05
C ALA A 373 -14.36 5.60 -7.81
N ILE A 374 -13.76 6.41 -8.66
CA ILE A 374 -13.86 7.90 -8.57
C ILE A 374 -15.33 8.33 -8.69
N LEU A 375 -16.08 7.80 -9.66
CA LEU A 375 -17.53 8.08 -9.83
C LEU A 375 -18.29 7.66 -8.56
N GLN A 376 -17.96 6.50 -7.99
CA GLN A 376 -18.62 5.98 -6.77
C GLN A 376 -18.28 6.86 -5.57
N ASP A 377 -17.04 7.32 -5.43
CA ASP A 377 -16.56 7.98 -4.18
C ASP A 377 -16.84 9.48 -4.25
N TYR A 378 -17.00 10.03 -5.46
CA TYR A 378 -17.55 11.39 -5.71
C TYR A 378 -18.92 11.22 -6.35
N PRO A 379 -20.00 10.99 -5.58
CA PRO A 379 -21.27 10.61 -6.20
C PRO A 379 -21.87 11.80 -6.98
N SER A 380 -21.40 13.02 -6.72
CA SER A 380 -21.93 14.23 -7.38
C SER A 380 -21.43 14.32 -8.83
N LEU A 381 -20.33 13.62 -9.16
CA LEU A 381 -19.69 13.57 -10.51
C LEU A 381 -20.51 12.69 -11.46
N ARG A 382 -21.33 13.30 -12.33
CA ARG A 382 -22.15 12.59 -13.34
C ARG A 382 -21.84 13.13 -14.74
N PRO A 383 -20.67 12.78 -15.32
CA PRO A 383 -20.34 13.24 -16.66
C PRO A 383 -21.24 12.57 -17.69
N PRO A 384 -21.35 13.14 -18.91
CA PRO A 384 -21.98 12.47 -20.03
C PRO A 384 -20.95 11.54 -20.67
N ILE A 385 -21.41 10.32 -20.98
CA ILE A 385 -20.61 9.17 -21.45
C ILE A 385 -19.79 9.58 -22.68
N ASP A 386 -20.30 10.48 -23.50
CA ASP A 386 -19.63 10.83 -24.78
C ASP A 386 -18.32 11.52 -24.44
N HIS A 387 -18.31 12.52 -23.57
CA HIS A 387 -17.08 13.24 -23.15
C HIS A 387 -16.17 12.27 -22.40
N LEU A 388 -16.73 11.44 -21.50
CA LEU A 388 -15.88 10.50 -20.72
C LEU A 388 -15.06 9.68 -21.71
N CYS A 389 -15.69 9.19 -22.78
CA CYS A 389 -15.07 8.28 -23.78
C CYS A 389 -14.05 9.06 -24.61
N GLU A 390 -14.23 10.36 -24.77
CA GLU A 390 -13.21 11.20 -25.46
C GLU A 390 -12.00 11.38 -24.55
N LEU A 391 -12.16 11.34 -23.22
CA LEU A 391 -11.11 11.72 -22.24
C LEU A 391 -10.27 10.52 -21.83
N LEU A 392 -10.91 9.36 -21.69
CA LEU A 392 -10.24 8.14 -21.20
C LEU A 392 -9.16 7.80 -22.22
N PRO A 393 -8.01 7.23 -21.79
CA PRO A 393 -6.99 6.74 -22.71
C PRO A 393 -7.33 5.41 -23.41
N ARG A 394 -6.61 5.13 -24.49
CA ARG A 394 -6.75 3.89 -25.29
C ARG A 394 -6.25 2.67 -24.50
N LEU A 395 -7.03 1.58 -24.56
CA LEU A 395 -6.59 0.28 -24.02
C LEU A 395 -5.42 -0.26 -24.85
N GLN A 396 -4.28 -0.46 -24.18
CA GLN A 396 -3.01 -0.88 -24.82
C GLN A 396 -2.91 -2.40 -24.88
N ALA A 397 -2.12 -2.91 -25.82
CA ALA A 397 -1.74 -4.33 -25.89
C ALA A 397 -0.89 -4.63 -24.65
N ARG A 398 -0.87 -5.88 -24.23
CA ARG A 398 0.04 -6.39 -23.17
C ARG A 398 1.05 -7.31 -23.85
N TYR A 399 2.35 -7.14 -23.55
CA TYR A 399 3.45 -7.99 -24.07
C TYR A 399 3.74 -9.12 -23.09
N TYR A 400 4.15 -10.27 -23.64
CA TYR A 400 4.60 -11.48 -22.91
C TYR A 400 5.79 -12.09 -23.64
N SER A 401 6.84 -12.47 -22.92
CA SER A 401 7.99 -13.23 -23.46
C SER A 401 7.44 -14.55 -23.97
N ILE A 402 7.66 -14.87 -25.25
CA ILE A 402 7.20 -16.16 -25.84
C ILE A 402 8.02 -17.30 -25.19
N ALA A 403 7.29 -18.26 -24.61
CA ALA A 403 7.80 -19.33 -23.74
C ALA A 403 8.07 -20.61 -24.54
N SER A 404 8.18 -20.51 -25.87
CA SER A 404 8.40 -21.65 -26.80
C SER A 404 9.42 -21.25 -27.88
N SER A 405 10.09 -22.23 -28.46
CA SER A 405 10.99 -22.09 -29.64
C SER A 405 10.22 -22.47 -30.91
N SER A 406 10.41 -21.71 -31.99
CA SER A 406 9.77 -21.94 -33.31
C SER A 406 10.37 -23.17 -34.00
N LYS A 407 11.60 -23.55 -33.63
CA LYS A 407 12.26 -24.82 -34.08
C LYS A 407 11.45 -26.04 -33.65
N VAL A 408 10.82 -25.97 -32.47
CA VAL A 408 10.05 -27.08 -31.83
C VAL A 408 8.55 -26.86 -32.05
N HIS A 409 8.06 -25.63 -31.91
CA HIS A 409 6.61 -25.29 -31.86
C HIS A 409 6.31 -24.19 -32.88
N PRO A 410 6.58 -24.42 -34.19
CA PRO A 410 6.48 -23.36 -35.20
C PRO A 410 5.06 -22.86 -35.45
N ASN A 411 4.03 -23.59 -34.99
CA ASN A 411 2.58 -23.24 -35.18
C ASN A 411 1.92 -22.86 -33.85
N SER A 412 2.70 -22.69 -32.78
CA SER A 412 2.17 -22.31 -31.45
C SER A 412 3.05 -21.24 -30.78
N VAL A 413 2.41 -20.30 -30.09
CA VAL A 413 3.10 -19.26 -29.28
C VAL A 413 2.66 -19.45 -27.85
N HIS A 414 3.59 -19.77 -26.95
CA HIS A 414 3.32 -20.14 -25.54
C HIS A 414 3.52 -18.89 -24.68
N ILE A 415 2.59 -18.69 -23.73
CA ILE A 415 2.62 -17.57 -22.75
C ILE A 415 2.73 -18.13 -21.32
N CYS A 416 3.66 -17.59 -20.54
CA CYS A 416 3.81 -17.84 -19.08
C CYS A 416 3.47 -16.56 -18.32
N ALA A 417 2.40 -16.52 -17.54
CA ALA A 417 1.93 -15.26 -16.89
C ALA A 417 1.46 -15.50 -15.46
N VAL A 418 1.74 -14.56 -14.55
CA VAL A 418 1.05 -14.43 -13.23
C VAL A 418 -0.20 -13.56 -13.46
N ALA A 419 -1.37 -14.09 -13.08
CA ALA A 419 -2.66 -13.37 -12.99
C ALA A 419 -2.54 -12.24 -11.96
N VAL A 420 -2.90 -11.00 -12.32
CA VAL A 420 -2.82 -9.83 -11.40
C VAL A 420 -4.18 -9.66 -10.74
N GLU A 421 -4.20 -9.66 -9.41
CA GLU A 421 -5.43 -9.59 -8.60
C GLU A 421 -5.05 -9.20 -7.18
N TYR A 422 -5.21 -7.93 -6.82
CA TYR A 422 -4.66 -7.38 -5.56
C TYR A 422 -5.71 -6.51 -4.89
N GLU A 423 -5.52 -6.31 -3.58
CA GLU A 423 -6.38 -5.46 -2.71
C GLU A 423 -5.69 -4.09 -2.62
N ALA A 424 -6.40 -3.06 -3.08
CA ALA A 424 -5.92 -1.67 -3.23
C ALA A 424 -6.39 -0.83 -2.05
N LYS A 425 -5.68 0.25 -1.74
CA LYS A 425 -6.08 1.20 -0.67
C LYS A 425 -7.45 1.84 -0.95
N SER A 426 -7.96 1.78 -2.19
CA SER A 426 -9.33 2.24 -2.56
C SER A 426 -10.38 1.43 -1.79
N GLY A 427 -9.96 0.31 -1.17
CA GLY A 427 -10.84 -0.67 -0.51
C GLY A 427 -11.41 -1.69 -1.49
N ARG A 428 -11.03 -1.57 -2.77
CA ARG A 428 -11.54 -2.42 -3.90
C ARG A 428 -10.51 -3.50 -4.22
N VAL A 429 -10.96 -4.64 -4.77
CA VAL A 429 -10.06 -5.66 -5.38
C VAL A 429 -9.93 -5.33 -6.86
N ASN A 430 -8.71 -5.02 -7.30
CA ASN A 430 -8.40 -4.69 -8.70
C ASN A 430 -7.90 -5.94 -9.40
N LYS A 431 -8.14 -6.01 -10.70
CA LYS A 431 -7.82 -7.18 -11.57
C LYS A 431 -7.03 -6.65 -12.78
N GLY A 432 -5.94 -7.32 -13.11
CA GLY A 432 -5.20 -7.14 -14.37
C GLY A 432 -6.11 -7.38 -15.55
N VAL A 433 -6.13 -6.45 -16.49
CA VAL A 433 -7.07 -6.52 -17.64
C VAL A 433 -6.75 -7.77 -18.46
N ALA A 434 -5.53 -7.86 -18.94
CA ALA A 434 -5.12 -8.93 -19.88
C ALA A 434 -5.05 -10.29 -19.16
N THR A 435 -4.49 -10.35 -17.96
CA THR A 435 -4.30 -11.62 -17.20
C THR A 435 -5.66 -12.20 -16.79
N SER A 436 -6.60 -11.38 -16.32
CA SER A 436 -7.98 -11.85 -15.98
C SER A 436 -8.67 -12.43 -17.21
N TRP A 437 -8.41 -11.82 -18.36
CA TRP A 437 -9.07 -12.12 -19.66
C TRP A 437 -8.43 -13.39 -20.27
N LEU A 438 -7.10 -13.51 -20.23
CA LEU A 438 -6.36 -14.71 -20.66
C LEU A 438 -6.80 -15.88 -19.79
N ARG A 439 -6.95 -15.64 -18.50
CA ARG A 439 -7.26 -16.68 -17.50
C ARG A 439 -8.61 -17.33 -17.83
N ALA A 440 -9.55 -16.51 -18.30
CA ALA A 440 -10.96 -16.91 -18.54
C ALA A 440 -11.08 -17.62 -19.89
N LYS A 441 -10.07 -17.57 -20.76
CA LYS A 441 -10.07 -18.26 -22.09
C LYS A 441 -10.01 -19.78 -21.87
N GLU A 442 -11.06 -20.49 -22.29
CA GLU A 442 -11.14 -21.97 -22.21
C GLU A 442 -11.00 -22.58 -23.60
N PRO A 443 -10.15 -23.61 -23.81
CA PRO A 443 -10.22 -24.42 -25.04
C PRO A 443 -11.52 -25.22 -25.16
N GLY A 449 -17.77 -21.21 -31.49
CA GLY A 449 -16.53 -21.78 -32.06
C GLY A 449 -15.41 -21.85 -31.02
N ARG A 450 -14.17 -21.53 -31.44
CA ARG A 450 -12.94 -21.63 -30.61
C ARG A 450 -12.79 -20.37 -29.76
N ALA A 451 -12.06 -20.45 -28.64
CA ALA A 451 -11.71 -19.29 -27.77
C ALA A 451 -10.51 -18.56 -28.39
N LEU A 452 -10.72 -17.32 -28.83
CA LEU A 452 -9.78 -16.57 -29.72
C LEU A 452 -9.15 -15.38 -28.99
N VAL A 453 -7.86 -15.16 -29.26
CA VAL A 453 -7.00 -14.13 -28.60
C VAL A 453 -6.35 -13.31 -29.71
N PRO A 454 -6.76 -12.04 -29.90
CA PRO A 454 -6.10 -11.19 -30.87
C PRO A 454 -4.64 -11.04 -30.43
N MET A 455 -3.69 -11.33 -31.33
CA MET A 455 -2.25 -11.18 -31.01
C MET A 455 -1.44 -10.83 -32.26
N PHE A 456 -0.16 -10.54 -32.01
CA PHE A 456 0.91 -10.39 -33.03
C PHE A 456 2.26 -10.55 -32.33
N VAL A 457 3.31 -10.66 -33.13
CA VAL A 457 4.70 -10.88 -32.64
C VAL A 457 5.49 -9.58 -32.84
N ARG A 458 6.17 -9.14 -31.79
CA ARG A 458 7.19 -8.06 -31.83
C ARG A 458 8.55 -8.74 -31.74
N LYS A 459 9.41 -8.53 -32.74
CA LYS A 459 10.77 -9.11 -32.80
C LYS A 459 11.60 -8.45 -31.71
N SER A 460 12.38 -9.22 -30.97
CA SER A 460 13.31 -8.70 -29.92
C SER A 460 14.73 -8.97 -30.38
N GLN A 461 15.71 -8.45 -29.64
CA GLN A 461 17.16 -8.76 -29.87
C GLN A 461 17.64 -9.87 -28.92
N PHE A 462 16.73 -10.44 -28.11
CA PHE A 462 17.02 -11.43 -27.03
C PHE A 462 17.09 -12.82 -27.67
N ARG A 463 18.29 -13.33 -27.93
CA ARG A 463 18.50 -14.52 -28.78
C ARG A 463 19.58 -15.44 -28.21
N LEU A 464 19.44 -16.74 -28.53
CA LEU A 464 20.50 -17.77 -28.29
C LEU A 464 21.76 -17.34 -29.02
N PRO A 465 22.94 -17.82 -28.58
CA PRO A 465 24.17 -17.53 -29.31
C PRO A 465 24.08 -18.15 -30.71
N PHE A 466 24.79 -17.56 -31.67
CA PHE A 466 24.75 -17.98 -33.09
C PHE A 466 25.28 -19.41 -33.21
N LYS A 467 26.42 -19.71 -32.56
CA LYS A 467 27.04 -21.05 -32.61
C LYS A 467 26.64 -21.82 -31.35
N SER A 468 26.28 -23.09 -31.53
CA SER A 468 25.72 -23.99 -30.49
C SER A 468 26.77 -24.30 -29.41
N THR A 469 28.04 -24.31 -29.78
CA THR A 469 29.18 -24.63 -28.87
C THR A 469 29.26 -23.56 -27.75
N THR A 470 28.67 -22.37 -27.97
CA THR A 470 28.74 -21.22 -27.03
C THR A 470 27.89 -21.60 -25.81
N PRO A 471 28.47 -21.57 -24.59
CA PRO A 471 27.70 -21.78 -23.36
C PRO A 471 26.72 -20.66 -23.04
N VAL A 472 25.49 -21.01 -22.65
CA VAL A 472 24.49 -20.01 -22.17
C VAL A 472 24.26 -20.16 -20.65
N ILE A 473 24.25 -19.02 -19.95
CA ILE A 473 23.88 -18.89 -18.51
C ILE A 473 22.59 -18.05 -18.46
N MET A 474 21.52 -18.62 -17.90
CA MET A 474 20.17 -18.01 -17.87
C MET A 474 19.74 -17.81 -16.42
N VAL A 475 19.43 -16.56 -16.06
CA VAL A 475 18.98 -16.16 -14.70
C VAL A 475 17.55 -15.63 -14.86
N GLY A 476 16.58 -16.33 -14.29
CA GLY A 476 15.15 -16.07 -14.58
C GLY A 476 14.22 -16.54 -13.47
N PRO A 477 14.27 -15.91 -12.27
CA PRO A 477 13.35 -16.27 -11.18
C PRO A 477 11.90 -15.91 -11.53
N GLY A 478 10.95 -16.59 -10.89
CA GLY A 478 9.51 -16.45 -11.14
C GLY A 478 9.20 -16.58 -12.63
N THR A 479 8.36 -15.70 -13.16
CA THR A 479 7.92 -15.69 -14.57
C THR A 479 9.09 -15.23 -15.44
N GLY A 480 10.20 -14.82 -14.81
CA GLY A 480 11.46 -14.47 -15.49
C GLY A 480 11.97 -15.63 -16.33
N ILE A 481 11.43 -16.82 -16.12
CA ILE A 481 11.82 -18.04 -16.88
C ILE A 481 11.15 -18.05 -18.24
N ALA A 482 10.12 -17.24 -18.45
CA ALA A 482 9.25 -17.34 -19.65
C ALA A 482 10.10 -17.64 -20.89
N PRO A 483 11.05 -16.79 -21.29
CA PRO A 483 11.78 -17.02 -22.55
C PRO A 483 12.82 -18.17 -22.47
N PHE A 484 13.23 -18.54 -21.27
CA PHE A 484 14.28 -19.56 -21.07
C PHE A 484 13.68 -20.93 -21.36
N MET A 485 12.35 -21.05 -21.24
CA MET A 485 11.69 -22.32 -21.59
C MET A 485 11.90 -22.55 -23.09
N GLY A 486 11.73 -21.49 -23.89
CA GLY A 486 12.02 -21.50 -25.34
C GLY A 486 13.47 -21.83 -25.63
N PHE A 487 14.38 -21.14 -24.96
CA PHE A 487 15.85 -21.32 -25.07
C PHE A 487 16.19 -22.78 -24.79
N ILE A 488 15.56 -23.37 -23.78
CA ILE A 488 15.91 -24.74 -23.29
C ILE A 488 15.32 -25.75 -24.27
N GLN A 489 14.12 -25.49 -24.77
CA GLN A 489 13.49 -26.33 -25.82
C GLN A 489 14.44 -26.41 -26.99
N GLU A 490 15.01 -25.25 -27.36
CA GLU A 490 15.77 -25.06 -28.63
C GLU A 490 17.13 -25.72 -28.45
N ARG A 491 17.78 -25.46 -27.33
CA ARG A 491 19.10 -26.07 -27.02
C ARG A 491 18.94 -27.59 -27.00
N ALA A 492 17.84 -28.11 -26.45
CA ALA A 492 17.54 -29.56 -26.41
C ALA A 492 17.41 -30.06 -27.85
N TRP A 493 16.77 -29.27 -28.70
CA TRP A 493 16.48 -29.64 -30.12
C TRP A 493 17.80 -29.77 -30.90
N LEU A 494 18.69 -28.79 -30.77
CA LEU A 494 20.01 -28.80 -31.47
C LEU A 494 20.73 -30.11 -31.14
N ARG A 495 20.75 -30.52 -29.87
CA ARG A 495 21.45 -31.76 -29.40
C ARG A 495 20.89 -32.97 -30.16
N GLU A 496 19.57 -33.14 -30.12
CA GLU A 496 18.86 -34.30 -30.73
C GLU A 496 18.93 -34.23 -32.26
N GLN A 497 19.39 -33.11 -32.85
CA GLN A 497 19.76 -33.01 -34.29
C GLN A 497 21.27 -33.24 -34.46
N GLY A 498 21.91 -33.85 -33.47
CA GLY A 498 23.33 -34.24 -33.52
C GLY A 498 24.27 -33.05 -33.57
N LYS A 499 23.80 -31.84 -33.22
CA LYS A 499 24.66 -30.63 -33.11
C LYS A 499 25.40 -30.69 -31.77
N GLU A 500 26.55 -30.04 -31.72
CA GLU A 500 27.43 -29.98 -30.53
C GLU A 500 27.10 -28.71 -29.73
N VAL A 501 26.62 -28.89 -28.50
CA VAL A 501 26.06 -27.78 -27.67
C VAL A 501 26.93 -27.60 -26.41
N GLY A 502 27.33 -26.36 -26.15
CA GLY A 502 28.03 -26.00 -24.91
C GLY A 502 27.18 -26.28 -23.69
N GLU A 503 27.75 -26.05 -22.52
CA GLU A 503 27.01 -26.05 -21.23
C GLU A 503 25.81 -25.09 -21.33
N THR A 504 24.71 -25.48 -20.68
CA THR A 504 23.42 -24.74 -20.64
C THR A 504 22.97 -24.72 -19.17
N LEU A 505 23.03 -23.57 -18.51
CA LEU A 505 22.86 -23.45 -17.04
C LEU A 505 21.64 -22.56 -16.78
N LEU A 506 20.64 -23.08 -16.07
CA LEU A 506 19.46 -22.30 -15.63
C LEU A 506 19.63 -21.98 -14.15
N TYR A 507 19.63 -20.70 -13.79
CA TYR A 507 19.43 -20.20 -12.41
C TYR A 507 18.00 -19.66 -12.34
N TYR A 508 17.11 -20.39 -11.67
CA TYR A 508 15.65 -20.12 -11.52
C TYR A 508 15.32 -19.97 -10.03
N GLY A 509 14.22 -19.30 -9.72
CA GLY A 509 13.80 -19.00 -8.34
C GLY A 509 12.29 -19.13 -8.18
N CYS A 510 11.83 -19.54 -7.00
CA CYS A 510 10.41 -19.50 -6.60
C CYS A 510 10.34 -19.53 -5.08
N ARG A 511 9.14 -19.48 -4.53
CA ARG A 511 8.89 -19.42 -3.07
C ARG A 511 9.11 -20.82 -2.47
N ARG A 512 8.45 -21.83 -3.04
CA ARG A 512 8.48 -23.20 -2.49
C ARG A 512 8.30 -24.21 -3.65
N SER A 513 8.99 -25.35 -3.53
CA SER A 513 8.90 -26.53 -4.43
C SER A 513 7.44 -26.92 -4.68
N ASP A 514 6.57 -26.69 -3.70
CA ASP A 514 5.18 -27.23 -3.66
C ASP A 514 4.19 -26.08 -3.73
N GLU A 515 4.63 -24.90 -4.18
CA GLU A 515 3.76 -23.69 -4.28
C GLU A 515 3.77 -23.15 -5.71
N ASP A 516 4.93 -22.67 -6.21
CA ASP A 516 5.01 -21.94 -7.51
C ASP A 516 6.29 -22.36 -8.26
N TYR A 517 6.57 -23.66 -8.35
CA TYR A 517 7.71 -24.21 -9.12
C TYR A 517 7.26 -24.41 -10.56
N LEU A 518 7.34 -23.35 -11.36
CA LEU A 518 6.85 -23.30 -12.75
C LEU A 518 7.65 -24.30 -13.59
N TYR A 519 6.95 -25.07 -14.42
CA TYR A 519 7.50 -26.04 -15.40
C TYR A 519 8.40 -27.06 -14.69
N ARG A 520 7.98 -27.52 -13.51
CA ARG A 520 8.78 -28.46 -12.67
C ARG A 520 9.03 -29.76 -13.44
N GLU A 521 7.95 -30.37 -13.94
CA GLU A 521 8.00 -31.64 -14.71
C GLU A 521 8.87 -31.40 -15.95
N GLU A 522 8.55 -30.39 -16.75
CA GLU A 522 9.25 -30.07 -18.03
C GLU A 522 10.76 -29.86 -17.77
N LEU A 523 11.15 -29.25 -16.64
CA LEU A 523 12.56 -28.89 -16.33
C LEU A 523 13.35 -30.09 -15.75
N ALA A 524 12.72 -30.90 -14.90
CA ALA A 524 13.23 -32.24 -14.48
C ALA A 524 13.66 -33.03 -15.73
N ARG A 525 12.72 -33.23 -16.65
CA ARG A 525 12.94 -33.86 -17.98
C ARG A 525 14.25 -33.34 -18.58
N PHE A 526 14.28 -32.05 -18.95
CA PHE A 526 15.40 -31.38 -19.67
C PHE A 526 16.75 -31.65 -18.98
N HIS A 527 16.77 -31.71 -17.65
CA HIS A 527 17.98 -31.97 -16.81
C HIS A 527 18.46 -33.43 -16.91
N LYS A 528 17.51 -34.38 -16.94
CA LYS A 528 17.81 -35.82 -17.03
C LYS A 528 18.43 -36.11 -18.40
N ASP A 529 17.87 -35.54 -19.46
CA ASP A 529 18.32 -35.75 -20.87
C ASP A 529 19.68 -35.06 -21.15
N GLY A 530 20.16 -34.21 -20.23
CA GLY A 530 21.40 -33.42 -20.42
C GLY A 530 21.18 -32.07 -21.10
N ALA A 531 19.94 -31.76 -21.50
CA ALA A 531 19.57 -30.49 -22.18
C ALA A 531 19.96 -29.31 -21.28
N LEU A 532 19.67 -29.42 -19.97
CA LEU A 532 20.25 -28.55 -18.90
C LEU A 532 21.46 -29.25 -18.27
N THR A 533 22.64 -28.64 -18.40
CA THR A 533 23.90 -29.05 -17.73
C THR A 533 23.79 -28.91 -16.22
N GLN A 534 23.01 -27.94 -15.76
CA GLN A 534 22.78 -27.63 -14.33
C GLN A 534 21.40 -26.97 -14.22
N LEU A 535 20.54 -27.49 -13.34
CA LEU A 535 19.26 -26.90 -12.90
C LEU A 535 19.46 -26.39 -11.48
N ASN A 536 19.78 -25.11 -11.32
CA ASN A 536 20.02 -24.47 -10.01
C ASN A 536 18.78 -23.65 -9.60
N VAL A 537 18.07 -24.13 -8.58
CA VAL A 537 16.78 -23.52 -8.15
C VAL A 537 16.94 -23.01 -6.72
N ALA A 538 16.44 -21.79 -6.52
CA ALA A 538 16.51 -21.07 -5.23
C ALA A 538 15.09 -20.91 -4.73
N PHE A 539 14.74 -21.68 -3.70
CA PHE A 539 13.43 -21.64 -2.99
C PHE A 539 13.56 -20.58 -1.89
N SER A 540 12.95 -19.41 -2.13
CA SER A 540 13.17 -18.20 -1.31
C SER A 540 12.43 -18.31 0.03
N ARG A 541 11.54 -19.30 0.22
CA ARG A 541 10.73 -19.45 1.46
C ARG A 541 10.65 -20.91 1.93
N GLU A 542 11.67 -21.73 1.66
CA GLU A 542 11.73 -23.09 2.26
C GLU A 542 12.53 -23.01 3.56
N GLN A 543 12.97 -21.83 3.96
CA GLN A 543 13.76 -21.66 5.21
C GLN A 543 13.60 -20.23 5.70
N ALA A 544 14.03 -19.99 6.94
CA ALA A 544 13.86 -18.69 7.63
C ALA A 544 14.44 -17.58 6.78
N HIS A 545 15.55 -17.84 6.10
CA HIS A 545 16.29 -16.84 5.30
C HIS A 545 15.91 -17.01 3.84
N LYS A 546 16.10 -15.92 3.08
CA LYS A 546 15.95 -15.83 1.61
C LYS A 546 17.14 -16.53 0.92
N VAL A 547 16.84 -17.54 0.11
CA VAL A 547 17.78 -18.09 -0.90
C VAL A 547 17.32 -17.57 -2.27
N TYR A 548 18.17 -16.82 -2.96
CA TYR A 548 17.89 -16.20 -4.29
C TYR A 548 18.87 -16.69 -5.35
N VAL A 549 18.63 -16.34 -6.61
CA VAL A 549 19.47 -16.83 -7.74
C VAL A 549 20.92 -16.34 -7.58
N GLN A 550 21.15 -15.13 -7.08
CA GLN A 550 22.50 -14.53 -6.99
C GLN A 550 23.30 -15.15 -5.83
N HIS A 551 22.62 -15.83 -4.91
CA HIS A 551 23.30 -16.70 -3.90
C HIS A 551 23.90 -17.93 -4.59
N LEU A 552 23.13 -18.59 -5.48
CA LEU A 552 23.63 -19.75 -6.27
C LEU A 552 24.73 -19.26 -7.23
N LEU A 553 24.56 -18.07 -7.83
CA LEU A 553 25.55 -17.46 -8.76
C LEU A 553 26.92 -17.31 -8.05
N LYS A 554 26.93 -16.71 -6.87
CA LYS A 554 28.17 -16.49 -6.07
C LYS A 554 28.82 -17.84 -5.72
N ARG A 555 28.03 -18.82 -5.30
CA ARG A 555 28.48 -20.21 -5.01
C ARG A 555 29.22 -20.78 -6.25
N ASP A 556 28.67 -20.61 -7.45
CA ASP A 556 29.23 -21.23 -8.69
C ASP A 556 30.25 -20.27 -9.34
N ARG A 557 30.78 -19.33 -8.54
CA ARG A 557 31.56 -18.17 -9.05
C ARG A 557 32.76 -18.67 -9.87
N GLU A 558 33.49 -19.67 -9.35
CA GLU A 558 34.74 -20.21 -9.97
C GLU A 558 34.38 -20.73 -11.36
N HIS A 559 33.38 -21.60 -11.43
CA HIS A 559 32.92 -22.26 -12.67
C HIS A 559 32.28 -21.27 -13.64
N LEU A 560 31.47 -20.32 -13.14
CA LEU A 560 30.78 -19.34 -14.02
C LEU A 560 31.83 -18.47 -14.71
N TRP A 561 32.92 -18.12 -14.02
CA TRP A 561 34.04 -17.31 -14.58
C TRP A 561 34.71 -18.06 -15.74
N LYS A 562 35.00 -19.35 -15.54
CA LYS A 562 35.53 -20.26 -16.58
C LYS A 562 34.65 -20.09 -17.83
N LEU A 563 33.34 -20.30 -17.69
CA LEU A 563 32.39 -20.23 -18.83
C LEU A 563 32.44 -18.82 -19.45
N ILE A 564 32.47 -17.78 -18.62
CA ILE A 564 32.49 -16.38 -19.11
C ILE A 564 33.84 -16.08 -19.78
N HIS A 565 34.95 -16.21 -19.05
CA HIS A 565 36.32 -15.77 -19.48
C HIS A 565 36.93 -16.73 -20.52
N GLU A 566 36.68 -18.03 -20.42
CA GLU A 566 37.38 -19.04 -21.26
C GLU A 566 36.44 -19.55 -22.36
N GLY A 567 35.14 -19.68 -22.10
CA GLY A 567 34.18 -20.21 -23.10
C GLY A 567 33.33 -19.14 -23.78
N GLY A 568 33.53 -17.85 -23.47
CA GLY A 568 32.72 -16.74 -24.02
C GLY A 568 31.22 -16.99 -23.85
N ALA A 569 30.82 -17.40 -22.65
CA ALA A 569 29.42 -17.68 -22.29
C ALA A 569 28.59 -16.40 -22.46
N HIS A 570 27.44 -16.52 -23.09
CA HIS A 570 26.36 -15.49 -23.12
C HIS A 570 25.55 -15.61 -21.83
N ILE A 571 25.50 -14.53 -21.03
CA ILE A 571 24.63 -14.39 -19.84
C ILE A 571 23.33 -13.69 -20.23
N TYR A 572 22.20 -14.34 -19.90
CA TYR A 572 20.82 -13.83 -20.06
C TYR A 572 20.14 -13.69 -18.69
N VAL A 573 19.41 -12.58 -18.52
CA VAL A 573 18.77 -12.16 -17.24
C VAL A 573 17.38 -11.63 -17.54
N CYS A 574 16.35 -12.29 -17.03
CA CYS A 574 14.95 -11.93 -17.34
C CYS A 574 14.17 -11.88 -16.02
N GLY A 575 13.19 -10.99 -15.93
CA GLY A 575 12.29 -10.86 -14.77
C GLY A 575 12.29 -9.46 -14.20
N ASP A 576 12.12 -9.34 -12.88
CA ASP A 576 11.84 -8.07 -12.14
C ASP A 576 12.98 -7.06 -12.35
N ALA A 577 12.64 -5.86 -12.84
CA ALA A 577 13.59 -4.74 -13.17
C ALA A 577 14.12 -4.05 -11.90
N ARG A 578 13.24 -3.80 -10.93
CA ARG A 578 13.51 -2.99 -9.71
C ARG A 578 14.76 -3.52 -8.99
N ASN A 579 14.70 -4.75 -8.46
CA ASN A 579 15.62 -5.28 -7.41
C ASN A 579 16.45 -6.46 -7.93
N MET A 580 15.78 -7.47 -8.49
CA MET A 580 16.42 -8.75 -8.93
C MET A 580 17.60 -8.45 -9.86
N ALA A 581 17.38 -7.72 -10.96
CA ALA A 581 18.38 -7.44 -12.02
C ALA A 581 19.60 -6.70 -11.46
N LYS A 582 19.41 -5.78 -10.52
CA LYS A 582 20.54 -5.04 -9.90
C LYS A 582 21.35 -6.00 -9.02
N ASP A 583 20.68 -6.77 -8.15
CA ASP A 583 21.38 -7.74 -7.25
C ASP A 583 22.17 -8.73 -8.11
N VAL A 584 21.56 -9.28 -9.18
CA VAL A 584 22.23 -10.23 -10.12
C VAL A 584 23.50 -9.57 -10.65
N GLN A 585 23.41 -8.32 -11.13
CA GLN A 585 24.53 -7.59 -11.78
C GLN A 585 25.64 -7.31 -10.76
N ASN A 586 25.30 -7.02 -9.51
CA ASN A 586 26.31 -6.78 -8.44
C ASN A 586 27.11 -8.05 -8.17
N THR A 587 26.44 -9.20 -8.19
CA THR A 587 27.06 -10.54 -8.01
C THR A 587 28.04 -10.81 -9.16
N PHE A 588 27.65 -10.51 -10.40
CA PHE A 588 28.49 -10.67 -11.61
C PHE A 588 29.68 -9.69 -11.53
N TYR A 589 29.48 -8.45 -11.06
CA TYR A 589 30.58 -7.47 -10.84
C TYR A 589 31.58 -8.09 -9.87
N ASP A 590 31.07 -8.71 -8.80
CA ASP A 590 31.86 -9.27 -7.68
C ASP A 590 32.64 -10.51 -8.15
N ILE A 591 32.06 -11.32 -9.02
CA ILE A 591 32.71 -12.50 -9.65
C ILE A 591 33.88 -12.01 -10.51
N VAL A 592 33.62 -11.09 -11.42
CA VAL A 592 34.65 -10.56 -12.36
C VAL A 592 35.79 -9.97 -11.53
N ALA A 593 35.50 -9.10 -10.56
CA ALA A 593 36.50 -8.40 -9.71
C ALA A 593 37.44 -9.39 -8.98
N GLU A 594 36.93 -10.56 -8.57
CA GLU A 594 37.77 -11.62 -7.93
C GLU A 594 38.68 -12.28 -8.97
N PHE A 595 38.08 -12.87 -10.00
CA PHE A 595 38.73 -13.87 -10.90
C PHE A 595 39.43 -13.21 -12.09
N GLY A 596 39.30 -11.89 -12.24
CA GLY A 596 40.12 -11.11 -13.19
C GLY A 596 41.60 -11.38 -12.90
N PRO A 597 42.16 -10.84 -11.81
CA PRO A 597 41.49 -9.82 -10.99
C PRO A 597 41.27 -8.49 -11.72
N MET A 598 40.56 -7.58 -11.06
CA MET A 598 40.50 -6.14 -11.40
C MET A 598 39.68 -5.44 -10.32
N GLU A 599 39.83 -4.12 -10.20
CA GLU A 599 39.06 -3.27 -9.24
C GLU A 599 37.57 -3.32 -9.61
N HIS A 600 36.72 -2.79 -8.75
CA HIS A 600 35.25 -2.73 -8.94
C HIS A 600 34.90 -1.93 -10.19
N THR A 601 35.62 -0.84 -10.47
CA THR A 601 35.37 0.06 -11.63
C THR A 601 35.51 -0.76 -12.92
N GLN A 602 36.57 -1.55 -13.05
CA GLN A 602 36.88 -2.29 -14.31
C GLN A 602 35.97 -3.51 -14.42
N ALA A 603 35.53 -4.02 -13.27
CA ALA A 603 34.57 -5.14 -13.17
C ALA A 603 33.25 -4.70 -13.82
N VAL A 604 32.79 -3.52 -13.42
CA VAL A 604 31.53 -2.87 -13.90
C VAL A 604 31.63 -2.62 -15.40
N ASP A 605 32.72 -2.00 -15.88
CA ASP A 605 32.96 -1.85 -17.34
C ASP A 605 32.82 -3.20 -18.03
N TYR A 606 33.40 -4.26 -17.44
CA TYR A 606 33.53 -5.61 -18.06
C TYR A 606 32.13 -6.24 -18.20
N VAL A 607 31.33 -6.19 -17.14
CA VAL A 607 29.97 -6.80 -17.09
C VAL A 607 29.01 -5.98 -17.97
N LYS A 608 29.15 -4.66 -18.03
CA LYS A 608 28.41 -3.77 -18.96
C LYS A 608 28.64 -4.20 -20.42
N LYS A 609 29.91 -4.37 -20.81
CA LYS A 609 30.34 -4.77 -22.17
C LYS A 609 29.83 -6.19 -22.48
N LEU A 610 29.72 -7.05 -21.48
CA LEU A 610 29.26 -8.46 -21.65
C LEU A 610 27.75 -8.50 -21.85
N MET A 611 27.02 -7.63 -21.13
CA MET A 611 25.53 -7.48 -21.17
C MET A 611 25.15 -6.38 -22.17
N THR A 612 25.61 -6.48 -23.42
CA THR A 612 25.25 -5.63 -24.59
C THR A 612 23.80 -5.92 -24.98
N LYS A 613 23.14 -5.00 -25.70
CA LYS A 613 21.72 -5.13 -26.18
C LYS A 613 21.37 -6.60 -26.47
N GLY A 614 20.33 -7.12 -25.80
CA GLY A 614 19.77 -8.47 -26.05
C GLY A 614 20.20 -9.51 -25.02
N ARG A 615 20.58 -9.09 -23.82
CA ARG A 615 21.05 -9.97 -22.71
C ARG A 615 20.20 -9.73 -21.46
N TYR A 616 19.50 -8.60 -21.40
CA TYR A 616 18.51 -8.24 -20.34
C TYR A 616 17.12 -8.26 -20.98
N SER A 617 16.18 -9.02 -20.43
CA SER A 617 14.74 -8.92 -20.77
C SER A 617 13.99 -8.58 -19.48
N LEU A 618 13.90 -7.29 -19.16
CA LEU A 618 13.35 -6.78 -17.88
C LEU A 618 11.99 -6.10 -18.06
N TRP A 619 11.14 -6.18 -17.02
CA TRP A 619 9.85 -5.46 -16.93
C TRP A 619 9.47 -5.29 -15.44
N SER A 620 8.66 -4.28 -15.13
CA SER A 620 8.05 -4.09 -13.79
C SER A 620 6.74 -3.32 -13.94
N VAL B 8 -0.81 1.70 46.57
CA VAL B 8 0.16 1.88 47.71
C VAL B 8 1.35 2.68 47.21
N LYS B 9 1.64 3.84 47.82
CA LYS B 9 2.72 4.76 47.36
C LYS B 9 4.10 4.16 47.67
N GLU B 10 5.04 4.37 46.75
CA GLU B 10 6.44 3.91 46.84
C GLU B 10 7.18 4.88 47.77
N SER B 11 8.44 4.59 48.09
CA SER B 11 9.35 5.50 48.84
C SER B 11 9.77 6.67 47.94
N SER B 12 9.88 7.88 48.52
CA SER B 12 10.19 9.17 47.86
C SER B 12 11.02 9.00 46.58
N PHE B 13 10.57 9.58 45.47
CA PHE B 13 11.17 9.41 44.12
C PHE B 13 12.45 10.25 44.04
N VAL B 14 12.52 11.33 44.81
CA VAL B 14 13.73 12.20 44.90
C VAL B 14 14.80 11.43 45.69
N GLU B 15 14.40 10.75 46.76
CA GLU B 15 15.31 9.97 47.65
C GLU B 15 15.89 8.79 46.86
N LYS B 16 15.12 8.24 45.93
CA LYS B 16 15.57 7.13 45.03
C LYS B 16 16.74 7.63 44.20
N MET B 17 16.55 8.75 43.52
CA MET B 17 17.54 9.32 42.57
C MET B 17 18.87 9.52 43.29
N LYS B 18 18.83 10.09 44.50
CA LYS B 18 20.00 10.31 45.39
C LYS B 18 20.79 9.00 45.52
N LYS B 19 20.12 7.92 45.91
CA LYS B 19 20.76 6.63 46.31
C LYS B 19 21.58 6.03 45.16
N THR B 20 21.18 6.25 43.89
CA THR B 20 21.86 5.67 42.69
C THR B 20 22.38 6.77 41.76
N GLY B 21 22.58 7.98 42.29
CA GLY B 21 23.15 9.15 41.57
C GLY B 21 22.43 9.42 40.25
N ARG B 22 21.09 9.41 40.27
CA ARG B 22 20.23 9.81 39.12
C ARG B 22 19.95 11.31 39.23
N ASN B 23 19.81 12.01 38.09
CA ASN B 23 19.52 13.48 38.08
C ASN B 23 18.38 13.82 37.11
N ILE B 24 18.04 12.95 36.15
CA ILE B 24 16.85 13.10 35.27
C ILE B 24 15.85 11.99 35.64
N ILE B 25 14.63 12.38 36.01
CA ILE B 25 13.47 11.45 36.19
C ILE B 25 12.45 11.80 35.10
N VAL B 26 11.92 10.78 34.42
CA VAL B 26 10.96 10.93 33.29
C VAL B 26 9.64 10.24 33.66
N PHE B 27 8.60 11.04 33.95
CA PHE B 27 7.24 10.55 34.33
C PHE B 27 6.45 10.32 33.06
N TYR B 28 5.56 9.31 33.04
CA TYR B 28 4.69 8.95 31.89
C TYR B 28 3.24 8.70 32.32
N GLY B 29 2.32 9.41 31.68
CA GLY B 29 0.88 9.10 31.63
C GLY B 29 0.53 8.45 30.30
N SER B 30 0.10 7.18 30.33
CA SER B 30 -0.18 6.33 29.14
C SER B 30 -1.23 5.24 29.45
N GLN B 31 -1.89 4.74 28.40
CA GLN B 31 -2.84 3.59 28.41
C GLN B 31 -2.27 2.43 27.57
N THR B 32 -1.86 2.73 26.33
CA THR B 32 -1.41 1.76 25.30
C THR B 32 0.11 1.56 25.36
N GLY B 33 0.83 2.42 26.11
CA GLY B 33 2.26 2.25 26.46
C GLY B 33 3.22 3.01 25.55
N THR B 34 2.71 3.94 24.73
CA THR B 34 3.53 4.82 23.85
C THR B 34 4.34 5.77 24.74
N ALA B 35 3.65 6.47 25.64
CA ALA B 35 4.22 7.45 26.59
C ALA B 35 5.25 6.75 27.50
N GLU B 36 5.06 5.47 27.81
CA GLU B 36 6.01 4.70 28.65
C GLU B 36 7.30 4.43 27.85
N GLU B 37 7.21 4.01 26.59
CA GLU B 37 8.40 3.69 25.76
C GLU B 37 9.17 4.99 25.50
N PHE B 38 8.48 6.07 25.16
CA PHE B 38 9.11 7.40 25.00
C PHE B 38 9.86 7.80 26.28
N ALA B 39 9.20 7.64 27.43
CA ALA B 39 9.77 7.92 28.76
C ALA B 39 11.03 7.08 29.00
N ASN B 40 11.03 5.82 28.54
CA ASN B 40 12.18 4.89 28.67
C ASN B 40 13.27 5.23 27.66
N ARG B 41 12.90 5.79 26.51
CA ARG B 41 13.90 6.27 25.52
C ARG B 41 14.66 7.44 26.14
N LEU B 42 13.96 8.50 26.55
CA LEU B 42 14.56 9.74 27.12
C LEU B 42 15.37 9.37 28.37
N SER B 43 14.80 8.53 29.24
CA SER B 43 15.45 8.04 30.48
C SER B 43 16.79 7.35 30.15
N LYS B 44 16.88 6.67 29.00
CA LYS B 44 18.09 5.91 28.57
C LYS B 44 19.09 6.83 27.85
N ASP B 45 18.64 7.93 27.24
CA ASP B 45 19.51 8.86 26.46
C ASP B 45 20.50 9.55 27.42
N ALA B 46 20.06 9.75 28.67
CA ALA B 46 20.79 10.47 29.74
C ALA B 46 22.27 10.08 29.73
N HIS B 47 22.58 8.77 29.74
CA HIS B 47 23.95 8.18 29.87
C HIS B 47 24.92 8.83 28.89
N ARG B 48 24.53 8.97 27.62
CA ARG B 48 25.45 9.44 26.55
C ARG B 48 25.38 10.96 26.47
N TYR B 49 24.94 11.62 27.56
CA TYR B 49 25.12 13.08 27.82
C TYR B 49 25.75 13.27 29.21
N GLY B 50 26.43 12.22 29.71
CA GLY B 50 27.12 12.21 31.02
C GLY B 50 26.17 12.53 32.16
N MET B 51 24.99 11.90 32.18
CA MET B 51 24.00 12.00 33.28
C MET B 51 23.29 10.64 33.41
N ARG B 52 22.41 10.49 34.41
CA ARG B 52 21.77 9.19 34.77
C ARG B 52 20.26 9.41 34.97
N GLY B 53 19.43 8.59 34.32
CA GLY B 53 17.97 8.82 34.23
C GLY B 53 17.14 7.63 34.68
N MET B 54 15.91 7.89 35.12
CA MET B 54 14.91 6.82 35.45
C MET B 54 13.51 7.22 34.96
N SER B 55 12.83 6.29 34.28
CA SER B 55 11.36 6.31 34.01
C SER B 55 10.59 6.11 35.31
N ALA B 56 9.34 6.59 35.38
CA ALA B 56 8.51 6.49 36.61
C ALA B 56 7.01 6.63 36.29
N ASP B 57 6.20 5.81 36.97
CA ASP B 57 4.71 5.84 36.92
C ASP B 57 4.21 6.80 38.01
N PRO B 58 3.69 8.00 37.67
CA PRO B 58 3.27 8.98 38.69
C PRO B 58 2.26 8.49 39.75
N GLU B 59 1.53 7.41 39.45
CA GLU B 59 0.57 6.75 40.37
C GLU B 59 1.32 6.15 41.57
N GLU B 60 2.48 5.53 41.33
CA GLU B 60 3.28 4.77 42.34
C GLU B 60 4.00 5.71 43.31
N TYR B 61 4.07 7.01 43.03
CA TYR B 61 4.65 8.04 43.94
C TYR B 61 3.64 9.16 44.18
N ASP B 62 3.89 9.97 45.21
CA ASP B 62 3.22 11.28 45.44
C ASP B 62 4.12 12.34 44.79
N LEU B 63 3.59 13.14 43.85
CA LEU B 63 4.41 14.10 43.06
C LEU B 63 4.57 15.43 43.79
N ALA B 64 4.16 15.52 45.06
CA ALA B 64 4.47 16.67 45.93
C ALA B 64 5.97 16.68 46.29
N ASP B 65 6.68 15.55 46.15
CA ASP B 65 8.15 15.43 46.42
C ASP B 65 8.95 16.23 45.36
N LEU B 66 8.32 16.64 44.24
CA LEU B 66 8.89 17.56 43.21
C LEU B 66 9.63 18.73 43.88
N SER B 67 9.13 19.24 45.01
CA SER B 67 9.64 20.45 45.73
C SER B 67 10.93 20.15 46.50
N SER B 68 11.35 18.88 46.54
CA SER B 68 12.63 18.42 47.14
C SER B 68 13.67 18.20 46.03
N LEU B 69 13.29 18.35 44.76
CA LEU B 69 14.13 17.94 43.58
C LEU B 69 15.37 18.81 43.46
N PRO B 70 15.30 20.15 43.69
CA PRO B 70 16.49 21.00 43.62
C PRO B 70 17.62 20.59 44.60
N GLU B 71 17.29 19.78 45.61
CA GLU B 71 18.24 19.11 46.53
C GLU B 71 19.22 18.20 45.75
N ILE B 72 19.09 18.09 44.41
CA ILE B 72 20.08 17.41 43.52
C ILE B 72 20.56 18.43 42.46
N ASP B 73 21.83 18.36 42.08
CA ASP B 73 22.48 19.34 41.17
C ASP B 73 22.13 18.99 39.73
N LYS B 74 21.79 20.01 38.92
CA LYS B 74 21.42 19.86 37.50
C LYS B 74 20.21 18.91 37.39
N SER B 75 19.28 19.01 38.34
CA SER B 75 18.09 18.13 38.44
C SER B 75 17.02 18.58 37.44
N LEU B 76 16.54 17.64 36.61
CA LEU B 76 15.53 17.87 35.54
C LEU B 76 14.45 16.78 35.62
N VAL B 77 13.19 17.14 35.37
CA VAL B 77 12.05 16.18 35.30
C VAL B 77 11.33 16.40 33.97
N VAL B 78 11.07 15.33 33.23
CA VAL B 78 10.32 15.40 31.94
C VAL B 78 9.00 14.62 32.10
N PHE B 79 7.92 15.15 31.52
CA PHE B 79 6.58 14.52 31.50
C PHE B 79 6.22 14.13 30.08
N CYS B 80 6.11 12.82 29.83
CA CYS B 80 5.55 12.23 28.57
C CYS B 80 4.09 11.86 28.83
N MET B 81 3.15 12.70 28.40
CA MET B 81 1.72 12.62 28.82
C MET B 81 0.85 12.55 27.59
N ALA B 82 0.04 11.49 27.50
CA ALA B 82 -1.04 11.37 26.50
C ALA B 82 -2.31 11.99 27.08
N THR B 83 -3.05 12.70 26.24
CA THR B 83 -4.39 13.27 26.51
C THR B 83 -5.45 12.24 26.09
N TYR B 84 -6.55 12.14 26.85
CA TYR B 84 -7.68 11.20 26.58
C TYR B 84 -9.03 11.92 26.72
N GLY B 85 -10.10 11.22 26.30
CA GLY B 85 -11.53 11.62 26.35
C GLY B 85 -11.72 13.05 26.79
N GLU B 86 -11.90 13.97 25.84
CA GLU B 86 -12.19 15.40 26.09
C GLU B 86 -11.22 15.95 27.14
N GLY B 87 -9.91 15.82 26.91
CA GLY B 87 -8.84 16.38 27.76
C GLY B 87 -8.78 15.72 29.12
N ASP B 88 -8.25 14.49 29.18
CA ASP B 88 -8.24 13.65 30.40
C ASP B 88 -6.85 13.07 30.63
N PRO B 89 -6.25 13.29 31.81
CA PRO B 89 -5.07 12.53 32.24
C PRO B 89 -5.32 11.02 32.06
N THR B 90 -4.26 10.30 31.73
CA THR B 90 -4.30 8.86 31.38
C THR B 90 -4.52 8.02 32.64
N ASP B 91 -5.71 8.06 33.23
CA ASP B 91 -6.08 7.29 34.46
C ASP B 91 -4.96 7.37 35.51
N ASN B 92 -3.86 6.64 35.29
CA ASN B 92 -2.67 6.56 36.18
C ASN B 92 -2.05 7.95 36.39
N ALA B 93 -2.54 8.97 35.68
CA ALA B 93 -2.08 10.37 35.80
C ALA B 93 -3.03 11.20 36.68
N GLN B 94 -4.19 10.65 37.08
CA GLN B 94 -5.26 11.40 37.80
C GLN B 94 -4.68 12.05 39.06
N ASP B 95 -4.08 11.26 39.96
CA ASP B 95 -3.41 11.76 41.20
C ASP B 95 -2.59 13.02 40.89
N PHE B 96 -1.73 12.95 39.88
CA PHE B 96 -0.89 14.09 39.41
C PHE B 96 -1.82 15.23 39.02
N TYR B 97 -2.73 14.99 38.07
CA TYR B 97 -3.65 15.99 37.48
C TYR B 97 -4.54 16.60 38.57
N ASP B 98 -5.12 15.74 39.42
CA ASP B 98 -5.84 16.14 40.66
C ASP B 98 -4.90 17.09 41.42
N TRP B 99 -3.69 16.62 41.79
CA TRP B 99 -2.70 17.33 42.66
C TRP B 99 -2.29 18.68 42.06
N LEU B 100 -2.32 18.82 40.72
CA LEU B 100 -1.88 20.06 40.02
C LEU B 100 -2.95 21.15 40.22
N GLN B 101 -4.16 20.95 39.68
CA GLN B 101 -5.37 21.79 39.95
C GLN B 101 -5.59 21.88 41.46
N GLU B 102 -5.01 20.94 42.21
CA GLU B 102 -5.21 20.74 43.68
C GLU B 102 -4.47 21.84 44.46
N THR B 103 -3.46 21.45 45.25
CA THR B 103 -2.72 22.35 46.18
C THR B 103 -1.47 22.87 45.46
N ASP B 104 -1.27 24.19 45.55
CA ASP B 104 -0.11 24.90 44.96
C ASP B 104 1.02 24.96 45.99
N VAL B 105 1.80 23.88 46.10
CA VAL B 105 3.14 23.89 46.79
C VAL B 105 4.07 24.74 45.92
N ASP B 106 5.09 25.40 46.49
CA ASP B 106 6.03 26.24 45.70
C ASP B 106 7.11 25.33 45.12
N LEU B 107 7.30 25.39 43.79
CA LEU B 107 8.27 24.55 43.01
C LEU B 107 9.37 25.45 42.41
N THR B 108 9.85 26.44 43.15
CA THR B 108 11.02 27.27 42.74
C THR B 108 12.28 26.41 42.86
N GLY B 109 13.06 26.29 41.77
CA GLY B 109 14.29 25.49 41.69
C GLY B 109 14.15 24.30 40.75
N VAL B 110 12.91 23.85 40.52
CA VAL B 110 12.56 22.70 39.63
C VAL B 110 12.76 23.12 38.17
N LYS B 111 13.62 22.42 37.44
CA LYS B 111 13.77 22.54 35.96
C LYS B 111 12.94 21.44 35.29
N PHE B 112 12.02 21.80 34.39
CA PHE B 112 11.10 20.83 33.72
C PHE B 112 11.13 21.02 32.20
N ALA B 113 10.50 20.07 31.50
CA ALA B 113 10.19 20.06 30.06
C ALA B 113 9.16 18.96 29.77
N VAL B 114 8.16 19.23 28.94
CA VAL B 114 7.02 18.28 28.71
C VAL B 114 7.03 17.82 27.26
N PHE B 115 6.55 16.59 27.00
CA PHE B 115 6.15 16.09 25.66
C PHE B 115 4.71 15.57 25.68
N GLY B 116 3.86 16.13 24.81
CA GLY B 116 2.44 15.74 24.65
C GLY B 116 2.24 14.71 23.55
N LEU B 117 1.61 13.57 23.87
CA LEU B 117 1.06 12.58 22.89
C LEU B 117 -0.41 12.93 22.64
N GLY B 118 -0.84 12.89 21.38
CA GLY B 118 -2.21 13.27 21.02
C GLY B 118 -2.50 13.05 19.55
N ASN B 119 -3.54 13.72 19.05
CA ASN B 119 -4.11 13.50 17.70
C ASN B 119 -5.03 14.68 17.33
N LYS B 120 -4.72 15.41 16.25
CA LYS B 120 -5.35 16.71 15.91
C LYS B 120 -6.84 16.55 15.57
N THR B 121 -7.36 15.31 15.45
CA THR B 121 -8.79 15.02 15.13
C THR B 121 -9.67 15.48 16.31
N TYR B 122 -9.30 15.16 17.55
CA TYR B 122 -10.13 15.41 18.77
C TYR B 122 -10.20 16.90 19.08
N GLU B 123 -11.33 17.35 19.64
CA GLU B 123 -11.58 18.74 20.11
C GLU B 123 -10.33 19.22 20.85
N HIS B 124 -10.20 18.82 22.12
CA HIS B 124 -9.13 19.22 23.06
C HIS B 124 -7.81 18.59 22.62
N PHE B 125 -7.15 19.15 21.61
CA PHE B 125 -5.92 18.59 21.00
C PHE B 125 -4.74 18.71 21.99
N ASN B 126 -4.25 17.55 22.45
CA ASN B 126 -3.06 17.41 23.35
C ASN B 126 -3.24 18.29 24.59
N ALA B 127 -4.46 18.35 25.12
CA ALA B 127 -4.89 19.25 26.22
C ALA B 127 -4.11 18.97 27.51
N MET B 128 -3.73 17.71 27.76
CA MET B 128 -3.04 17.28 29.01
C MET B 128 -1.62 17.87 29.04
N GLY B 129 -0.79 17.49 28.07
CA GLY B 129 0.56 18.06 27.88
C GLY B 129 0.52 19.56 28.09
N LYS B 130 -0.42 20.24 27.43
CA LYS B 130 -0.64 21.71 27.54
C LYS B 130 -0.87 22.07 29.02
N TYR B 131 -1.88 21.46 29.66
CA TYR B 131 -2.26 21.76 31.07
C TYR B 131 -1.04 21.55 31.98
N VAL B 132 -0.45 20.34 32.00
CA VAL B 132 0.68 19.99 32.89
C VAL B 132 1.79 21.05 32.73
N ASP B 133 2.06 21.48 31.48
CA ASP B 133 3.11 22.49 31.17
C ASP B 133 2.72 23.86 31.74
N GLN B 134 1.45 24.29 31.57
CA GLN B 134 0.94 25.60 32.04
C GLN B 134 1.06 25.67 33.57
N ARG B 135 0.53 24.64 34.26
CA ARG B 135 0.34 24.63 35.73
C ARG B 135 1.70 24.56 36.42
N LEU B 136 2.65 23.78 35.90
CA LEU B 136 4.00 23.60 36.52
C LEU B 136 4.72 24.97 36.62
N GLU B 137 4.81 25.68 35.50
CA GLU B 137 5.47 27.02 35.42
C GLU B 137 4.78 27.96 36.39
N GLN B 138 3.46 27.80 36.56
CA GLN B 138 2.59 28.62 37.46
C GLN B 138 2.91 28.37 38.94
N LEU B 139 3.88 27.50 39.25
CA LEU B 139 4.35 27.22 40.64
C LEU B 139 5.83 27.59 40.79
N GLY B 140 6.36 28.44 39.90
CA GLY B 140 7.73 28.98 39.98
C GLY B 140 8.78 28.01 39.47
N ALA B 141 8.37 26.99 38.71
CA ALA B 141 9.26 26.02 38.01
C ALA B 141 9.71 26.64 36.68
N GLN B 142 10.90 26.24 36.22
CA GLN B 142 11.54 26.75 34.97
C GLN B 142 11.41 25.72 33.84
N ARG B 143 10.63 26.06 32.81
CA ARG B 143 10.64 25.38 31.48
C ARG B 143 12.07 25.49 30.91
N ILE B 144 12.73 24.35 30.73
CA ILE B 144 14.13 24.25 30.20
C ILE B 144 14.08 24.05 28.68
N PHE B 145 12.91 23.75 28.13
CA PHE B 145 12.69 23.46 26.69
C PHE B 145 11.18 23.49 26.39
N GLU B 146 10.84 23.90 25.17
CA GLU B 146 9.44 24.07 24.68
C GLU B 146 8.67 22.76 24.89
N LEU B 147 7.34 22.84 24.95
CA LEU B 147 6.39 21.70 24.98
C LEU B 147 6.31 21.04 23.60
N GLY B 148 6.37 19.71 23.54
CA GLY B 148 6.20 18.92 22.29
C GLY B 148 4.76 18.49 22.11
N LEU B 149 4.19 18.78 20.92
CA LEU B 149 2.77 18.50 20.58
C LEU B 149 2.69 17.41 19.52
N GLY B 150 2.93 16.16 19.93
CA GLY B 150 2.89 14.96 19.08
C GLY B 150 1.48 14.65 18.59
N ASP B 151 1.34 14.52 17.26
CA ASP B 151 0.06 14.23 16.56
C ASP B 151 0.09 12.82 15.95
N ASP B 152 -0.78 11.92 16.45
CA ASP B 152 -0.84 10.47 16.07
C ASP B 152 -1.63 10.30 14.75
N ASP B 153 -2.14 11.41 14.19
CA ASP B 153 -2.88 11.51 12.89
C ASP B 153 -1.91 11.87 11.76
N GLY B 154 -0.61 11.87 12.05
CA GLY B 154 0.48 11.90 11.06
C GLY B 154 1.48 10.81 11.41
N ASN B 155 2.51 11.17 12.17
CA ASN B 155 3.43 10.20 12.82
C ASN B 155 3.91 10.78 14.17
N LEU B 156 3.40 10.20 15.26
CA LEU B 156 3.78 10.54 16.66
C LEU B 156 5.24 10.11 16.91
N GLU B 157 5.67 9.02 16.29
CA GLU B 157 7.07 8.49 16.38
C GLU B 157 8.00 9.61 15.90
N GLU B 158 7.76 10.14 14.69
CA GLU B 158 8.65 11.14 14.02
C GLU B 158 8.64 12.48 14.76
N ASP B 159 7.53 12.80 15.44
CA ASP B 159 7.34 14.08 16.18
C ASP B 159 8.16 14.04 17.48
N PHE B 160 8.29 12.85 18.07
CA PHE B 160 9.17 12.58 19.23
C PHE B 160 10.64 12.67 18.78
N ILE B 161 10.94 12.14 17.60
CA ILE B 161 12.33 12.14 17.04
C ILE B 161 12.78 13.60 16.93
N THR B 162 11.93 14.48 16.38
CA THR B 162 12.22 15.91 16.14
C THR B 162 12.33 16.66 17.47
N TRP B 163 11.35 16.47 18.36
CA TRP B 163 11.37 17.07 19.72
C TRP B 163 12.73 16.76 20.36
N ARG B 164 13.01 15.45 20.51
CA ARG B 164 14.20 14.91 21.23
C ARG B 164 15.50 15.44 20.62
N GLU B 165 15.55 15.59 19.30
CA GLU B 165 16.80 15.94 18.56
C GLU B 165 17.29 17.32 19.04
N GLN B 166 16.35 18.24 19.34
CA GLN B 166 16.62 19.63 19.80
C GLN B 166 16.61 19.72 21.32
N PHE B 167 15.90 18.81 22.00
CA PHE B 167 15.75 18.76 23.48
C PHE B 167 17.10 18.50 24.15
N TRP B 168 17.91 17.60 23.58
CA TRP B 168 19.14 17.12 24.28
C TRP B 168 20.23 18.18 24.29
N PRO B 169 20.53 18.89 23.17
CA PRO B 169 21.43 20.05 23.21
C PRO B 169 21.01 21.13 24.23
N ALA B 170 19.69 21.29 24.42
CA ALA B 170 19.05 22.30 25.31
C ALA B 170 19.35 21.99 26.78
N VAL B 171 19.24 20.72 27.16
CA VAL B 171 19.67 20.15 28.48
C VAL B 171 21.20 20.25 28.60
N CYS B 172 21.94 20.08 27.48
CA CYS B 172 23.42 20.21 27.42
C CYS B 172 23.86 21.65 27.66
N GLU B 173 23.20 22.63 27.03
CA GLU B 173 23.54 24.07 27.18
C GLU B 173 23.14 24.57 28.58
N PHE B 174 22.01 24.10 29.12
CA PHE B 174 21.44 24.62 30.39
C PHE B 174 22.16 24.02 31.60
N PHE B 175 22.74 22.81 31.50
CA PHE B 175 23.40 22.12 32.64
C PHE B 175 24.92 22.08 32.48
N GLY B 176 25.43 22.39 31.27
CA GLY B 176 26.87 22.49 30.94
C GLY B 176 27.51 21.11 30.78
N VAL B 177 26.81 20.16 30.16
CA VAL B 177 27.24 18.74 30.08
C VAL B 177 27.60 18.41 28.62
N GLU B 178 28.49 17.44 28.44
CA GLU B 178 29.11 17.08 27.15
C GLU B 178 28.44 15.84 26.56
N ALA B 179 28.09 15.90 25.26
CA ALA B 179 27.59 14.76 24.45
C ALA B 179 28.75 13.79 24.16
N THR B 180 28.84 12.71 24.95
CA THR B 180 29.82 11.60 24.83
C THR B 180 30.09 11.31 23.34
N SER B 184 28.22 3.76 22.68
CA SER B 184 28.33 2.38 23.26
C SER B 184 26.95 1.88 23.68
N SER B 185 26.47 0.82 23.01
CA SER B 185 25.20 0.10 23.33
C SER B 185 24.96 0.13 24.84
N ILE B 186 23.75 0.51 25.24
CA ILE B 186 23.36 0.72 26.67
C ILE B 186 22.18 -0.19 26.98
N ARG B 187 22.46 -1.41 27.45
CA ARG B 187 21.42 -2.45 27.71
C ARG B 187 20.76 -2.20 29.06
N GLN B 188 19.51 -2.69 29.21
CA GLN B 188 18.63 -2.47 30.38
C GLN B 188 18.62 -3.72 31.25
N TYR B 189 18.82 -4.91 30.66
CA TYR B 189 18.66 -6.23 31.33
C TYR B 189 19.88 -7.11 31.07
N GLU B 190 20.06 -8.12 31.93
CA GLU B 190 21.16 -9.12 31.88
C GLU B 190 20.55 -10.52 31.69
N LEU B 191 21.09 -11.29 30.74
CA LEU B 191 20.66 -12.69 30.46
C LEU B 191 21.25 -13.64 31.53
N VAL B 192 20.37 -14.31 32.26
CA VAL B 192 20.64 -15.58 33.00
C VAL B 192 20.00 -16.72 32.21
N VAL B 193 20.81 -17.70 31.77
CA VAL B 193 20.32 -19.00 31.21
C VAL B 193 20.28 -19.99 32.39
N HIS B 194 19.11 -20.58 32.63
CA HIS B 194 18.85 -21.56 33.73
C HIS B 194 19.00 -22.97 33.16
N GLU B 195 20.18 -23.57 33.26
CA GLU B 195 20.52 -24.87 32.60
C GLU B 195 19.96 -26.03 33.44
N ASP B 196 19.68 -25.79 34.73
CA ASP B 196 18.98 -26.76 35.62
C ASP B 196 17.85 -26.01 36.30
N MET B 197 16.60 -26.50 36.16
CA MET B 197 15.42 -25.88 36.82
C MET B 197 14.18 -26.76 36.71
N ASP B 198 13.52 -26.99 37.85
CA ASP B 198 12.20 -27.67 37.99
C ASP B 198 11.20 -27.08 36.98
N VAL B 199 10.34 -27.93 36.39
CA VAL B 199 9.35 -27.57 35.33
C VAL B 199 8.38 -26.51 35.86
N ALA B 200 8.06 -26.59 37.16
CA ALA B 200 6.98 -25.82 37.83
C ALA B 200 7.41 -24.38 38.11
N LYS B 201 8.69 -24.03 37.96
CA LYS B 201 9.22 -22.66 38.27
C LYS B 201 9.12 -21.77 37.03
N VAL B 202 8.67 -22.33 35.88
CA VAL B 202 8.78 -21.73 34.51
C VAL B 202 7.41 -21.24 34.04
N TYR B 203 7.29 -19.95 33.71
CA TYR B 203 6.09 -19.30 33.08
C TYR B 203 5.89 -19.84 31.67
N THR B 204 4.63 -20.08 31.29
CA THR B 204 4.26 -20.77 30.04
C THR B 204 3.16 -19.97 29.32
N GLY B 205 3.26 -18.64 29.39
CA GLY B 205 2.25 -17.73 28.84
C GLY B 205 1.42 -17.03 29.90
N GLU B 206 1.46 -17.48 31.18
CA GLU B 206 0.75 -16.78 32.29
C GLU B 206 1.17 -15.31 32.30
N MET B 207 0.20 -14.41 32.48
CA MET B 207 0.39 -12.93 32.46
C MET B 207 0.59 -12.37 33.89
N GLY B 208 0.20 -13.15 34.91
CA GLY B 208 0.22 -12.71 36.33
C GLY B 208 1.17 -13.55 37.19
N ARG B 209 0.65 -14.17 38.25
CA ARG B 209 1.42 -15.08 39.14
C ARG B 209 1.59 -16.43 38.46
N LEU B 210 2.62 -17.18 38.84
CA LEU B 210 2.91 -18.52 38.27
C LEU B 210 1.72 -19.44 38.53
N LYS B 211 1.18 -20.05 37.47
CA LYS B 211 0.07 -21.06 37.43
C LYS B 211 -1.31 -20.40 37.54
N SER B 212 -1.41 -19.08 37.39
CA SER B 212 -2.69 -18.35 37.15
C SER B 212 -3.59 -19.13 36.18
N TYR B 213 -3.10 -19.49 34.99
CA TYR B 213 -3.88 -20.10 33.89
C TYR B 213 -4.36 -21.51 34.31
N GLU B 214 -3.66 -22.15 35.24
CA GLU B 214 -4.00 -23.51 35.77
C GLU B 214 -4.94 -23.39 36.98
N ASN B 215 -4.53 -22.68 38.02
CA ASN B 215 -5.30 -22.46 39.27
C ASN B 215 -6.00 -21.11 39.20
N GLN B 216 -7.27 -21.10 38.77
CA GLN B 216 -8.03 -19.85 38.44
C GLN B 216 -8.76 -19.35 39.69
N LYS B 217 -8.25 -18.27 40.30
CA LYS B 217 -8.81 -17.58 41.49
C LYS B 217 -9.36 -16.21 41.12
N PRO B 218 -10.67 -15.96 41.40
CA PRO B 218 -11.25 -14.61 41.33
C PRO B 218 -10.58 -13.62 42.28
N PRO B 219 -10.56 -12.29 41.96
CA PRO B 219 -11.24 -11.73 40.80
C PRO B 219 -10.36 -11.65 39.53
N PHE B 220 -10.97 -11.92 38.37
CA PHE B 220 -10.31 -11.90 37.04
C PHE B 220 -10.32 -10.49 36.42
N ASP B 221 -9.16 -10.06 35.92
CA ASP B 221 -8.88 -8.68 35.45
C ASP B 221 -7.61 -8.71 34.59
N ALA B 222 -7.20 -7.54 34.08
CA ALA B 222 -6.00 -7.37 33.24
C ALA B 222 -4.87 -8.24 33.79
N LYS B 223 -4.53 -8.09 35.07
CA LYS B 223 -3.28 -8.66 35.68
C LYS B 223 -3.45 -10.17 35.94
N ASN B 224 -4.68 -10.69 35.91
CA ASN B 224 -5.03 -12.11 36.16
C ASN B 224 -6.29 -12.44 35.35
N PRO B 225 -6.19 -12.75 34.04
CA PRO B 225 -7.38 -13.00 33.23
C PRO B 225 -8.04 -14.37 33.44
N PHE B 226 -9.25 -14.51 32.92
CA PHE B 226 -10.05 -15.75 33.02
C PHE B 226 -9.91 -16.53 31.69
N LEU B 227 -9.59 -17.81 31.78
CA LEU B 227 -9.51 -18.72 30.61
C LEU B 227 -10.92 -19.24 30.33
N ALA B 228 -11.63 -18.52 29.46
CA ALA B 228 -13.02 -18.83 29.05
C ALA B 228 -12.98 -19.89 27.94
N ALA B 229 -13.67 -21.00 28.15
CA ALA B 229 -13.84 -22.05 27.12
C ALA B 229 -14.63 -21.48 25.93
N VAL B 230 -14.09 -21.64 24.72
CA VAL B 230 -14.82 -21.37 23.46
C VAL B 230 -15.87 -22.47 23.30
N THR B 231 -17.18 -22.11 23.31
CA THR B 231 -18.31 -23.06 23.16
C THR B 231 -18.88 -23.02 21.73
N ALA B 232 -18.77 -21.87 21.04
CA ALA B 232 -19.19 -21.68 19.64
C ALA B 232 -18.18 -20.80 18.91
N ASN B 233 -17.92 -21.10 17.63
CA ASN B 233 -16.99 -20.33 16.77
C ASN B 233 -17.43 -20.48 15.33
N ARG B 234 -18.36 -19.64 14.87
CA ARG B 234 -19.01 -19.87 13.55
C ARG B 234 -18.79 -18.69 12.60
N LYS B 235 -18.64 -19.05 11.33
CA LYS B 235 -18.59 -18.12 10.17
C LYS B 235 -19.93 -17.39 10.05
N LEU B 236 -19.92 -16.05 10.19
CA LEU B 236 -21.12 -15.17 10.08
C LEU B 236 -21.42 -14.82 8.62
N ASN B 237 -20.39 -14.52 7.84
CA ASN B 237 -20.55 -14.04 6.44
C ASN B 237 -20.80 -15.26 5.56
N GLN B 238 -21.48 -15.06 4.43
CA GLN B 238 -21.95 -16.11 3.49
C GLN B 238 -20.88 -16.28 2.40
N GLY B 239 -20.27 -15.20 1.96
CA GLY B 239 -19.16 -15.24 0.99
C GLY B 239 -17.84 -15.56 1.65
N THR B 240 -16.76 -15.55 0.85
CA THR B 240 -15.35 -15.77 1.28
C THR B 240 -14.44 -14.61 0.87
N GLU B 241 -14.95 -13.48 0.38
CA GLU B 241 -14.13 -12.25 0.18
C GLU B 241 -13.26 -12.07 1.43
N ARG B 242 -13.86 -12.39 2.57
CA ARG B 242 -13.30 -12.15 3.92
C ARG B 242 -13.78 -13.26 4.85
N HIS B 243 -13.32 -13.23 6.10
CA HIS B 243 -13.77 -14.14 7.18
C HIS B 243 -14.27 -13.32 8.37
N LEU B 244 -15.58 -13.35 8.63
CA LEU B 244 -16.21 -12.73 9.82
C LEU B 244 -16.84 -13.81 10.70
N MET B 245 -16.56 -13.74 12.00
CA MET B 245 -16.76 -14.87 12.93
C MET B 245 -17.52 -14.41 14.19
N HIS B 246 -18.35 -15.30 14.72
CA HIS B 246 -19.15 -15.11 15.97
C HIS B 246 -18.63 -16.10 17.00
N LEU B 247 -17.94 -15.61 18.04
CA LEU B 247 -17.38 -16.47 19.10
C LEU B 247 -18.22 -16.32 20.37
N GLU B 248 -18.35 -17.42 21.10
CA GLU B 248 -19.07 -17.47 22.40
C GLU B 248 -18.11 -18.04 23.44
N LEU B 249 -17.77 -17.22 24.43
CA LEU B 249 -16.79 -17.55 25.49
C LEU B 249 -17.58 -17.85 26.77
N ASP B 250 -17.37 -19.03 27.35
CA ASP B 250 -18.04 -19.48 28.59
C ASP B 250 -17.28 -18.87 29.77
N ILE B 251 -17.94 -17.99 30.53
CA ILE B 251 -17.36 -17.35 31.75
C ILE B 251 -18.04 -17.95 32.99
N SER B 252 -18.78 -19.05 32.83
CA SER B 252 -19.38 -19.82 33.95
C SER B 252 -18.37 -19.89 35.11
N ASP B 253 -18.85 -19.61 36.33
CA ASP B 253 -18.07 -19.79 37.59
C ASP B 253 -16.86 -18.87 37.60
N SER B 254 -16.93 -17.70 36.93
CA SER B 254 -15.87 -16.65 36.93
C SER B 254 -16.17 -15.52 37.93
N LYS B 255 -17.44 -15.35 38.30
CA LYS B 255 -17.96 -14.23 39.12
C LYS B 255 -17.81 -12.93 38.33
N ILE B 256 -17.62 -13.03 37.01
CA ILE B 256 -17.47 -11.85 36.08
C ILE B 256 -18.86 -11.34 35.72
N ARG B 257 -19.04 -10.02 35.85
CA ARG B 257 -20.25 -9.26 35.48
C ARG B 257 -19.91 -8.37 34.28
N TYR B 258 -20.86 -8.28 33.34
CA TYR B 258 -20.78 -7.34 32.20
C TYR B 258 -22.20 -6.85 31.88
N GLU B 259 -22.28 -5.71 31.20
CA GLU B 259 -23.50 -5.21 30.55
C GLU B 259 -23.20 -5.07 29.05
N SER B 260 -24.24 -5.07 28.20
CA SER B 260 -24.14 -4.71 26.77
C SER B 260 -23.59 -3.30 26.67
N GLY B 261 -22.61 -3.08 25.79
CA GLY B 261 -21.84 -1.84 25.69
C GLY B 261 -20.45 -2.00 26.28
N ASP B 262 -20.20 -3.10 27.00
CA ASP B 262 -18.87 -3.39 27.59
C ASP B 262 -17.98 -4.11 26.57
N HIS B 263 -16.69 -4.13 26.88
CA HIS B 263 -15.62 -4.73 26.06
C HIS B 263 -15.10 -6.00 26.72
N VAL B 264 -14.76 -6.99 25.90
CA VAL B 264 -14.01 -8.20 26.32
C VAL B 264 -12.61 -8.07 25.74
N ALA B 265 -11.59 -8.18 26.57
CA ALA B 265 -10.16 -8.10 26.16
C ALA B 265 -9.61 -9.52 26.15
N VAL B 266 -8.81 -9.87 25.13
CA VAL B 266 -8.18 -11.21 25.04
C VAL B 266 -6.66 -11.07 24.95
N TYR B 267 -5.94 -12.05 25.49
CA TYR B 267 -4.47 -12.20 25.36
C TYR B 267 -4.24 -13.33 24.38
N PRO B 268 -3.75 -13.05 23.16
CA PRO B 268 -3.61 -14.07 22.13
C PRO B 268 -2.17 -14.62 22.09
N ALA B 269 -1.99 -15.68 21.32
CA ALA B 269 -0.68 -16.28 21.01
C ALA B 269 -0.24 -15.84 19.62
N ASN B 270 1.04 -15.50 19.47
CA ASN B 270 1.62 -15.23 18.13
C ASN B 270 1.65 -16.53 17.33
N ASP B 271 1.60 -16.40 16.00
CA ASP B 271 1.72 -17.51 15.01
C ASP B 271 2.99 -18.33 15.32
N SER B 272 2.84 -19.63 15.55
CA SER B 272 3.96 -20.55 15.91
C SER B 272 5.08 -20.45 14.87
N ALA B 273 4.72 -20.49 13.57
CA ALA B 273 5.67 -20.50 12.42
C ALA B 273 6.54 -19.23 12.43
N LEU B 274 5.94 -18.04 12.63
CA LEU B 274 6.67 -16.75 12.77
C LEU B 274 7.70 -16.83 13.91
N VAL B 275 7.34 -17.45 15.02
CA VAL B 275 8.21 -17.60 16.23
C VAL B 275 9.37 -18.53 15.89
N ASN B 276 9.04 -19.73 15.36
CA ASN B 276 9.99 -20.75 14.84
C ASN B 276 11.03 -20.12 13.90
N GLN B 277 10.58 -19.31 12.94
CA GLN B 277 11.46 -18.69 11.93
C GLN B 277 12.33 -17.60 12.57
N ILE B 278 11.81 -16.82 13.51
CA ILE B 278 12.67 -15.83 14.20
C ILE B 278 13.83 -16.60 14.84
N GLY B 279 13.52 -17.79 15.38
CA GLY B 279 14.50 -18.65 16.06
C GLY B 279 15.51 -19.24 15.09
N GLU B 280 15.01 -19.90 14.04
CA GLU B 280 15.81 -20.56 12.96
C GLU B 280 16.79 -19.52 12.39
N ILE B 281 16.29 -18.37 11.90
CA ILE B 281 17.11 -17.32 11.19
C ILE B 281 18.18 -16.72 12.11
N LEU B 282 17.98 -16.73 13.44
CA LEU B 282 18.98 -16.24 14.43
C LEU B 282 19.89 -17.39 14.90
N GLY B 283 19.54 -18.64 14.57
CA GLY B 283 20.27 -19.85 14.99
C GLY B 283 20.22 -20.06 16.50
N ALA B 284 19.11 -19.68 17.12
CA ALA B 284 18.84 -19.78 18.58
C ALA B 284 18.03 -21.05 18.86
N ASP B 285 18.31 -21.69 20.01
CA ASP B 285 17.39 -22.67 20.65
C ASP B 285 16.30 -21.86 21.35
N LEU B 286 15.04 -21.99 20.92
CA LEU B 286 13.88 -21.30 21.54
C LEU B 286 13.48 -21.96 22.87
N ASP B 287 13.84 -23.24 23.03
CA ASP B 287 13.43 -24.06 24.20
C ASP B 287 14.44 -23.91 25.34
N VAL B 288 15.28 -22.87 25.32
CA VAL B 288 16.20 -22.52 26.44
C VAL B 288 15.40 -21.74 27.50
N ILE B 289 15.31 -22.27 28.72
CA ILE B 289 14.77 -21.55 29.92
C ILE B 289 15.78 -20.47 30.33
N MET B 290 15.35 -19.22 30.42
CA MET B 290 16.23 -18.04 30.69
C MET B 290 15.44 -17.00 31.50
N SER B 291 16.12 -15.92 31.90
CA SER B 291 15.55 -14.71 32.56
C SER B 291 16.30 -13.47 32.07
N LEU B 292 15.60 -12.35 31.91
CA LEU B 292 16.25 -11.02 31.77
C LEU B 292 16.04 -10.23 33.06
N ASN B 293 17.09 -10.09 33.86
CA ASN B 293 17.05 -9.40 35.18
C ASN B 293 17.51 -7.97 34.94
N ASN B 294 16.80 -6.99 35.50
CA ASN B 294 17.10 -5.53 35.33
C ASN B 294 18.46 -5.21 35.95
N LEU B 295 19.30 -4.44 35.23
CA LEU B 295 20.66 -4.02 35.66
C LEU B 295 20.54 -3.00 36.80
N ASP B 296 19.45 -2.23 36.84
CA ASP B 296 18.94 -1.52 38.05
C ASP B 296 18.25 -2.56 38.95
N GLU B 297 18.88 -2.91 40.07
CA GLU B 297 18.33 -3.85 41.08
C GLU B 297 17.52 -3.05 42.11
N GLU B 298 17.03 -1.85 41.75
CA GLU B 298 16.28 -0.92 42.63
C GLU B 298 14.91 -0.56 42.02
N SER B 299 14.52 -1.21 40.93
CA SER B 299 13.24 -0.93 40.21
C SER B 299 12.21 -2.00 40.56
N ASN B 300 10.95 -1.76 40.20
CA ASN B 300 9.83 -2.73 40.29
C ASN B 300 9.86 -3.65 39.06
N LYS B 301 10.06 -3.06 37.86
CA LYS B 301 10.14 -3.77 36.56
C LYS B 301 11.52 -4.47 36.49
N LYS B 302 11.58 -5.70 36.98
CA LYS B 302 12.82 -6.48 37.29
C LYS B 302 13.06 -7.53 36.20
N HIS B 303 12.00 -7.97 35.53
CA HIS B 303 12.07 -8.58 34.17
C HIS B 303 11.23 -7.74 33.21
N PRO B 304 11.50 -7.79 31.88
CA PRO B 304 10.60 -7.16 30.91
C PRO B 304 9.25 -7.90 30.78
N PHE B 305 9.15 -9.13 31.30
CA PHE B 305 8.01 -10.06 31.12
C PHE B 305 8.19 -11.28 32.01
N PRO B 306 7.10 -11.99 32.41
CA PRO B 306 7.20 -13.12 33.33
C PRO B 306 8.35 -14.11 33.07
N CYS B 307 9.46 -13.94 33.81
CA CYS B 307 10.63 -14.84 33.85
C CYS B 307 10.62 -15.59 35.18
N PRO B 308 11.17 -16.82 35.24
CA PRO B 308 11.90 -17.43 34.12
C PRO B 308 10.97 -18.12 33.10
N THR B 309 11.37 -18.10 31.83
CA THR B 309 10.58 -18.69 30.70
C THR B 309 11.52 -19.11 29.55
N THR B 310 10.98 -19.84 28.57
CA THR B 310 11.68 -20.13 27.30
C THR B 310 11.55 -18.89 26.40
N TYR B 311 12.47 -18.76 25.43
CA TYR B 311 12.37 -17.75 24.35
C TYR B 311 11.06 -18.01 23.60
N ARG B 312 10.80 -19.28 23.23
CA ARG B 312 9.55 -19.66 22.50
C ARG B 312 8.35 -18.99 23.17
N THR B 313 8.25 -19.06 24.50
CA THR B 313 7.13 -18.50 25.28
C THR B 313 7.20 -16.96 25.22
N ALA B 314 8.36 -16.35 25.39
CA ALA B 314 8.41 -14.86 25.38
C ALA B 314 7.88 -14.36 24.03
N LEU B 315 8.32 -14.97 22.93
CA LEU B 315 8.02 -14.54 21.54
C LEU B 315 6.58 -14.95 21.15
N THR B 316 6.00 -15.94 21.85
CA THR B 316 4.64 -16.47 21.59
C THR B 316 3.59 -15.71 22.40
N TYR B 317 3.80 -15.51 23.71
CA TYR B 317 2.75 -14.95 24.61
C TYR B 317 3.06 -13.54 25.10
N TYR B 318 4.33 -13.08 25.12
CA TYR B 318 4.74 -11.84 25.84
C TYR B 318 5.22 -10.74 24.90
N LEU B 319 5.73 -11.05 23.70
CA LEU B 319 6.45 -10.04 22.88
C LEU B 319 5.68 -9.75 21.58
N ASP B 320 5.69 -8.49 21.15
CA ASP B 320 5.07 -8.05 19.88
C ASP B 320 6.07 -8.30 18.74
N ILE B 321 5.82 -9.30 17.88
CA ILE B 321 6.73 -9.69 16.76
C ILE B 321 6.14 -9.30 15.40
N THR B 322 4.97 -8.65 15.35
CA THR B 322 4.25 -8.33 14.08
C THR B 322 4.22 -6.83 13.81
N ASN B 323 4.07 -6.00 14.84
CA ASN B 323 4.05 -4.53 14.63
C ASN B 323 5.44 -4.10 14.18
N PRO B 324 5.55 -3.11 13.27
CA PRO B 324 6.85 -2.69 12.74
C PRO B 324 7.71 -2.05 13.82
N PRO B 325 8.97 -2.50 14.01
CA PRO B 325 9.81 -1.97 15.09
C PRO B 325 10.01 -0.45 14.95
N ARG B 326 10.13 0.20 16.10
CA ARG B 326 10.40 1.66 16.22
C ARG B 326 11.89 1.93 15.92
N THR B 327 12.18 3.18 15.56
CA THR B 327 13.52 3.71 15.16
C THR B 327 14.58 3.39 16.21
N ASN B 328 14.24 3.51 17.51
CA ASN B 328 15.18 3.27 18.64
C ASN B 328 15.64 1.81 18.63
N VAL B 329 14.78 0.89 18.13
CA VAL B 329 15.04 -0.58 18.15
C VAL B 329 15.90 -0.93 16.94
N LEU B 330 15.64 -0.31 15.79
CA LEU B 330 16.44 -0.53 14.56
C LEU B 330 17.83 0.07 14.78
N TYR B 331 17.89 1.30 15.31
CA TYR B 331 19.14 1.98 15.74
C TYR B 331 19.99 1.05 16.62
N GLU B 332 19.38 0.45 17.65
CA GLU B 332 20.08 -0.45 18.60
C GLU B 332 20.60 -1.70 17.86
N LEU B 333 19.80 -2.24 16.94
CA LEU B 333 20.14 -3.49 16.22
C LEU B 333 21.24 -3.24 15.17
N ALA B 334 21.48 -1.99 14.76
CA ALA B 334 22.51 -1.62 13.75
C ALA B 334 23.83 -2.36 14.01
N GLN B 335 24.36 -2.24 15.24
CA GLN B 335 25.61 -2.91 15.75
C GLN B 335 25.74 -4.37 15.28
N TYR B 336 24.65 -5.13 15.12
CA TYR B 336 24.69 -6.60 14.82
C TYR B 336 24.51 -6.88 13.32
N ALA B 337 24.83 -5.92 12.45
CA ALA B 337 24.87 -6.13 10.98
C ALA B 337 26.31 -6.16 10.49
N SER B 338 26.79 -7.34 10.04
CA SER B 338 28.17 -7.57 9.51
C SER B 338 28.45 -6.65 8.32
N GLU B 339 27.42 -6.28 7.56
CA GLU B 339 27.52 -5.57 6.25
C GLU B 339 27.17 -4.09 6.45
N PRO B 340 28.10 -3.14 6.22
CA PRO B 340 27.90 -1.74 6.62
C PRO B 340 26.88 -0.86 5.86
N SER B 341 26.46 -1.23 4.64
CA SER B 341 25.30 -0.57 3.99
C SER B 341 24.03 -0.91 4.80
N GLU B 342 23.93 -2.17 5.25
CA GLU B 342 22.78 -2.69 6.05
C GLU B 342 22.75 -2.00 7.42
N GLN B 343 23.86 -2.01 8.17
CA GLN B 343 24.03 -1.26 9.45
C GLN B 343 23.71 0.24 9.26
N GLU B 344 24.24 0.88 8.21
CA GLU B 344 24.01 2.32 7.94
C GLU B 344 22.49 2.56 7.78
N HIS B 345 21.81 1.79 6.92
CA HIS B 345 20.34 1.95 6.68
C HIS B 345 19.60 1.92 8.02
N LEU B 346 19.84 0.87 8.81
CA LEU B 346 19.25 0.64 10.16
C LEU B 346 19.53 1.85 11.07
N HIS B 347 20.81 2.24 11.19
CA HIS B 347 21.31 3.40 11.99
C HIS B 347 20.52 4.66 11.62
N LYS B 348 20.37 4.94 10.33
CA LYS B 348 19.73 6.18 9.80
C LYS B 348 18.20 6.15 10.00
N MET B 349 17.59 5.00 10.28
CA MET B 349 16.12 4.90 10.46
C MET B 349 15.67 5.95 11.48
N ALA B 350 16.50 6.21 12.50
CA ALA B 350 16.19 7.09 13.65
C ALA B 350 16.44 8.57 13.31
N SER B 351 16.88 8.88 12.09
CA SER B 351 17.08 10.27 11.58
C SER B 351 15.81 11.13 11.72
N SER B 352 16.03 12.44 11.88
CA SER B 352 15.00 13.50 12.02
C SER B 352 14.52 14.00 10.65
N SER B 353 15.32 13.81 9.60
CA SER B 353 14.94 14.28 8.23
C SER B 353 15.75 13.58 7.14
N GLY B 354 15.36 13.79 5.88
CA GLY B 354 16.04 13.26 4.70
C GLY B 354 15.77 11.78 4.50
N GLU B 355 16.56 11.15 3.62
CA GLU B 355 16.39 9.78 3.08
C GLU B 355 16.17 8.76 4.21
N GLY B 356 16.97 8.85 5.29
CA GLY B 356 16.91 7.94 6.46
C GLY B 356 15.51 7.83 7.04
N LYS B 357 14.78 8.96 7.07
CA LYS B 357 13.37 9.05 7.56
C LYS B 357 12.44 8.46 6.49
N GLU B 358 12.48 8.99 5.26
CA GLU B 358 11.70 8.53 4.08
C GLU B 358 11.78 6.99 4.00
N LEU B 359 12.95 6.42 4.25
CA LEU B 359 13.16 4.96 4.19
C LEU B 359 12.34 4.30 5.32
N TYR B 360 12.44 4.82 6.54
CA TYR B 360 11.80 4.22 7.73
C TYR B 360 10.28 4.20 7.52
N LEU B 361 9.77 5.31 6.99
CA LEU B 361 8.32 5.62 6.91
C LEU B 361 7.69 4.79 5.79
N SER B 362 8.46 4.41 4.77
CA SER B 362 7.92 3.71 3.57
C SER B 362 8.28 2.21 3.64
N TRP B 363 9.55 1.89 3.95
CA TRP B 363 10.12 0.51 3.95
C TRP B 363 9.77 -0.23 5.25
N VAL B 364 9.58 0.47 6.37
CA VAL B 364 9.25 -0.16 7.67
C VAL B 364 7.76 0.06 7.96
N VAL B 365 7.34 1.31 8.17
CA VAL B 365 5.99 1.68 8.73
C VAL B 365 4.90 1.39 7.69
N GLU B 366 5.02 1.96 6.49
CA GLU B 366 4.04 1.82 5.38
C GLU B 366 4.00 0.38 4.88
N ALA B 367 5.15 -0.25 4.69
CA ALA B 367 5.26 -1.62 4.13
C ALA B 367 4.91 -2.69 5.17
N ARG B 368 4.68 -2.30 6.42
CA ARG B 368 4.33 -3.18 7.57
C ARG B 368 5.33 -4.35 7.63
N ARG B 369 6.61 -4.01 7.68
CA ARG B 369 7.74 -4.96 7.87
C ARG B 369 7.85 -5.27 9.37
N HIS B 370 7.45 -6.47 9.75
CA HIS B 370 7.68 -7.04 11.10
C HIS B 370 9.13 -7.52 11.18
N ILE B 371 9.56 -7.96 12.37
CA ILE B 371 11.01 -8.08 12.67
C ILE B 371 11.57 -9.22 11.83
N LEU B 372 10.82 -10.30 11.63
CA LEU B 372 11.34 -11.41 10.79
C LEU B 372 11.69 -10.85 9.40
N ALA B 373 10.83 -9.99 8.85
CA ALA B 373 11.00 -9.38 7.51
C ALA B 373 12.29 -8.58 7.45
N ILE B 374 12.54 -7.76 8.46
CA ILE B 374 13.76 -6.92 8.52
C ILE B 374 14.99 -7.84 8.63
N LEU B 375 14.91 -8.89 9.45
CA LEU B 375 16.01 -9.89 9.57
C LEU B 375 16.20 -10.61 8.23
N GLN B 376 15.10 -10.85 7.51
CA GLN B 376 15.10 -11.49 6.18
C GLN B 376 15.71 -10.56 5.12
N ASP B 377 15.29 -9.28 5.09
CA ASP B 377 15.64 -8.35 3.98
C ASP B 377 17.02 -7.73 4.23
N TYR B 378 17.52 -7.78 5.46
CA TYR B 378 18.93 -7.44 5.83
C TYR B 378 19.62 -8.69 6.37
N PRO B 379 20.10 -9.62 5.52
CA PRO B 379 20.65 -10.90 5.98
C PRO B 379 21.79 -10.80 7.00
N SER B 380 22.66 -9.78 6.89
CA SER B 380 23.82 -9.55 7.80
C SER B 380 23.33 -9.22 9.22
N LEU B 381 22.09 -8.77 9.40
CA LEU B 381 21.51 -8.45 10.73
C LEU B 381 21.28 -9.75 11.52
N ARG B 382 22.20 -10.07 12.42
CA ARG B 382 22.13 -11.32 13.23
C ARG B 382 22.38 -10.99 14.70
N PRO B 383 21.38 -10.44 15.41
CA PRO B 383 21.55 -10.07 16.81
C PRO B 383 21.34 -11.30 17.67
N PRO B 384 21.83 -11.32 18.93
CA PRO B 384 21.55 -12.42 19.84
C PRO B 384 20.08 -12.35 20.29
N ILE B 385 19.42 -13.50 20.42
CA ILE B 385 17.95 -13.56 20.65
C ILE B 385 17.59 -12.85 21.94
N ASP B 386 18.52 -12.73 22.90
CA ASP B 386 18.21 -12.21 24.26
C ASP B 386 18.06 -10.69 24.21
N HIS B 387 18.91 -10.01 23.43
CA HIS B 387 18.87 -8.53 23.26
C HIS B 387 17.64 -8.15 22.44
N LEU B 388 17.37 -8.86 21.35
CA LEU B 388 16.10 -8.70 20.58
C LEU B 388 14.89 -8.81 21.53
N CYS B 389 14.90 -9.76 22.46
CA CYS B 389 13.79 -9.94 23.44
C CYS B 389 13.72 -8.76 24.44
N GLU B 390 14.79 -7.99 24.59
CA GLU B 390 14.77 -6.78 25.45
C GLU B 390 14.21 -5.60 24.65
N LEU B 391 14.21 -5.67 23.33
CA LEU B 391 13.97 -4.52 22.43
C LEU B 391 12.51 -4.53 21.94
N LEU B 392 11.98 -5.72 21.65
CA LEU B 392 10.56 -5.92 21.27
C LEU B 392 9.67 -5.45 22.42
N PRO B 393 8.62 -4.63 22.12
CA PRO B 393 7.64 -4.25 23.14
C PRO B 393 6.65 -5.37 23.48
N ARG B 394 5.90 -5.13 24.56
CA ARG B 394 4.96 -6.10 25.18
C ARG B 394 3.82 -6.39 24.22
N LEU B 395 3.33 -7.63 24.24
CA LEU B 395 2.17 -8.05 23.42
C LEU B 395 0.91 -7.54 24.13
N GLN B 396 0.14 -6.70 23.45
CA GLN B 396 -1.06 -6.03 24.01
C GLN B 396 -2.25 -7.00 23.95
N ALA B 397 -3.14 -6.88 24.92
CA ALA B 397 -4.51 -7.44 24.81
C ALA B 397 -5.24 -6.69 23.70
N ARG B 398 -6.15 -7.40 23.01
CA ARG B 398 -7.05 -6.83 21.96
C ARG B 398 -8.49 -6.79 22.48
N TYR B 399 -9.15 -5.64 22.30
CA TYR B 399 -10.50 -5.37 22.82
C TYR B 399 -11.55 -5.71 21.75
N TYR B 400 -12.72 -6.18 22.18
CA TYR B 400 -13.89 -6.52 21.36
C TYR B 400 -15.19 -6.08 22.06
N SER B 401 -16.12 -5.49 21.31
CA SER B 401 -17.47 -5.12 21.81
C SER B 401 -18.21 -6.41 22.13
N ILE B 402 -18.60 -6.58 23.38
CA ILE B 402 -19.35 -7.78 23.83
C ILE B 402 -20.68 -7.72 23.08
N ALA B 403 -20.97 -8.71 22.23
CA ALA B 403 -22.14 -8.69 21.31
C ALA B 403 -23.28 -9.53 21.91
N SER B 404 -23.48 -9.39 23.22
CA SER B 404 -24.49 -10.15 24.00
C SER B 404 -24.97 -9.32 25.20
N SER B 405 -26.18 -9.59 25.70
CA SER B 405 -26.75 -8.99 26.93
C SER B 405 -26.59 -9.97 28.09
N SER B 406 -26.12 -9.49 29.24
CA SER B 406 -26.01 -10.27 30.51
C SER B 406 -27.40 -10.74 30.96
N LYS B 407 -28.47 -10.01 30.62
CA LYS B 407 -29.86 -10.38 31.02
C LYS B 407 -30.27 -11.68 30.31
N VAL B 408 -29.74 -11.95 29.12
CA VAL B 408 -30.08 -13.16 28.30
C VAL B 408 -28.95 -14.20 28.36
N HIS B 409 -27.70 -13.77 28.58
CA HIS B 409 -26.49 -14.66 28.56
C HIS B 409 -25.57 -14.33 29.73
N PRO B 410 -26.04 -14.39 30.99
CA PRO B 410 -25.21 -14.06 32.16
C PRO B 410 -23.86 -14.77 32.16
N ASN B 411 -23.80 -15.97 31.58
CA ASN B 411 -22.63 -16.89 31.69
C ASN B 411 -21.85 -17.01 30.37
N SER B 412 -22.07 -16.10 29.42
CA SER B 412 -21.41 -16.16 28.09
C SER B 412 -21.11 -14.74 27.58
N VAL B 413 -19.93 -14.57 26.99
CA VAL B 413 -19.47 -13.31 26.34
C VAL B 413 -19.28 -13.62 24.86
N HIS B 414 -20.09 -13.00 23.99
CA HIS B 414 -20.03 -13.17 22.51
C HIS B 414 -19.13 -12.10 21.91
N ILE B 415 -18.40 -12.49 20.86
CA ILE B 415 -17.50 -11.61 20.07
C ILE B 415 -17.91 -11.75 18.61
N CYS B 416 -18.07 -10.61 17.94
CA CYS B 416 -18.23 -10.49 16.48
C CYS B 416 -17.01 -9.77 15.91
N ALA B 417 -16.18 -10.46 15.12
CA ALA B 417 -14.89 -9.92 14.63
C ALA B 417 -14.60 -10.31 13.17
N VAL B 418 -13.98 -9.38 12.43
CA VAL B 418 -13.39 -9.63 11.08
C VAL B 418 -11.94 -10.04 11.28
N ALA B 419 -11.53 -11.14 10.65
CA ALA B 419 -10.15 -11.68 10.75
C ALA B 419 -9.25 -10.80 9.89
N VAL B 420 -8.13 -10.33 10.45
CA VAL B 420 -7.19 -9.41 9.74
C VAL B 420 -6.19 -10.26 8.97
N GLU B 421 -6.07 -10.00 7.67
CA GLU B 421 -5.24 -10.78 6.74
C GLU B 421 -5.16 -9.96 5.46
N TYR B 422 -3.96 -9.58 5.06
CA TYR B 422 -3.78 -8.56 3.99
C TYR B 422 -2.39 -8.69 3.39
N GLU B 423 -2.29 -8.40 2.09
CA GLU B 423 -1.00 -8.35 1.35
C GLU B 423 -0.43 -6.97 1.66
N ALA B 424 0.78 -6.93 2.20
CA ALA B 424 1.54 -5.71 2.55
C ALA B 424 2.56 -5.41 1.46
N LYS B 425 2.90 -4.13 1.28
CA LYS B 425 3.85 -3.63 0.25
C LYS B 425 5.26 -4.19 0.51
N SER B 426 5.52 -4.79 1.68
CA SER B 426 6.73 -5.60 2.00
C SER B 426 6.79 -6.88 1.13
N GLY B 427 5.65 -7.36 0.61
CA GLY B 427 5.57 -8.57 -0.22
C GLY B 427 4.89 -9.72 0.51
N ARG B 428 4.87 -9.63 1.85
CA ARG B 428 4.32 -10.66 2.77
C ARG B 428 2.79 -10.54 2.87
N VAL B 429 2.14 -11.67 3.16
CA VAL B 429 0.76 -11.72 3.72
C VAL B 429 0.87 -11.57 5.24
N ASN B 430 0.31 -10.49 5.80
CA ASN B 430 0.36 -10.24 7.27
C ASN B 430 -0.97 -10.75 7.85
N LYS B 431 -0.90 -11.45 8.99
CA LYS B 431 -2.08 -11.93 9.75
C LYS B 431 -2.27 -11.01 10.95
N GLY B 432 -3.51 -10.79 11.38
CA GLY B 432 -3.83 -10.25 12.72
C GLY B 432 -3.50 -11.30 13.77
N VAL B 433 -2.89 -10.88 14.87
CA VAL B 433 -2.43 -11.80 15.96
C VAL B 433 -3.67 -12.40 16.63
N ALA B 434 -4.54 -11.54 17.15
CA ALA B 434 -5.70 -11.91 17.98
C ALA B 434 -6.75 -12.66 17.14
N THR B 435 -7.07 -12.17 15.94
CA THR B 435 -8.14 -12.74 15.08
C THR B 435 -7.69 -14.08 14.44
N SER B 436 -6.42 -14.23 14.07
CA SER B 436 -5.89 -15.52 13.51
C SER B 436 -5.99 -16.59 14.58
N TRP B 437 -5.79 -16.18 15.83
CA TRP B 437 -5.77 -17.07 17.04
C TRP B 437 -7.20 -17.37 17.48
N LEU B 438 -8.12 -16.42 17.44
CA LEU B 438 -9.55 -16.70 17.72
C LEU B 438 -10.10 -17.62 16.61
N ARG B 439 -9.77 -17.33 15.35
CA ARG B 439 -10.32 -18.09 14.21
C ARG B 439 -9.95 -19.57 14.32
N ALA B 440 -8.77 -19.90 14.85
CA ALA B 440 -8.25 -21.29 14.92
C ALA B 440 -8.69 -21.98 16.23
N LYS B 441 -9.54 -21.34 17.06
CA LYS B 441 -10.12 -21.95 18.28
C LYS B 441 -11.27 -22.90 17.90
N GLU B 442 -11.07 -24.22 17.97
CA GLU B 442 -12.15 -25.21 17.74
C GLU B 442 -12.93 -25.42 19.04
N PRO B 443 -14.26 -25.19 19.03
CA PRO B 443 -15.13 -25.61 20.15
C PRO B 443 -15.08 -27.08 20.58
N ALA B 444 -14.74 -28.01 19.69
CA ALA B 444 -14.81 -29.48 19.90
C ALA B 444 -14.29 -29.85 21.30
N ARG B 450 -10.61 -28.61 26.14
CA ARG B 450 -11.35 -27.60 25.35
C ARG B 450 -10.50 -26.34 25.18
N ALA B 451 -10.78 -25.53 24.16
CA ALA B 451 -9.99 -24.36 23.72
C ALA B 451 -10.28 -23.16 24.62
N LEU B 452 -9.25 -22.59 25.23
CA LEU B 452 -9.38 -21.53 26.28
C LEU B 452 -8.81 -20.21 25.79
N VAL B 453 -9.49 -19.11 26.12
CA VAL B 453 -9.12 -17.72 25.72
C VAL B 453 -8.89 -16.90 27.00
N PRO B 454 -7.65 -16.51 27.32
CA PRO B 454 -7.44 -15.65 28.49
C PRO B 454 -8.16 -14.32 28.23
N MET B 455 -9.14 -13.96 29.04
CA MET B 455 -9.99 -12.76 28.78
C MET B 455 -10.32 -12.06 30.09
N PHE B 456 -10.78 -10.82 29.98
CA PHE B 456 -11.37 -10.02 31.08
C PHE B 456 -12.34 -8.98 30.50
N VAL B 457 -13.10 -8.31 31.37
CA VAL B 457 -14.13 -7.31 30.96
C VAL B 457 -13.66 -5.92 31.36
N ARG B 458 -13.60 -5.00 30.40
CA ARG B 458 -13.37 -3.56 30.62
C ARG B 458 -14.75 -2.86 30.59
N LYS B 459 -15.24 -2.45 31.75
CA LYS B 459 -16.49 -1.65 31.89
C LYS B 459 -16.37 -0.38 31.03
N SER B 460 -17.42 -0.01 30.28
CA SER B 460 -17.50 1.25 29.49
C SER B 460 -18.72 2.06 29.95
N GLN B 461 -19.02 3.17 29.28
CA GLN B 461 -20.18 4.06 29.61
C GLN B 461 -21.25 3.98 28.52
N PHE B 462 -21.08 3.07 27.56
CA PHE B 462 -22.01 2.82 26.42
C PHE B 462 -23.12 1.90 26.97
N ARG B 463 -24.25 2.44 27.44
CA ARG B 463 -25.37 1.62 27.98
C ARG B 463 -26.69 1.92 27.24
N LEU B 464 -27.62 0.95 27.25
CA LEU B 464 -29.04 1.16 26.89
C LEU B 464 -29.67 2.14 27.88
N PRO B 465 -30.75 2.85 27.46
CA PRO B 465 -31.50 3.71 28.36
C PRO B 465 -32.02 2.95 29.59
N PHE B 466 -31.69 3.47 30.78
CA PHE B 466 -32.17 2.97 32.09
C PHE B 466 -33.71 3.00 32.09
N LYS B 467 -34.29 4.07 31.53
CA LYS B 467 -35.75 4.24 31.30
C LYS B 467 -36.14 3.51 30.01
N SER B 468 -36.84 2.37 30.10
CA SER B 468 -37.05 1.42 28.98
C SER B 468 -37.90 2.04 27.86
N THR B 469 -38.86 2.92 28.20
CA THR B 469 -39.78 3.59 27.24
C THR B 469 -39.01 4.49 26.25
N THR B 470 -37.78 4.88 26.61
CA THR B 470 -36.93 5.78 25.79
C THR B 470 -36.59 5.06 24.48
N PRO B 471 -36.76 5.71 23.30
CA PRO B 471 -36.46 5.07 22.02
C PRO B 471 -34.96 5.15 21.68
N VAL B 472 -34.49 4.08 21.03
CA VAL B 472 -33.05 3.83 20.72
C VAL B 472 -32.88 3.80 19.21
N ILE B 473 -31.87 4.51 18.70
CA ILE B 473 -31.43 4.53 17.27
C ILE B 473 -29.98 4.06 17.18
N MET B 474 -29.77 2.86 16.64
CA MET B 474 -28.43 2.21 16.60
C MET B 474 -27.93 2.21 15.14
N VAL B 475 -26.78 2.85 14.91
CA VAL B 475 -26.08 2.87 13.59
C VAL B 475 -24.80 2.08 13.75
N GLY B 476 -24.71 0.95 13.07
CA GLY B 476 -23.62 -0.02 13.28
C GLY B 476 -23.45 -0.88 12.05
N PRO B 477 -22.83 -0.33 10.97
CA PRO B 477 -22.50 -1.13 9.80
C PRO B 477 -21.29 -2.03 10.03
N GLY B 478 -21.16 -3.08 9.23
CA GLY B 478 -20.08 -4.09 9.35
C GLY B 478 -20.07 -4.70 10.74
N THR B 479 -18.87 -4.87 11.29
CA THR B 479 -18.63 -5.40 12.65
C THR B 479 -18.97 -4.33 13.70
N GLY B 480 -19.45 -3.16 13.27
CA GLY B 480 -20.04 -2.14 14.15
C GLY B 480 -21.36 -2.61 14.73
N ILE B 481 -21.97 -3.64 14.14
CA ILE B 481 -23.22 -4.23 14.68
C ILE B 481 -22.92 -4.96 15.99
N ALA B 482 -21.64 -5.27 16.27
CA ALA B 482 -21.29 -6.13 17.42
C ALA B 482 -22.07 -5.75 18.67
N PRO B 483 -21.95 -4.52 19.20
CA PRO B 483 -22.54 -4.21 20.52
C PRO B 483 -24.06 -4.21 20.49
N PHE B 484 -24.64 -3.87 19.33
CA PHE B 484 -26.10 -3.70 19.15
C PHE B 484 -26.81 -5.06 19.08
N MET B 485 -26.07 -6.17 18.94
CA MET B 485 -26.69 -7.52 18.99
C MET B 485 -27.05 -7.82 20.45
N GLY B 486 -26.17 -7.41 21.37
CA GLY B 486 -26.46 -7.35 22.82
C GLY B 486 -27.61 -6.41 23.14
N PHE B 487 -27.63 -5.19 22.60
CA PHE B 487 -28.68 -4.16 22.82
C PHE B 487 -30.06 -4.73 22.45
N ILE B 488 -30.20 -5.19 21.22
CA ILE B 488 -31.46 -5.80 20.67
C ILE B 488 -31.83 -7.01 21.55
N GLN B 489 -30.89 -7.91 21.85
CA GLN B 489 -31.16 -9.07 22.74
C GLN B 489 -31.95 -8.61 23.98
N GLU B 490 -31.55 -7.48 24.58
CA GLU B 490 -32.02 -6.99 25.90
C GLU B 490 -33.37 -6.27 25.76
N ARG B 491 -33.63 -5.66 24.61
CA ARG B 491 -34.92 -4.99 24.35
C ARG B 491 -36.02 -6.03 24.15
N ALA B 492 -35.71 -7.12 23.43
CA ALA B 492 -36.61 -8.28 23.25
C ALA B 492 -36.87 -8.92 24.61
N TRP B 493 -35.86 -8.93 25.49
CA TRP B 493 -35.94 -9.54 26.86
C TRP B 493 -36.85 -8.68 27.74
N LEU B 494 -36.62 -7.37 27.76
CA LEU B 494 -37.46 -6.41 28.51
C LEU B 494 -38.93 -6.57 28.09
N ARG B 495 -39.21 -6.80 26.81
CA ARG B 495 -40.59 -7.00 26.31
C ARG B 495 -41.12 -8.31 26.89
N GLU B 496 -40.31 -9.37 26.90
CA GLU B 496 -40.66 -10.72 27.45
C GLU B 496 -41.11 -10.58 28.92
N GLN B 497 -40.55 -9.60 29.63
CA GLN B 497 -40.80 -9.38 31.08
C GLN B 497 -41.93 -8.35 31.27
N GLY B 498 -42.73 -8.08 30.24
CA GLY B 498 -43.91 -7.21 30.32
C GLY B 498 -43.59 -5.75 30.55
N LYS B 499 -42.33 -5.34 30.35
CA LYS B 499 -41.90 -3.91 30.38
C LYS B 499 -42.52 -3.15 29.21
N GLU B 500 -42.62 -1.82 29.34
CA GLU B 500 -43.03 -0.90 28.24
C GLU B 500 -41.76 -0.42 27.53
N VAL B 501 -41.52 -0.91 26.31
CA VAL B 501 -40.27 -0.66 25.52
C VAL B 501 -40.60 0.24 24.34
N GLY B 502 -39.89 1.38 24.22
CA GLY B 502 -40.01 2.31 23.10
C GLY B 502 -39.48 1.71 21.80
N GLU B 503 -39.51 2.50 20.72
CA GLU B 503 -39.03 2.05 19.39
C GLU B 503 -37.55 1.69 19.51
N THR B 504 -37.15 0.60 18.85
CA THR B 504 -35.74 0.15 18.70
C THR B 504 -35.38 0.04 17.19
N LEU B 505 -34.62 1.01 16.67
CA LEU B 505 -34.19 1.06 15.23
C LEU B 505 -32.74 0.60 15.09
N LEU B 506 -32.46 -0.27 14.14
CA LEU B 506 -31.08 -0.55 13.71
C LEU B 506 -30.87 0.03 12.30
N TYR B 507 -29.82 0.83 12.13
CA TYR B 507 -29.22 1.20 10.83
C TYR B 507 -27.97 0.33 10.71
N TYR B 508 -28.03 -0.65 9.82
CA TYR B 508 -26.94 -1.60 9.55
C TYR B 508 -26.54 -1.43 8.09
N GLY B 509 -25.29 -1.76 7.79
CA GLY B 509 -24.77 -1.78 6.41
C GLY B 509 -23.84 -2.95 6.20
N CYS B 510 -23.89 -3.53 5.01
CA CYS B 510 -22.88 -4.47 4.50
C CYS B 510 -22.78 -4.32 2.98
N ARG B 511 -21.87 -5.08 2.37
CA ARG B 511 -21.59 -5.00 0.92
C ARG B 511 -22.73 -5.61 0.10
N ARG B 512 -23.14 -6.82 0.44
CA ARG B 512 -24.17 -7.57 -0.32
C ARG B 512 -24.84 -8.57 0.64
N SER B 513 -26.14 -8.77 0.49
CA SER B 513 -26.93 -9.74 1.29
C SER B 513 -26.36 -11.16 1.16
N ASP B 514 -25.68 -11.49 0.07
CA ASP B 514 -25.20 -12.87 -0.21
C ASP B 514 -23.70 -12.96 0.03
N GLU B 515 -23.12 -12.01 0.76
CA GLU B 515 -21.65 -11.92 0.97
C GLU B 515 -21.36 -11.73 2.46
N ASP B 516 -21.80 -10.63 3.08
CA ASP B 516 -21.43 -10.29 4.49
C ASP B 516 -22.60 -9.64 5.26
N TYR B 517 -23.83 -10.11 5.02
CA TYR B 517 -25.00 -9.78 5.87
C TYR B 517 -24.83 -10.50 7.21
N LEU B 518 -24.15 -9.87 8.18
CA LEU B 518 -23.91 -10.45 9.53
C LEU B 518 -25.25 -10.57 10.26
N TYR B 519 -25.52 -11.73 10.86
CA TYR B 519 -26.73 -12.01 11.69
C TYR B 519 -28.03 -11.78 10.89
N ARG B 520 -28.04 -12.13 9.59
CA ARG B 520 -29.23 -11.94 8.69
C ARG B 520 -30.47 -12.55 9.36
N GLU B 521 -30.34 -13.78 9.86
CA GLU B 521 -31.47 -14.60 10.38
C GLU B 521 -31.87 -14.07 11.77
N GLU B 522 -30.91 -13.89 12.69
CA GLU B 522 -31.22 -13.39 14.05
C GLU B 522 -32.06 -12.12 13.90
N LEU B 523 -31.56 -11.18 13.08
CA LEU B 523 -32.13 -9.83 12.86
C LEU B 523 -33.52 -9.90 12.23
N ALA B 524 -33.73 -10.76 11.23
CA ALA B 524 -35.06 -11.07 10.66
C ALA B 524 -36.01 -11.66 11.73
N ARG B 525 -35.54 -12.56 12.61
CA ARG B 525 -36.38 -13.06 13.74
C ARG B 525 -36.81 -11.87 14.62
N PHE B 526 -35.85 -11.08 15.11
CA PHE B 526 -36.09 -9.95 16.05
C PHE B 526 -37.12 -9.00 15.42
N HIS B 527 -36.96 -8.66 14.13
CA HIS B 527 -37.87 -7.74 13.40
C HIS B 527 -39.29 -8.34 13.44
N LYS B 528 -39.45 -9.59 12.99
CA LYS B 528 -40.76 -10.29 13.00
C LYS B 528 -41.46 -10.05 14.34
N ASP B 529 -40.75 -10.27 15.45
CA ASP B 529 -41.34 -10.29 16.82
C ASP B 529 -41.36 -8.89 17.42
N GLY B 530 -41.02 -7.87 16.63
CA GLY B 530 -41.11 -6.45 17.03
C GLY B 530 -40.14 -6.08 18.14
N ALA B 531 -39.18 -6.95 18.47
CA ALA B 531 -37.96 -6.58 19.21
C ALA B 531 -37.22 -5.47 18.45
N LEU B 532 -37.19 -5.58 17.11
CA LEU B 532 -36.67 -4.54 16.19
C LEU B 532 -37.86 -3.77 15.59
N THR B 533 -37.96 -2.47 15.86
CA THR B 533 -39.07 -1.58 15.41
C THR B 533 -38.88 -1.31 13.92
N GLN B 534 -37.61 -1.18 13.50
CA GLN B 534 -37.18 -1.06 12.09
C GLN B 534 -35.82 -1.74 11.92
N LEU B 535 -35.69 -2.59 10.89
CA LEU B 535 -34.40 -3.11 10.38
C LEU B 535 -34.08 -2.45 9.03
N ASN B 536 -33.24 -1.41 9.05
CA ASN B 536 -32.86 -0.61 7.85
C ASN B 536 -31.46 -1.05 7.37
N VAL B 537 -31.34 -1.70 6.22
CA VAL B 537 -30.01 -2.25 5.77
C VAL B 537 -29.54 -1.56 4.50
N ALA B 538 -28.35 -0.96 4.54
CA ALA B 538 -27.66 -0.34 3.39
C ALA B 538 -26.70 -1.35 2.75
N PHE B 539 -27.07 -1.88 1.58
CA PHE B 539 -26.23 -2.81 0.78
C PHE B 539 -25.35 -1.97 -0.15
N SER B 540 -24.11 -1.68 0.27
CA SER B 540 -23.19 -0.70 -0.37
C SER B 540 -22.84 -1.11 -1.81
N ARG B 541 -22.92 -2.40 -2.15
CA ARG B 541 -22.33 -2.88 -3.42
C ARG B 541 -23.32 -3.72 -4.24
N GLU B 542 -24.63 -3.57 -4.03
CA GLU B 542 -25.66 -4.31 -4.82
C GLU B 542 -26.03 -3.52 -6.07
N GLN B 543 -25.71 -2.23 -6.12
CA GLN B 543 -25.95 -1.38 -7.31
C GLN B 543 -24.64 -0.64 -7.62
N ALA B 544 -24.54 0.02 -8.78
CA ALA B 544 -23.30 0.68 -9.23
C ALA B 544 -22.86 1.73 -8.21
N HIS B 545 -23.82 2.36 -7.52
CA HIS B 545 -23.56 3.45 -6.54
C HIS B 545 -23.64 2.91 -5.11
N LYS B 546 -22.81 3.46 -4.24
CA LYS B 546 -22.79 3.18 -2.79
C LYS B 546 -24.13 3.56 -2.19
N VAL B 547 -24.74 2.65 -1.44
CA VAL B 547 -25.80 3.00 -0.44
C VAL B 547 -25.19 2.80 0.96
N TYR B 548 -25.25 3.81 1.80
CA TYR B 548 -24.73 3.77 3.20
C TYR B 548 -25.84 4.07 4.22
N VAL B 549 -25.62 3.69 5.48
CA VAL B 549 -26.56 3.96 6.61
C VAL B 549 -27.03 5.43 6.57
N GLN B 550 -26.11 6.39 6.41
CA GLN B 550 -26.43 7.84 6.43
C GLN B 550 -27.38 8.22 5.28
N HIS B 551 -27.50 7.39 4.25
CA HIS B 551 -28.51 7.59 3.16
C HIS B 551 -29.88 7.19 3.73
N LEU B 552 -29.94 6.09 4.48
CA LEU B 552 -31.18 5.62 5.15
C LEU B 552 -31.51 6.53 6.33
N LEU B 553 -30.51 7.06 7.03
CA LEU B 553 -30.77 8.05 8.10
C LEU B 553 -31.47 9.27 7.50
N LYS B 554 -30.91 9.88 6.45
CA LYS B 554 -31.47 11.10 5.79
C LYS B 554 -32.86 10.83 5.23
N ARG B 555 -33.08 9.65 4.64
CA ARG B 555 -34.41 9.21 4.13
C ARG B 555 -35.45 9.38 5.25
N ASP B 556 -35.17 8.83 6.44
CA ASP B 556 -36.05 8.85 7.64
C ASP B 556 -35.79 10.09 8.54
N ARG B 557 -35.27 11.19 7.97
CA ARG B 557 -34.90 12.41 8.76
C ARG B 557 -36.12 12.84 9.58
N GLU B 558 -37.31 12.65 9.02
CA GLU B 558 -38.61 12.94 9.67
C GLU B 558 -38.74 12.17 10.97
N HIS B 559 -38.96 10.86 10.85
CA HIS B 559 -39.22 9.95 12.00
C HIS B 559 -38.09 10.13 13.02
N LEU B 560 -36.83 10.21 12.57
CA LEU B 560 -35.66 10.29 13.49
C LEU B 560 -35.67 11.58 14.31
N TRP B 561 -36.27 12.68 13.84
CA TRP B 561 -36.41 13.94 14.64
C TRP B 561 -37.54 13.78 15.67
N LYS B 562 -38.67 13.22 15.24
CA LYS B 562 -39.79 12.84 16.13
C LYS B 562 -39.19 12.14 17.36
N LEU B 563 -38.52 11.01 17.13
CA LEU B 563 -37.93 10.16 18.21
C LEU B 563 -36.95 10.98 19.05
N ILE B 564 -36.04 11.72 18.41
CA ILE B 564 -35.00 12.50 19.15
C ILE B 564 -35.71 13.58 19.98
N HIS B 565 -36.32 14.56 19.30
CA HIS B 565 -36.81 15.85 19.86
C HIS B 565 -37.83 15.61 20.99
N GLU B 566 -38.98 15.04 20.66
CA GLU B 566 -40.14 14.96 21.60
C GLU B 566 -40.11 13.63 22.38
N GLY B 567 -39.50 12.58 21.84
CA GLY B 567 -39.38 11.25 22.46
C GLY B 567 -38.09 11.05 23.24
N GLY B 568 -37.14 12.00 23.15
CA GLY B 568 -35.87 12.01 23.92
C GLY B 568 -35.00 10.77 23.65
N ALA B 569 -34.96 10.29 22.39
CA ALA B 569 -34.27 9.04 21.99
C ALA B 569 -32.77 9.16 22.23
N HIS B 570 -32.11 8.01 22.48
CA HIS B 570 -30.63 7.88 22.53
C HIS B 570 -30.16 7.40 21.15
N ILE B 571 -29.06 7.98 20.66
CA ILE B 571 -28.34 7.55 19.42
C ILE B 571 -27.06 6.80 19.82
N TYR B 572 -26.72 5.73 19.11
CA TYR B 572 -25.45 4.97 19.25
C TYR B 572 -24.82 4.78 17.86
N VAL B 573 -23.50 4.99 17.78
CA VAL B 573 -22.73 4.84 16.51
C VAL B 573 -21.50 3.99 16.82
N CYS B 574 -21.33 2.90 16.05
CA CYS B 574 -20.20 1.92 16.22
C CYS B 574 -19.71 1.47 14.84
N GLY B 575 -18.37 1.47 14.65
CA GLY B 575 -17.66 1.04 13.42
C GLY B 575 -16.76 2.13 12.89
N ASP B 576 -16.05 1.85 11.78
CA ASP B 576 -15.20 2.75 10.95
C ASP B 576 -15.23 4.21 11.47
N ALA B 577 -14.22 4.58 12.28
CA ALA B 577 -14.04 5.90 12.94
C ALA B 577 -13.83 7.02 11.90
N ARG B 578 -12.75 6.91 11.11
CA ARG B 578 -12.16 8.02 10.30
C ARG B 578 -13.23 8.69 9.42
N ASN B 579 -14.14 7.92 8.81
CA ASN B 579 -15.06 8.44 7.74
C ASN B 579 -16.54 8.16 8.09
N MET B 580 -16.95 6.91 8.33
CA MET B 580 -18.39 6.55 8.55
C MET B 580 -18.97 7.33 9.74
N ALA B 581 -18.32 7.28 10.91
CA ALA B 581 -18.74 8.00 12.15
C ALA B 581 -18.88 9.51 11.89
N LYS B 582 -17.91 10.12 11.20
CA LYS B 582 -17.96 11.56 10.78
C LYS B 582 -19.19 11.78 9.89
N ASP B 583 -19.38 10.90 8.90
CA ASP B 583 -20.46 11.02 7.88
C ASP B 583 -21.82 10.92 8.58
N VAL B 584 -21.95 10.01 9.55
CA VAL B 584 -23.23 9.82 10.30
C VAL B 584 -23.42 11.07 11.18
N GLN B 585 -22.36 11.51 11.84
CA GLN B 585 -22.37 12.75 12.67
C GLN B 585 -22.91 13.91 11.82
N ASN B 586 -22.27 14.19 10.67
CA ASN B 586 -22.67 15.28 9.74
C ASN B 586 -24.14 15.13 9.32
N THR B 587 -24.64 13.91 9.11
CA THR B 587 -26.07 13.66 8.74
C THR B 587 -27.01 14.00 9.91
N PHE B 588 -26.58 13.79 11.15
CA PHE B 588 -27.37 14.12 12.38
C PHE B 588 -27.32 15.63 12.61
N TYR B 589 -26.14 16.25 12.60
CA TYR B 589 -25.96 17.74 12.61
C TYR B 589 -27.03 18.33 11.69
N ASP B 590 -27.19 17.64 10.57
CA ASP B 590 -27.94 18.05 9.36
C ASP B 590 -29.44 17.77 9.60
N ILE B 591 -29.80 16.66 10.23
CA ILE B 591 -31.23 16.36 10.57
C ILE B 591 -31.74 17.38 11.61
N VAL B 592 -30.83 17.95 12.41
CA VAL B 592 -31.15 18.80 13.59
C VAL B 592 -31.19 20.28 13.16
N ALA B 593 -30.33 20.69 12.23
CA ALA B 593 -30.32 22.06 11.62
C ALA B 593 -31.57 22.25 10.77
N GLU B 594 -32.11 21.18 10.17
CA GLU B 594 -33.32 21.25 9.31
C GLU B 594 -34.57 21.42 10.17
N PHE B 595 -34.81 20.51 11.12
CA PHE B 595 -36.11 20.37 11.82
C PHE B 595 -36.18 21.21 13.10
N GLY B 596 -35.03 21.50 13.72
CA GLY B 596 -34.91 22.38 14.91
C GLY B 596 -35.97 23.48 14.90
N PRO B 597 -35.97 24.36 13.87
CA PRO B 597 -34.83 24.53 12.97
C PRO B 597 -33.73 25.36 13.63
N MET B 598 -32.53 25.34 13.07
CA MET B 598 -31.38 26.15 13.57
C MET B 598 -30.26 26.17 12.52
N GLU B 599 -29.29 27.05 12.71
CA GLU B 599 -28.08 27.15 11.86
C GLU B 599 -27.23 25.90 12.11
N HIS B 600 -26.20 25.71 11.28
CA HIS B 600 -25.23 24.60 11.40
C HIS B 600 -24.70 24.54 12.84
N THR B 601 -23.93 25.57 13.24
CA THR B 601 -23.16 25.61 14.53
C THR B 601 -24.10 25.47 15.73
N GLN B 602 -25.40 25.73 15.54
CA GLN B 602 -26.46 25.51 16.56
C GLN B 602 -26.67 24.01 16.73
N ALA B 603 -26.86 23.31 15.60
CA ALA B 603 -27.06 21.83 15.50
C ALA B 603 -25.79 21.09 15.94
N VAL B 604 -24.62 21.58 15.55
CA VAL B 604 -23.30 21.05 16.03
C VAL B 604 -23.30 20.99 17.55
N ASP B 605 -23.73 22.08 18.20
CA ASP B 605 -23.67 22.25 19.68
C ASP B 605 -24.87 21.54 20.33
N TYR B 606 -26.01 21.47 19.63
CA TYR B 606 -27.18 20.62 20.01
C TYR B 606 -26.73 19.15 20.16
N VAL B 607 -26.00 18.63 19.17
CA VAL B 607 -25.53 17.22 19.11
C VAL B 607 -24.35 17.02 20.08
N LYS B 608 -23.39 17.96 20.12
CA LYS B 608 -22.20 17.92 21.04
C LYS B 608 -22.66 17.76 22.48
N LYS B 609 -23.93 18.05 22.72
CA LYS B 609 -24.51 18.14 24.07
C LYS B 609 -25.30 16.87 24.39
N LEU B 610 -26.02 16.35 23.40
CA LEU B 610 -26.56 14.97 23.43
C LEU B 610 -25.40 14.01 23.74
N MET B 611 -24.17 14.38 23.36
CA MET B 611 -22.92 13.61 23.65
C MET B 611 -22.58 13.73 25.15
N THR B 612 -22.56 14.95 25.69
CA THR B 612 -22.29 15.21 27.14
C THR B 612 -23.43 14.64 27.99
N LYS B 613 -24.67 14.66 27.47
CA LYS B 613 -25.91 14.18 28.13
C LYS B 613 -26.10 12.66 27.94
N GLY B 614 -25.06 11.95 27.49
CA GLY B 614 -25.05 10.48 27.22
C GLY B 614 -26.25 10.01 26.39
N ARG B 615 -26.78 10.88 25.52
CA ARG B 615 -27.94 10.61 24.62
C ARG B 615 -27.48 10.37 23.17
N TYR B 616 -26.17 10.44 22.92
CA TYR B 616 -25.48 10.19 21.62
C TYR B 616 -24.09 9.61 21.93
N SER B 617 -23.98 8.28 21.98
CA SER B 617 -22.75 7.55 22.35
C SER B 617 -22.00 7.07 21.10
N LEU B 618 -20.84 7.68 20.81
CA LEU B 618 -19.89 7.26 19.74
C LEU B 618 -18.85 6.31 20.34
N TRP B 619 -18.85 5.06 19.89
CA TRP B 619 -18.00 3.94 20.35
C TRP B 619 -16.57 4.16 19.85
N SER B 620 -16.39 4.09 18.53
CA SER B 620 -15.10 4.01 17.79
C SER B 620 -14.21 5.22 18.13
N1 FMN C . 13.04 3.81 -19.05
C2 FMN C . 14.33 4.21 -19.13
O2 FMN C . 14.68 5.31 -18.68
N3 FMN C . 15.29 3.45 -19.75
C4 FMN C . 14.99 2.23 -20.31
O4 FMN C . 15.88 1.58 -20.83
C4A FMN C . 13.66 1.75 -20.18
N5 FMN C . 13.37 0.57 -20.67
C5A FMN C . 12.09 0.11 -20.50
C6 FMN C . 11.80 -1.18 -20.97
C7 FMN C . 10.56 -1.73 -20.81
C7M FMN C . 10.31 -3.12 -21.32
C8 FMN C . 9.52 -0.98 -20.17
C8M FMN C . 8.14 -1.56 -19.99
C9 FMN C . 9.80 0.30 -19.74
C9A FMN C . 11.09 0.87 -19.86
N10 FMN C . 11.41 2.15 -19.40
C10 FMN C . 12.72 2.62 -19.52
C1' FMN C . 10.39 2.99 -18.73
C2' FMN C . 9.48 3.70 -19.74
O2' FMN C . 10.22 4.66 -20.51
C3' FMN C . 8.31 4.42 -19.07
O3' FMN C . 7.38 3.49 -18.53
C4' FMN C . 7.56 5.36 -20.03
O4' FMN C . 6.58 6.09 -19.29
C5' FMN C . 6.88 4.61 -21.14
O5' FMN C . 6.21 5.59 -21.98
P FMN C . 5.24 5.11 -23.14
O1P FMN C . 3.93 4.68 -22.53
O2P FMN C . 5.99 4.01 -23.87
O3P FMN C . 5.04 6.35 -23.99
PA FAD D . -2.86 -4.24 -15.77
O1A FAD D . -4.34 -4.19 -15.66
O2A FAD D . -2.16 -3.57 -16.91
O5B FAD D . -2.24 -3.73 -14.40
C5B FAD D . -0.82 -3.55 -14.27
C4B FAD D . -0.61 -2.65 -13.08
O4B FAD D . -1.19 -3.25 -11.90
C3B FAD D . 0.84 -2.40 -12.66
O3B FAD D . 1.45 -1.41 -13.48
C2B FAD D . 0.63 -1.89 -11.24
O2B FAD D . 0.36 -0.51 -11.23
C1B FAD D . -0.62 -2.63 -10.77
N9A FAD D . -0.38 -3.62 -9.71
C8A FAD D . -0.09 -4.98 -9.81
N7A FAD D . 0.02 -5.56 -8.64
C5A FAD D . -0.21 -4.55 -7.72
C6A FAD D . -0.23 -4.52 -6.31
N6A FAD D . -0.05 -5.59 -5.54
N1A FAD D . -0.49 -3.33 -5.71
C2A FAD D . -0.70 -2.26 -6.48
N3A FAD D . -0.71 -2.16 -7.81
C4A FAD D . -0.45 -3.36 -8.37
N1 FAD D . 4.01 -10.69 -17.57
C2 FAD D . 4.03 -11.97 -17.30
O2 FAD D . 3.29 -12.42 -16.43
N3 FAD D . 4.83 -12.85 -18.00
C4 FAD D . 5.67 -12.44 -18.98
O4 FAD D . 6.35 -13.25 -19.59
C4X FAD D . 5.72 -11.05 -19.26
N5 FAD D . 6.55 -10.60 -20.16
C5X FAD D . 6.58 -9.24 -20.38
C6 FAD D . 7.47 -8.73 -21.34
C7 FAD D . 7.53 -7.38 -21.61
C7M FAD D . 8.48 -6.88 -22.67
C8 FAD D . 6.66 -6.48 -20.92
C8M FAD D . 6.70 -5.00 -21.19
C9 FAD D . 5.79 -6.98 -19.99
C9A FAD D . 5.73 -8.35 -19.70
N10 FAD D . 4.86 -8.88 -18.74
C10 FAD D . 4.83 -10.24 -18.48
C1' FAD D . 3.91 -7.99 -18.04
C2' FAD D . 2.67 -7.83 -18.90
O2' FAD D . 2.96 -7.01 -20.05
C3' FAD D . 1.48 -7.25 -18.13
O3' FAD D . 1.77 -5.97 -17.63
C4' FAD D . 1.01 -8.09 -16.94
O4' FAD D . 0.63 -9.41 -17.34
C5' FAD D . -0.17 -7.43 -16.27
O5' FAD D . -1.08 -6.92 -17.30
P FAD D . -2.63 -6.83 -16.95
O1P FAD D . -3.14 -8.15 -16.46
O2P FAD D . -3.33 -6.26 -18.13
O3P FAD D . -2.50 -5.79 -15.76
PA NAP E . 7.89 -13.49 -7.69
O1A NAP E . 7.38 -14.89 -7.70
O2A NAP E . 7.44 -12.62 -6.57
O5B NAP E . 9.48 -13.55 -7.73
C5B NAP E . 10.08 -14.81 -8.12
C4B NAP E . 11.17 -15.18 -7.14
O4B NAP E . 12.13 -14.10 -7.07
C3B NAP E . 10.74 -15.47 -5.69
O3B NAP E . 11.31 -16.67 -5.20
C2B NAP E . 11.24 -14.23 -4.95
O2B NAP E . 11.51 -14.47 -3.57
C1B NAP E . 12.51 -13.97 -5.74
N9A NAP E . 13.10 -12.65 -5.53
C8A NAP E . 12.48 -11.58 -4.94
N7A NAP E . 13.28 -10.54 -4.83
C5A NAP E . 14.49 -10.98 -5.33
C6A NAP E . 15.73 -10.33 -5.47
N6A NAP E . 15.95 -9.07 -5.08
N1A NAP E . 16.76 -11.05 -6.00
C2A NAP E . 16.51 -12.33 -6.37
N3A NAP E . 15.37 -13.02 -6.31
C4A NAP E . 14.40 -12.28 -5.77
O3 NAP E . 7.52 -12.78 -9.06
PN NAP E . 6.61 -13.37 -10.24
O1N NAP E . 5.82 -14.54 -9.73
O2N NAP E . 7.50 -13.65 -11.40
O5D NAP E . 5.61 -12.17 -10.62
C5D NAP E . 5.36 -10.97 -9.84
C4D NAP E . 5.23 -9.79 -10.77
O4D NAP E . 4.27 -8.85 -10.23
C3D NAP E . 6.52 -8.99 -11.04
O3D NAP E . 6.62 -8.49 -12.37
C2D NAP E . 6.41 -7.85 -10.02
O2D NAP E . 7.14 -6.71 -10.44
C1D NAP E . 4.90 -7.60 -9.97
N1N NAP E . 4.45 -7.08 -8.64
C2N NAP E . 4.15 -5.75 -8.49
C3N NAP E . 3.84 -5.20 -7.24
C7N NAP E . 3.49 -3.74 -7.18
O7N NAP E . 3.32 -3.11 -8.23
N7N NAP E . 3.39 -3.17 -5.99
C4N NAP E . 3.85 -6.06 -6.13
C5N NAP E . 4.05 -7.42 -6.30
C6N NAP E . 4.32 -7.91 -7.55
P2B NAP E . 10.58 -13.76 -2.43
O1X NAP E . 11.52 -12.64 -1.98
O2X NAP E . 10.29 -14.75 -1.29
O3X NAP E . 9.30 -13.22 -3.01
N1 FMN F . -5.36 12.78 21.68
C2 FMN F . -5.54 14.10 21.94
O2 FMN F . -4.69 14.94 21.60
N3 FMN F . -6.64 14.56 22.59
C4 FMN F . -7.64 13.73 23.02
O4 FMN F . -8.62 14.19 23.60
C4A FMN F . -7.49 12.33 22.76
N5 FMN F . -8.42 11.50 23.13
C5A FMN F . -8.25 10.17 22.86
C6 FMN F . -9.26 9.28 23.27
C7 FMN F . -9.17 7.93 23.03
C7M FMN F . -10.28 7.01 23.48
C8 FMN F . -8.03 7.42 22.34
C8M FMN F . -7.91 5.94 22.06
C9 FMN F . -7.04 8.29 21.94
C9A FMN F . -7.12 9.66 22.19
N10 FMN F . -6.14 10.57 21.79
C10 FMN F . -6.28 11.93 22.06
C1' FMN F . -4.93 10.09 21.11
C2' FMN F . -4.00 9.38 22.09
O2' FMN F . -3.61 10.26 23.13
C3' FMN F . -2.76 8.83 21.37
O3' FMN F . -3.09 7.64 20.69
C4' FMN F . -1.58 8.56 22.32
O4' FMN F . -0.44 8.21 21.51
C5' FMN F . -1.84 7.45 23.30
O5' FMN F . -0.53 7.00 23.77
P FMN F . -0.40 6.01 25.04
O1P FMN F . 0.26 4.77 24.49
O2P FMN F . -1.81 5.76 25.56
O3P FMN F . 0.48 6.75 26.02
PA FAD G . -3.14 -6.97 14.68
O1A FAD G . -2.19 -8.10 14.62
O2A FAD G . -3.23 -6.21 15.97
O5B FAD G . -2.92 -5.94 13.49
C5B FAD G . -3.88 -4.88 13.22
C4B FAD G . -3.16 -3.75 12.53
O4B FAD G . -2.83 -4.12 11.17
C3B FAD G . -3.92 -2.42 12.40
O3B FAD G . -3.68 -1.55 13.51
C2B FAD G . -3.25 -1.78 11.19
O2B FAD G . -2.09 -1.08 11.62
C1B FAD G . -2.81 -2.98 10.35
N9A FAD G . -3.62 -3.28 9.18
C8A FAD G . -4.81 -3.99 9.10
N7A FAD G . -5.22 -4.13 7.86
C5A FAD G . -4.25 -3.49 7.09
C6A FAD G . -4.10 -3.31 5.71
N6A FAD G . -4.95 -3.81 4.81
N1A FAD G . -3.01 -2.64 5.28
C2A FAD G . -2.15 -2.16 6.19
N3A FAD G . -2.17 -2.30 7.51
C4A FAD G . -3.26 -2.98 7.90
N1 FAD G . -12.70 -5.66 16.16
C2 FAD G . -13.73 -6.45 15.76
O2 FAD G . -13.60 -7.20 14.81
N3 FAD G . -14.93 -6.44 16.41
C4 FAD G . -15.18 -5.60 17.47
O4 FAD G . -16.27 -5.63 18.04
C4X FAD G . -14.12 -4.73 17.89
N5 FAD G . -14.34 -3.92 18.89
C5X FAD G . -13.30 -3.10 19.27
C6 FAD G . -13.50 -2.21 20.34
C7 FAD G . -12.51 -1.37 20.77
C7M FAD G . -12.76 -0.43 21.92
C8 FAD G . -11.24 -1.40 20.13
C8M FAD G . -10.13 -0.50 20.58
C9 FAD G . -11.03 -2.27 19.08
C9A FAD G . -12.04 -3.13 18.63
N10 FAD G . -11.87 -4.02 17.57
C10 FAD G . -12.89 -4.83 17.16
C1' FAD G . -10.53 -4.12 16.94
C2' FAD G . -9.63 -5.06 17.76
O2' FAD G . -9.29 -4.50 19.05
C3' FAD G . -8.33 -5.45 17.02
O3' FAD G . -7.51 -4.32 16.72
C4' FAD G . -8.62 -6.19 15.72
O4' FAD G . -9.44 -7.33 16.00
C5' FAD G . -7.35 -6.63 15.02
O5' FAD G . -6.45 -7.28 15.96
P FAD G . -5.45 -8.41 15.41
O1P FAD G . -6.26 -9.46 14.72
O2P FAD G . -4.56 -8.78 16.55
O3P FAD G . -4.58 -7.59 14.35
PA NAP H . -16.65 -2.84 6.27
O1A NAP H . -17.28 -4.13 5.87
O2A NAP H . -15.35 -2.43 5.65
O5B NAP H . -17.68 -1.64 6.10
C5B NAP H . -19.02 -1.86 6.57
C4B NAP H . -19.97 -1.24 5.58
O4B NAP H . -19.79 0.19 5.68
C3B NAP H . -19.73 -1.60 4.11
O3B NAP H . -20.96 -1.89 3.49
C2B NAP H . -19.06 -0.36 3.53
O2B NAP H . -19.36 -0.15 2.13
C1B NAP H . -19.72 0.72 4.38
N9A NAP H . -19.01 1.99 4.43
C8A NAP H . -17.78 2.30 3.93
N7A NAP H . -17.46 3.55 4.07
C5A NAP H . -18.57 4.13 4.66
C6A NAP H . -18.86 5.45 5.05
N6A NAP H . -18.02 6.46 4.86
N1A NAP H . -20.08 5.69 5.60
C2A NAP H . -20.91 4.66 5.77
N3A NAP H . -20.74 3.39 5.45
C4A NAP H . -19.54 3.18 4.89
O3 NAP H . -16.51 -2.83 7.86
PN NAP H . -15.65 -3.76 8.84
O1N NAP H . -15.27 -5.01 8.11
O2N NAP H . -16.43 -3.92 10.10
O5D NAP H . -14.34 -2.84 9.08
P2B NAP H . -18.10 -0.08 1.06
O1X NAP H . -16.92 -0.81 1.66
O2X NAP H . -18.56 -0.79 -0.22
O3X NAP H . -17.77 1.39 0.79
#